data_3EFV
#
_entry.id   3EFV
#
_cell.length_a   133.826
_cell.length_b   133.826
_cell.length_c   245.276
_cell.angle_alpha   90.00
_cell.angle_beta   90.00
_cell.angle_gamma   120.00
#
_symmetry.space_group_name_H-M   'P 32 2 1'
#
loop_
_entity.id
_entity.type
_entity.pdbx_description
1 polymer 'Putative succinate-semialdehyde dehydrogenase'
2 non-polymer NICOTINAMIDE-ADENINE-DINUCLEOTIDE
3 water water
#
_entity_poly.entity_id   1
_entity_poly.type   'polypeptide(L)'
_entity_poly.pdbx_seq_one_letter_code
;(MSE)T(MSE)(MSE)TATQALSVNPATGQTLAA(MSE)PWANAQEIEHALSLAASGFKKWK(MSE)TSVAQRAQTLRDI
GQALRAHAEE(MSE)AQCITRE(MSE)GKPIKQARAEVTKSAALCDWYAEHGPA(MSE)LNPEPTLVENQQAVIEYRPLG
VILAI(MSE)PWNFPLWQVLRGAVPILLAGNSYLLKHAPNVTGCAQ(MSE)IARILAEAGTPAGVYGWVNANNEGVSQ
(MSE)INDPRIAAVTVTGSVRAGAAIGAQAGAALKKCVLELGGSDPFIVLNDADLELAVKAAVAGRYQNTGQVCAAAKRF
IVEEGIAQAFTDRFVAAAAALK(MSE)GDPLVEENDLGP(MSE)ARFDLRDELHQQVQASVAEGARLLLGGEKIAGEGNY
YAATVLADVTPD(MSE)TAFRQELFGPVAAITVAKDAAHALALANDSEFGLSATIFTADDTLAAE(MSE)AARLECGGVF
INGYSASDARVAFGGVKKSGFGRELSHFGLHEFCNVQTVWKNRV
;
_entity_poly.pdbx_strand_id   A,B,C,D
#
loop_
_chem_comp.id
_chem_comp.type
_chem_comp.name
_chem_comp.formula
NAD non-polymer NICOTINAMIDE-ADENINE-DINUCLEOTIDE 'C21 H27 N7 O14 P2'
#
# COMPACT_ATOMS: atom_id res chain seq x y z
N MSE A 4 -4.11 17.67 -2.19
CA MSE A 4 -4.29 18.78 -1.19
C MSE A 4 -5.51 19.61 -1.59
O MSE A 4 -5.96 19.55 -2.74
CB MSE A 4 -3.03 19.65 -1.12
CG MSE A 4 -1.72 18.87 -1.02
SE MSE A 4 -1.61 17.59 0.51
CE MSE A 4 -2.04 18.78 2.02
N THR A 5 -6.06 20.38 -0.64
CA THR A 5 -7.22 21.21 -0.96
C THR A 5 -6.78 22.42 -1.79
N ALA A 6 -5.61 22.95 -1.45
CA ALA A 6 -5.03 24.11 -2.13
C ALA A 6 -3.55 23.92 -2.44
N THR A 7 -2.97 24.90 -3.14
CA THR A 7 -1.55 24.95 -3.45
C THR A 7 -0.77 25.57 -2.30
N GLN A 8 -1.49 25.95 -1.24
CA GLN A 8 -0.92 26.66 -0.11
C GLN A 8 -1.34 26.00 1.19
N ALA A 9 -0.46 26.04 2.17
CA ALA A 9 -0.86 25.86 3.55
C ALA A 9 -1.54 27.19 3.94
N LEU A 10 -2.79 27.12 4.40
CA LEU A 10 -3.57 28.32 4.64
C LEU A 10 -3.88 28.49 6.11
N SER A 11 -3.57 29.68 6.64
N SER A 11 -3.58 29.67 6.65
CA SER A 11 -3.95 30.06 7.99
CA SER A 11 -3.97 30.02 8.00
C SER A 11 -5.17 30.97 7.94
C SER A 11 -5.15 30.98 7.97
N VAL A 12 -6.18 30.64 8.75
CA VAL A 12 -7.41 31.41 8.83
C VAL A 12 -7.71 31.53 10.32
N ASN A 13 -7.94 32.75 10.81
CA ASN A 13 -8.30 32.92 12.22
C ASN A 13 -9.72 32.39 12.47
N PRO A 14 -9.85 31.31 13.28
CA PRO A 14 -11.18 30.70 13.47
C PRO A 14 -12.17 31.57 14.26
N ALA A 15 -11.69 32.56 15.02
CA ALA A 15 -12.59 33.50 15.71
C ALA A 15 -13.26 34.48 14.75
N THR A 16 -12.58 34.81 13.65
CA THR A 16 -13.06 35.85 12.70
C THR A 16 -13.42 35.34 11.32
N GLY A 17 -12.93 34.15 10.98
CA GLY A 17 -13.12 33.58 9.64
C GLY A 17 -12.23 34.19 8.56
N GLN A 18 -11.27 35.02 8.96
CA GLN A 18 -10.49 35.77 7.99
C GLN A 18 -9.12 35.16 7.75
N THR A 19 -8.69 35.20 6.50
CA THR A 19 -7.38 34.71 6.09
C THR A 19 -6.29 35.44 6.83
N LEU A 20 -5.32 34.70 7.33
CA LEU A 20 -4.14 35.29 7.98
C LEU A 20 -2.92 35.27 7.07
N ALA A 21 -2.72 34.14 6.38
CA ALA A 21 -1.51 33.90 5.60
C ALA A 21 -1.70 32.68 4.71
N ALA A 22 -0.88 32.60 3.67
CA ALA A 22 -0.85 31.43 2.82
C ALA A 22 0.61 31.14 2.50
N MSE A 23 1.02 29.88 2.61
CA MSE A 23 2.39 29.51 2.30
C MSE A 23 2.43 28.36 1.30
O MSE A 23 1.78 27.33 1.51
CB MSE A 23 3.15 29.15 3.58
CG MSE A 23 4.61 28.80 3.36
SE MSE A 23 5.36 28.18 5.06
CE MSE A 23 5.16 29.82 6.10
N PRO A 24 3.19 28.52 0.20
CA PRO A 24 3.27 27.45 -0.81
C PRO A 24 3.90 26.18 -0.23
N TRP A 25 3.47 25.02 -0.70
CA TRP A 25 4.15 23.76 -0.35
C TRP A 25 5.62 23.82 -0.76
N ALA A 26 6.48 23.19 0.04
CA ALA A 26 7.91 23.10 -0.29
C ALA A 26 8.08 22.40 -1.65
N ASN A 27 8.94 22.94 -2.51
CA ASN A 27 9.25 22.29 -3.78
C ASN A 27 10.38 21.28 -3.58
N ALA A 28 10.80 20.64 -4.68
CA ALA A 28 11.88 19.64 -4.63
C ALA A 28 13.21 20.18 -4.06
N GLN A 29 13.59 21.40 -4.44
CA GLN A 29 14.80 22.03 -3.90
C GLN A 29 14.72 22.23 -2.39
N GLU A 30 13.55 22.63 -1.90
CA GLU A 30 13.40 22.94 -0.48
C GLU A 30 13.39 21.66 0.37
N ILE A 31 12.74 20.61 -0.12
CA ILE A 31 12.74 19.30 0.56
C ILE A 31 14.18 18.76 0.64
N GLU A 32 14.90 18.83 -0.50
CA GLU A 32 16.28 18.36 -0.53
C GLU A 32 17.13 19.16 0.44
N HIS A 33 16.91 20.49 0.47
CA HIS A 33 17.63 21.35 1.39
C HIS A 33 17.37 21.01 2.85
N ALA A 34 16.10 20.79 3.20
CA ALA A 34 15.72 20.42 4.58
C ALA A 34 16.41 19.11 5.00
N LEU A 35 16.37 18.12 4.11
CA LEU A 35 17.00 16.80 4.37
C LEU A 35 18.53 16.89 4.48
N SER A 36 19.15 17.63 3.57
CA SER A 36 20.59 17.74 3.56
C SER A 36 21.06 18.48 4.81
N LEU A 37 20.33 19.53 5.18
CA LEU A 37 20.73 20.31 6.34
C LEU A 37 20.54 19.51 7.64
N ALA A 38 19.44 18.76 7.73
CA ALA A 38 19.18 17.87 8.87
C ALA A 38 20.32 16.84 9.05
N ALA A 39 20.69 16.20 7.94
CA ALA A 39 21.78 15.21 7.93
C ALA A 39 23.13 15.81 8.34
N SER A 40 23.48 16.97 7.80
CA SER A 40 24.77 17.58 8.16
C SER A 40 24.73 18.09 9.61
N GLY A 41 23.57 18.57 10.05
CA GLY A 41 23.40 18.96 11.45
C GLY A 41 23.59 17.78 12.41
N PHE A 42 22.92 16.68 12.11
CA PHE A 42 23.06 15.44 12.88
C PHE A 42 24.53 14.98 12.93
N LYS A 43 25.21 15.00 11.79
CA LYS A 43 26.60 14.54 11.77
C LYS A 43 27.47 15.28 12.82
N LYS A 44 27.22 16.57 13.03
CA LYS A 44 27.96 17.31 14.07
C LYS A 44 27.37 17.09 15.47
N TRP A 45 26.04 17.14 15.57
CA TRP A 45 25.33 17.11 16.86
C TRP A 45 25.55 15.78 17.60
N LYS A 46 25.62 14.68 16.84
CA LYS A 46 25.85 13.35 17.44
C LYS A 46 27.19 13.27 18.18
N MSE A 47 28.11 14.15 17.82
N MSE A 47 28.12 14.13 17.81
CA MSE A 47 29.47 14.20 18.38
CA MSE A 47 29.45 14.15 18.43
C MSE A 47 29.60 15.18 19.54
C MSE A 47 29.56 15.10 19.61
O MSE A 47 30.67 15.27 20.16
O MSE A 47 30.57 15.09 20.32
CB MSE A 47 30.47 14.56 17.29
CB MSE A 47 30.51 14.50 17.38
CG MSE A 47 30.39 13.70 16.04
CG MSE A 47 30.75 13.38 16.38
SE MSE A 47 30.83 11.83 16.40
SE MSE A 47 32.17 13.78 15.11
CE MSE A 47 32.77 11.97 16.54
CE MSE A 47 33.67 14.09 16.34
N THR A 48 28.53 15.93 19.85
CA THR A 48 28.54 16.84 21.01
C THR A 48 28.38 16.05 22.31
N SER A 49 28.78 16.64 23.44
CA SER A 49 28.57 15.98 24.72
C SER A 49 27.12 16.14 25.13
N VAL A 50 26.63 15.26 26.02
N VAL A 50 26.64 15.28 26.00
CA VAL A 50 25.29 15.40 26.57
CA VAL A 50 25.30 15.41 26.55
C VAL A 50 25.15 16.70 27.41
C VAL A 50 25.17 16.75 27.32
N ALA A 51 26.24 17.13 28.03
CA ALA A 51 26.27 18.44 28.74
C ALA A 51 25.99 19.64 27.81
N GLN A 52 26.59 19.63 26.62
N GLN A 52 26.60 19.65 26.62
CA GLN A 52 26.40 20.66 25.59
CA GLN A 52 26.33 20.73 25.67
C GLN A 52 24.95 20.70 25.05
C GLN A 52 24.86 20.71 25.21
N ARG A 53 24.35 19.51 24.89
CA ARG A 53 22.96 19.41 24.44
C ARG A 53 22.01 19.85 25.53
N ALA A 54 22.31 19.48 26.79
CA ALA A 54 21.48 19.88 27.92
C ALA A 54 21.48 21.42 28.06
N GLN A 55 22.62 22.05 27.82
CA GLN A 55 22.67 23.53 27.90
C GLN A 55 21.82 24.17 26.79
N THR A 56 21.86 23.61 25.60
CA THR A 56 20.98 24.05 24.50
C THR A 56 19.51 23.98 24.92
N LEU A 57 19.13 22.91 25.63
CA LEU A 57 17.76 22.84 26.15
C LEU A 57 17.43 24.00 27.09
N ARG A 58 18.35 24.34 27.99
CA ARG A 58 18.13 25.50 28.88
C ARG A 58 17.97 26.78 28.07
N ASP A 59 18.82 26.92 27.04
CA ASP A 59 18.80 28.09 26.16
C ASP A 59 17.47 28.21 25.39
N ILE A 60 16.92 27.08 24.98
CA ILE A 60 15.59 27.03 24.36
C ILE A 60 14.50 27.45 25.33
N GLY A 61 14.56 26.96 26.58
CA GLY A 61 13.58 27.38 27.58
C GLY A 61 13.66 28.89 27.78
N GLN A 62 14.89 29.41 27.81
CA GLN A 62 15.14 30.83 28.01
C GLN A 62 14.54 31.68 26.86
N ALA A 63 14.78 31.25 25.63
CA ALA A 63 14.33 31.95 24.44
C ALA A 63 12.80 31.93 24.36
N LEU A 64 12.18 30.79 24.69
N LEU A 64 12.20 30.79 24.70
CA LEU A 64 10.72 30.70 24.76
CA LEU A 64 10.75 30.67 24.75
C LEU A 64 10.15 31.70 25.74
C LEU A 64 10.14 31.61 25.79
N ARG A 65 10.72 31.72 26.94
N ARG A 65 10.77 31.70 26.95
CA ARG A 65 10.24 32.63 27.97
CA ARG A 65 10.30 32.61 28.00
C ARG A 65 10.39 34.10 27.55
C ARG A 65 10.40 34.07 27.56
N ALA A 66 11.46 34.40 26.82
CA ALA A 66 11.68 35.76 26.28
C ALA A 66 10.63 36.15 25.23
N HIS A 67 10.01 35.17 24.57
CA HIS A 67 9.01 35.42 23.55
C HIS A 67 7.65 34.83 23.97
N ALA A 68 7.44 34.66 25.26
CA ALA A 68 6.24 33.95 25.75
C ALA A 68 4.92 34.53 25.25
N GLU A 69 4.72 35.86 25.30
CA GLU A 69 3.41 36.42 24.97
C GLU A 69 3.18 36.38 23.47
N GLU A 70 4.22 36.69 22.70
CA GLU A 70 4.14 36.62 21.26
C GLU A 70 3.79 35.19 20.80
N MSE A 71 4.44 34.20 21.42
CA MSE A 71 4.14 32.78 21.11
C MSE A 71 2.69 32.42 21.45
O MSE A 71 1.99 31.83 20.63
CB MSE A 71 5.14 31.88 21.87
CG MSE A 71 5.04 30.39 21.54
SE MSE A 71 5.77 29.96 19.75
CE MSE A 71 4.09 29.69 18.78
N ALA A 72 2.24 32.75 22.67
CA ALA A 72 0.85 32.47 23.07
C ALA A 72 -0.14 33.18 22.14
N GLN A 73 0.14 34.44 21.79
CA GLN A 73 -0.75 35.16 20.87
C GLN A 73 -0.83 34.45 19.49
N CYS A 74 0.30 33.97 18.99
CA CYS A 74 0.31 33.25 17.70
C CYS A 74 -0.57 31.99 17.74
N ILE A 75 -0.42 31.22 18.82
CA ILE A 75 -1.25 30.00 19.03
C ILE A 75 -2.74 30.34 18.98
N THR A 76 -3.15 31.32 19.78
CA THR A 76 -4.55 31.73 19.85
C THR A 76 -5.02 32.23 18.48
N ARG A 77 -4.23 33.09 17.85
CA ARG A 77 -4.61 33.67 16.57
C ARG A 77 -4.86 32.61 15.47
N GLU A 78 -3.96 31.63 15.36
CA GLU A 78 -4.08 30.64 14.30
C GLU A 78 -5.08 29.51 14.52
N MSE A 79 -5.32 29.12 15.77
CA MSE A 79 -6.19 27.95 16.01
C MSE A 79 -7.23 28.12 17.12
O MSE A 79 -7.99 27.19 17.41
CB MSE A 79 -5.40 26.62 16.10
CG MSE A 79 -4.24 26.60 17.09
SE MSE A 79 -4.81 26.75 18.98
CE MSE A 79 -5.96 25.15 19.11
N GLY A 80 -7.31 29.31 17.70
CA GLY A 80 -8.50 29.69 18.51
C GLY A 80 -8.49 29.40 19.99
N LYS A 81 -7.38 28.86 20.50
CA LYS A 81 -7.28 28.48 21.92
C LYS A 81 -7.42 29.70 22.83
N PRO A 82 -8.25 29.60 23.89
CA PRO A 82 -8.29 30.69 24.87
C PRO A 82 -6.89 31.13 25.28
N ILE A 83 -6.68 32.44 25.34
CA ILE A 83 -5.35 32.98 25.56
C ILE A 83 -4.70 32.50 26.87
N LYS A 84 -5.48 32.32 27.93
CA LYS A 84 -4.91 31.84 29.21
C LYS A 84 -4.32 30.44 29.00
N GLN A 85 -4.99 29.63 28.18
CA GLN A 85 -4.53 28.25 27.88
C GLN A 85 -3.31 28.24 26.96
N ALA A 86 -3.25 29.18 26.02
CA ALA A 86 -2.08 29.35 25.19
C ALA A 86 -0.86 29.75 26.03
N ARG A 87 -1.06 30.69 26.96
CA ARG A 87 0.04 31.05 27.87
C ARG A 87 0.49 29.85 28.73
N ALA A 88 -0.48 29.07 29.22
CA ALA A 88 -0.15 27.86 29.99
C ALA A 88 0.63 26.85 29.14
N GLU A 89 0.31 26.77 27.85
CA GLU A 89 1.04 25.86 26.95
C GLU A 89 2.51 26.29 26.82
N VAL A 90 2.74 27.60 26.70
CA VAL A 90 4.10 28.12 26.67
C VAL A 90 4.83 27.83 27.99
N THR A 91 4.17 28.07 29.11
CA THR A 91 4.78 27.81 30.41
C THR A 91 5.19 26.33 30.55
N LYS A 92 4.28 25.43 30.20
CA LYS A 92 4.56 23.99 30.28
C LYS A 92 5.72 23.57 29.39
N SER A 93 5.77 24.12 28.19
CA SER A 93 6.81 23.79 27.20
C SER A 93 8.19 24.26 27.66
N ALA A 94 8.28 25.49 28.18
CA ALA A 94 9.58 25.96 28.70
C ALA A 94 10.05 25.14 29.91
N ALA A 95 9.09 24.76 30.78
CA ALA A 95 9.40 23.93 31.95
C ALA A 95 9.94 22.56 31.51
N LEU A 96 9.39 22.03 30.43
CA LEU A 96 9.85 20.78 29.82
C LEU A 96 11.32 20.80 29.43
N CYS A 97 11.73 21.91 28.81
CA CYS A 97 13.12 22.11 28.42
C CYS A 97 14.01 22.00 29.66
N ASP A 98 13.66 22.72 30.72
CA ASP A 98 14.42 22.65 31.97
C ASP A 98 14.41 21.27 32.64
N TRP A 99 13.27 20.61 32.61
CA TRP A 99 13.17 19.28 33.23
C TRP A 99 14.12 18.27 32.57
N TYR A 100 14.07 18.14 31.24
CA TYR A 100 15.01 17.30 30.52
C TYR A 100 16.46 17.73 30.65
N ALA A 101 16.73 19.03 30.70
CA ALA A 101 18.13 19.46 30.90
C ALA A 101 18.69 18.90 32.23
N GLU A 102 17.84 18.88 33.26
CA GLU A 102 18.26 18.40 34.58
C GLU A 102 18.26 16.88 34.70
N HIS A 103 17.15 16.24 34.29
CA HIS A 103 16.93 14.81 34.54
C HIS A 103 17.28 13.89 33.38
N GLY A 104 17.36 14.45 32.19
CA GLY A 104 17.66 13.69 30.98
C GLY A 104 19.05 13.08 30.84
N PRO A 105 20.11 13.85 31.15
CA PRO A 105 21.46 13.29 30.95
C PRO A 105 21.72 11.92 31.61
N ALA A 106 21.26 11.73 32.84
CA ALA A 106 21.42 10.45 33.54
C ALA A 106 20.77 9.29 32.77
N MSE A 107 19.69 9.59 32.05
N MSE A 107 19.70 9.60 32.04
CA MSE A 107 18.97 8.56 31.27
CA MSE A 107 18.96 8.57 31.31
C MSE A 107 19.81 7.98 30.15
C MSE A 107 19.71 8.07 30.07
O MSE A 107 19.52 6.89 29.65
O MSE A 107 19.29 7.10 29.45
CB MSE A 107 17.70 9.14 30.65
CB MSE A 107 17.53 9.07 30.96
CG MSE A 107 16.73 9.76 31.61
CG MSE A 107 16.80 9.68 32.16
SE MSE A 107 15.32 10.55 30.54
SE MSE A 107 14.98 10.38 31.89
CE MSE A 107 14.15 11.19 31.95
CE MSE A 107 15.20 11.13 30.10
N LEU A 108 20.84 8.72 29.74
CA LEU A 108 21.71 8.29 28.66
C LEU A 108 22.99 7.60 29.14
N ASN A 109 23.14 7.42 30.45
CA ASN A 109 24.32 6.71 30.97
C ASN A 109 24.31 5.27 30.44
N PRO A 110 25.48 4.70 30.15
CA PRO A 110 25.48 3.28 29.76
C PRO A 110 24.91 2.37 30.86
N GLU A 111 24.29 1.25 30.47
CA GLU A 111 23.74 0.30 31.44
C GLU A 111 24.72 -0.81 31.65
N PRO A 112 24.97 -1.18 32.92
CA PRO A 112 25.72 -2.43 33.15
C PRO A 112 24.86 -3.62 32.75
N THR A 113 25.49 -4.77 32.56
CA THR A 113 24.74 -6.00 32.28
C THR A 113 25.15 -7.10 33.26
N LEU A 114 24.46 -8.24 33.24
CA LEU A 114 24.82 -9.41 34.04
C LEU A 114 25.99 -10.20 33.48
N VAL A 115 26.51 -9.81 32.31
CA VAL A 115 27.75 -10.42 31.82
C VAL A 115 28.82 -10.12 32.86
N GLU A 116 29.60 -11.14 33.24
CA GLU A 116 30.54 -10.98 34.35
C GLU A 116 31.68 -9.99 34.07
N ASN A 117 32.13 -9.33 35.14
CA ASN A 117 33.38 -8.59 35.13
C ASN A 117 33.39 -7.37 34.22
N GLN A 118 32.23 -6.75 34.07
CA GLN A 118 32.07 -5.49 33.35
C GLN A 118 32.56 -5.62 31.89
N GLN A 119 32.27 -6.76 31.26
CA GLN A 119 32.77 -6.96 29.89
C GLN A 119 31.78 -6.50 28.82
N ALA A 120 30.54 -6.27 29.21
CA ALA A 120 29.47 -5.83 28.27
C ALA A 120 28.59 -4.76 28.88
N VAL A 121 28.33 -3.70 28.10
CA VAL A 121 27.45 -2.64 28.53
C VAL A 121 26.43 -2.39 27.44
N ILE A 122 25.36 -1.68 27.79
CA ILE A 122 24.41 -1.22 26.78
C ILE A 122 24.58 0.28 26.67
N GLU A 123 24.75 0.79 25.44
CA GLU A 123 24.88 2.23 25.21
C GLU A 123 23.64 2.74 24.49
N TYR A 124 23.26 3.98 24.76
CA TYR A 124 22.11 4.59 24.09
C TYR A 124 22.68 5.58 23.08
N ARG A 125 22.78 5.16 21.82
CA ARG A 125 23.43 6.00 20.79
C ARG A 125 22.36 6.80 20.06
N PRO A 126 22.74 7.97 19.50
CA PRO A 126 21.88 8.72 18.59
C PRO A 126 21.47 7.85 17.38
N LEU A 127 20.25 8.03 16.87
CA LEU A 127 19.79 7.30 15.69
C LEU A 127 19.99 8.04 14.37
N GLY A 128 19.65 9.33 14.36
CA GLY A 128 19.77 10.09 13.11
C GLY A 128 18.73 11.19 13.06
N VAL A 129 18.19 11.46 11.87
CA VAL A 129 17.18 12.51 11.71
C VAL A 129 15.82 11.89 11.92
N ILE A 130 15.05 12.46 12.85
CA ILE A 130 13.70 12.00 13.11
C ILE A 130 12.75 12.95 12.42
N LEU A 131 11.92 12.42 11.54
CA LEU A 131 10.85 13.20 10.92
C LEU A 131 9.63 13.21 11.84
N ALA A 132 9.09 14.40 12.08
CA ALA A 132 7.98 14.59 13.02
C ALA A 132 6.80 15.21 12.30
N ILE A 133 5.64 14.57 12.44
N ILE A 133 5.63 14.58 12.42
CA ILE A 133 4.41 15.01 11.79
CA ILE A 133 4.42 15.04 11.76
C ILE A 133 3.46 15.37 12.91
C ILE A 133 3.40 15.36 12.84
N MSE A 134 3.11 16.65 13.00
CA MSE A 134 2.43 17.16 14.21
C MSE A 134 1.09 17.85 13.91
O MSE A 134 0.88 18.33 12.80
CB MSE A 134 3.37 18.13 14.93
CG MSE A 134 4.68 17.50 15.43
SE MSE A 134 4.19 16.33 16.93
CE MSE A 134 5.09 14.66 16.37
N PRO A 135 0.19 17.91 14.91
CA PRO A 135 -1.14 18.50 14.72
C PRO A 135 -1.26 19.95 15.25
N TRP A 136 -2.43 20.56 15.04
CA TRP A 136 -2.63 21.98 15.38
C TRP A 136 -3.12 22.21 16.81
N ASN A 137 -3.49 21.17 17.56
CA ASN A 137 -4.19 21.44 18.82
C ASN A 137 -3.34 22.02 19.97
N PHE A 138 -2.07 21.63 20.02
CA PHE A 138 -1.09 22.26 20.90
C PHE A 138 0.12 22.53 20.00
N PRO A 139 0.09 23.63 19.24
CA PRO A 139 1.08 23.83 18.17
C PRO A 139 2.51 23.95 18.68
N LEU A 140 2.69 24.32 19.95
CA LEU A 140 4.02 24.40 20.53
C LEU A 140 4.36 23.14 21.37
N TRP A 141 3.47 22.82 22.30
CA TRP A 141 3.69 21.71 23.24
C TRP A 141 3.89 20.37 22.50
N GLN A 142 3.09 20.08 21.49
CA GLN A 142 3.26 18.79 20.82
C GLN A 142 4.59 18.68 20.10
N VAL A 143 5.08 19.79 19.57
CA VAL A 143 6.41 19.83 18.95
C VAL A 143 7.48 19.59 20.02
N LEU A 144 7.46 20.35 21.11
CA LEU A 144 8.55 20.18 22.07
C LEU A 144 8.45 18.88 22.89
N ARG A 145 7.24 18.36 23.08
CA ARG A 145 7.05 17.10 23.82
C ARG A 145 7.98 16.00 23.28
N GLY A 146 8.06 15.90 21.95
CA GLY A 146 8.99 14.97 21.29
C GLY A 146 10.36 15.60 21.02
N ALA A 147 10.41 16.83 20.54
CA ALA A 147 11.69 17.42 20.10
C ALA A 147 12.72 17.53 21.20
N VAL A 148 12.29 17.86 22.41
CA VAL A 148 13.23 18.04 23.54
C VAL A 148 14.05 16.75 23.85
N PRO A 149 13.35 15.64 24.15
CA PRO A 149 14.16 14.41 24.33
C PRO A 149 14.87 13.89 23.09
N ILE A 150 14.25 14.02 21.91
CA ILE A 150 14.90 13.63 20.64
C ILE A 150 16.23 14.34 20.46
N LEU A 151 16.23 15.65 20.71
N LEU A 151 16.25 15.66 20.69
CA LEU A 151 17.44 16.45 20.61
CA LEU A 151 17.49 16.43 20.60
C LEU A 151 18.49 16.06 21.65
C LEU A 151 18.52 16.05 21.66
N LEU A 152 18.05 15.84 22.90
CA LEU A 152 18.96 15.46 23.99
C LEU A 152 19.67 14.11 23.69
N ALA A 153 18.92 13.20 23.06
CA ALA A 153 19.48 11.91 22.63
C ALA A 153 20.56 12.01 21.53
N GLY A 154 20.69 13.18 20.92
CA GLY A 154 21.72 13.39 19.91
C GLY A 154 21.22 13.30 18.47
N ASN A 155 19.89 13.24 18.31
CA ASN A 155 19.25 13.21 17.00
C ASN A 155 18.99 14.63 16.49
N SER A 156 18.76 14.75 15.18
CA SER A 156 18.13 15.95 14.58
C SER A 156 16.62 15.72 14.51
N TYR A 157 15.88 16.82 14.45
CA TYR A 157 14.42 16.80 14.43
C TYR A 157 13.99 17.64 13.25
N LEU A 158 13.20 17.04 12.37
CA LEU A 158 12.72 17.75 11.18
C LEU A 158 11.20 17.73 11.19
N LEU A 159 10.60 18.89 11.39
CA LEU A 159 9.16 19.02 11.58
C LEU A 159 8.38 19.25 10.30
N LYS A 160 7.28 18.52 10.15
CA LYS A 160 6.23 18.90 9.21
C LYS A 160 5.01 19.23 10.07
N HIS A 161 4.71 20.52 10.17
CA HIS A 161 3.60 20.95 11.04
C HIS A 161 2.26 20.95 10.30
N ALA A 162 1.17 20.98 11.06
CA ALA A 162 -0.18 21.09 10.48
C ALA A 162 -0.27 22.37 9.65
N PRO A 163 -0.87 22.29 8.46
CA PRO A 163 -0.88 23.38 7.49
C PRO A 163 -1.65 24.64 7.95
N ASN A 164 -2.45 24.55 9.01
CA ASN A 164 -3.14 25.74 9.54
C ASN A 164 -2.34 26.48 10.61
N VAL A 165 -1.17 25.94 11.01
CA VAL A 165 -0.35 26.63 12.02
C VAL A 165 1.07 26.93 11.55
N THR A 166 1.25 27.19 10.25
CA THR A 166 2.60 27.51 9.75
C THR A 166 3.21 28.79 10.34
N GLY A 167 2.36 29.74 10.77
CA GLY A 167 2.86 30.92 11.50
C GLY A 167 3.52 30.52 12.81
N CYS A 168 2.84 29.64 13.58
CA CYS A 168 3.44 29.08 14.80
C CYS A 168 4.74 28.35 14.50
N ALA A 169 4.73 27.54 13.44
CA ALA A 169 5.94 26.79 13.07
C ALA A 169 7.09 27.76 12.76
N GLN A 170 6.83 28.79 11.96
CA GLN A 170 7.86 29.77 11.66
C GLN A 170 8.38 30.41 12.95
N MSE A 171 7.48 30.69 13.88
CA MSE A 171 7.91 31.33 15.13
C MSE A 171 8.75 30.41 16.01
O MSE A 171 9.79 30.82 16.54
CB MSE A 171 6.71 31.87 15.91
CG MSE A 171 7.13 32.69 17.11
SE MSE A 171 5.55 33.53 17.84
CE MSE A 171 5.19 34.85 16.42
N ILE A 172 8.34 29.15 16.15
CA ILE A 172 9.12 28.18 16.88
C ILE A 172 10.54 28.09 16.31
N ALA A 173 10.66 28.04 14.98
CA ALA A 173 11.97 27.99 14.35
C ALA A 173 12.81 29.23 14.70
N ARG A 174 12.20 30.41 14.66
N ARG A 174 12.21 30.41 14.69
CA ARG A 174 12.85 31.65 15.09
CA ARG A 174 12.93 31.63 15.06
C ARG A 174 13.41 31.52 16.50
C ARG A 174 13.40 31.61 16.53
N ILE A 175 12.56 31.08 17.42
CA ILE A 175 12.93 30.97 18.83
C ILE A 175 14.09 29.98 19.04
N LEU A 176 14.02 28.83 18.38
CA LEU A 176 15.07 27.84 18.57
C LEU A 176 16.40 28.30 17.96
N ALA A 177 16.33 29.08 16.86
CA ALA A 177 17.54 29.70 16.28
C ALA A 177 18.13 30.73 17.23
N GLU A 178 17.27 31.52 17.87
CA GLU A 178 17.70 32.48 18.88
C GLU A 178 18.40 31.79 20.03
N ALA A 179 17.92 30.61 20.39
CA ALA A 179 18.53 29.76 21.43
C ALA A 179 19.91 29.19 21.04
N GLY A 180 20.27 29.29 19.77
CA GLY A 180 21.56 28.79 19.32
C GLY A 180 21.55 27.32 18.95
N THR A 181 20.36 26.76 18.72
CA THR A 181 20.25 25.39 18.20
C THR A 181 20.92 25.35 16.83
N PRO A 182 21.93 24.46 16.64
CA PRO A 182 22.65 24.46 15.36
C PRO A 182 21.73 24.24 14.18
N ALA A 183 22.10 24.78 13.02
CA ALA A 183 21.35 24.59 11.79
C ALA A 183 21.17 23.09 11.52
N GLY A 184 19.96 22.69 11.14
CA GLY A 184 19.72 21.28 10.78
C GLY A 184 19.39 20.39 11.97
N VAL A 185 19.82 20.79 13.17
CA VAL A 185 19.48 20.04 14.40
C VAL A 185 18.00 20.16 14.75
N TYR A 186 17.47 21.38 14.64
CA TYR A 186 16.01 21.58 14.57
C TYR A 186 15.72 22.30 13.26
N GLY A 187 14.69 21.85 12.56
CA GLY A 187 14.28 22.46 11.29
C GLY A 187 12.87 22.06 11.00
N TRP A 188 12.27 22.73 10.03
CA TRP A 188 10.91 22.37 9.62
C TRP A 188 10.76 22.61 8.13
N VAL A 189 9.75 21.99 7.54
CA VAL A 189 9.53 22.11 6.11
C VAL A 189 8.03 22.03 5.85
N ASN A 190 7.53 22.90 4.98
CA ASN A 190 6.10 22.92 4.69
C ASN A 190 5.77 21.94 3.56
N ALA A 191 5.94 20.66 3.83
CA ALA A 191 5.76 19.61 2.83
C ALA A 191 4.29 19.25 2.69
N ASN A 192 3.84 19.01 1.46
CA ASN A 192 2.54 18.38 1.27
C ASN A 192 2.68 16.87 1.47
N ASN A 193 1.60 16.13 1.28
CA ASN A 193 1.61 14.69 1.57
C ASN A 193 2.62 13.92 0.75
N GLU A 194 2.80 14.33 -0.51
CA GLU A 194 3.78 13.73 -1.41
C GLU A 194 5.20 14.01 -0.90
N GLY A 195 5.43 15.23 -0.42
CA GLY A 195 6.71 15.60 0.18
C GLY A 195 7.02 14.77 1.42
N VAL A 196 6.02 14.55 2.27
CA VAL A 196 6.20 13.66 3.42
C VAL A 196 6.64 12.26 2.98
N SER A 197 5.92 11.68 2.01
CA SER A 197 6.28 10.37 1.47
C SER A 197 7.72 10.32 0.99
N GLN A 198 8.12 11.34 0.24
CA GLN A 198 9.49 11.41 -0.28
C GLN A 198 10.51 11.36 0.86
N MSE A 199 10.24 12.09 1.94
CA MSE A 199 11.15 12.13 3.09
C MSE A 199 11.21 10.81 3.84
O MSE A 199 12.29 10.33 4.17
CB MSE A 199 10.79 13.30 4.03
CG MSE A 199 11.03 14.63 3.37
SE MSE A 199 10.81 16.12 4.62
CE MSE A 199 8.88 16.00 4.90
N ILE A 200 10.04 10.19 4.08
CA ILE A 200 10.00 8.88 4.75
C ILE A 200 10.88 7.88 3.98
N ASN A 201 10.83 7.97 2.66
CA ASN A 201 11.59 7.06 1.79
C ASN A 201 13.03 7.44 1.53
N ASP A 202 13.48 8.54 2.12
CA ASP A 202 14.86 8.98 1.93
C ASP A 202 15.72 8.40 3.08
N PRO A 203 16.91 7.88 2.75
CA PRO A 203 17.81 7.26 3.74
C PRO A 203 18.27 8.19 4.87
N ARG A 204 18.21 9.49 4.64
CA ARG A 204 18.56 10.45 5.70
C ARG A 204 17.52 10.54 6.83
N ILE A 205 16.30 10.08 6.58
CA ILE A 205 15.33 9.97 7.68
C ILE A 205 15.48 8.60 8.36
N ALA A 206 15.80 8.60 9.66
CA ALA A 206 16.04 7.34 10.38
C ALA A 206 14.78 6.73 10.97
N ALA A 207 13.86 7.60 11.43
CA ALA A 207 12.62 7.17 12.09
C ALA A 207 11.60 8.29 12.02
N VAL A 208 10.37 8.00 12.45
CA VAL A 208 9.25 8.92 12.28
C VAL A 208 8.44 8.97 13.55
N THR A 209 7.98 10.18 13.92
CA THR A 209 7.06 10.30 15.03
C THR A 209 5.81 11.07 14.52
N VAL A 210 4.63 10.58 14.89
CA VAL A 210 3.37 11.17 14.43
C VAL A 210 2.46 11.40 15.61
N THR A 211 1.91 12.61 15.70
CA THR A 211 0.82 12.89 16.62
C THR A 211 -0.31 13.44 15.75
N GLY A 212 -1.48 12.81 15.82
CA GLY A 212 -2.58 13.24 14.98
C GLY A 212 -3.72 12.25 15.00
N SER A 213 -4.48 12.20 13.90
CA SER A 213 -5.67 11.38 13.83
C SER A 213 -5.26 9.93 13.57
N VAL A 214 -6.20 9.02 13.83
CA VAL A 214 -6.04 7.62 13.48
C VAL A 214 -5.72 7.48 11.99
N ARG A 215 -6.45 8.21 11.14
CA ARG A 215 -6.23 8.15 9.70
C ARG A 215 -4.82 8.57 9.27
N ALA A 216 -4.30 9.66 9.86
CA ALA A 216 -2.93 10.08 9.58
C ALA A 216 -1.93 9.01 10.03
N GLY A 217 -2.14 8.49 11.23
CA GLY A 217 -1.23 7.47 11.80
C GLY A 217 -1.17 6.25 10.92
N ALA A 218 -2.30 5.82 10.38
CA ALA A 218 -2.35 4.64 9.50
C ALA A 218 -1.62 4.90 8.20
N ALA A 219 -1.82 6.09 7.61
CA ALA A 219 -1.18 6.45 6.34
C ALA A 219 0.32 6.57 6.50
N ILE A 220 0.77 7.17 7.60
CA ILE A 220 2.20 7.36 7.79
C ILE A 220 2.86 6.09 8.32
N GLY A 221 2.20 5.41 9.25
CA GLY A 221 2.72 4.15 9.83
C GLY A 221 2.95 3.11 8.75
N ALA A 222 2.03 3.01 7.80
CA ALA A 222 2.18 2.10 6.65
C ALA A 222 3.45 2.41 5.86
N GLN A 223 3.73 3.70 5.65
CA GLN A 223 4.90 4.10 4.86
C GLN A 223 6.20 3.87 5.61
N ALA A 224 6.20 4.20 6.91
CA ALA A 224 7.37 3.98 7.75
C ALA A 224 7.73 2.48 7.79
N GLY A 225 6.73 1.62 8.04
CA GLY A 225 6.92 0.16 8.06
C GLY A 225 7.52 -0.35 6.75
N ALA A 226 6.94 0.11 5.63
CA ALA A 226 7.43 -0.27 4.31
C ALA A 226 8.90 0.15 4.07
N ALA A 227 9.33 1.23 4.72
CA ALA A 227 10.69 1.73 4.60
C ALA A 227 11.60 1.20 5.71
N LEU A 228 11.07 0.33 6.57
CA LEU A 228 11.83 -0.29 7.67
C LEU A 228 12.28 0.71 8.74
N LYS A 229 11.40 1.67 8.99
CA LYS A 229 11.70 2.73 9.92
C LYS A 229 10.71 2.69 11.04
N LYS A 230 11.25 2.80 12.24
CA LYS A 230 10.48 2.77 13.45
C LYS A 230 9.62 4.03 13.55
N CYS A 231 8.44 3.85 14.16
N CYS A 231 8.44 3.91 14.13
CA CYS A 231 7.50 4.94 14.47
CA CYS A 231 7.65 5.10 14.42
C CYS A 231 7.18 5.04 15.94
C CYS A 231 6.99 5.03 15.79
N VAL A 232 6.70 6.21 16.33
CA VAL A 232 5.86 6.35 17.51
C VAL A 232 4.57 6.98 16.96
N LEU A 233 3.43 6.36 17.25
CA LEU A 233 2.14 6.89 16.80
C LEU A 233 1.30 7.26 18.01
N GLU A 234 1.08 8.57 18.17
CA GLU A 234 0.31 9.11 19.27
C GLU A 234 -0.97 9.65 18.66
N LEU A 235 -2.03 8.85 18.68
CA LEU A 235 -3.19 9.14 17.85
C LEU A 235 -4.40 9.53 18.69
N GLY A 236 -5.61 9.38 18.15
CA GLY A 236 -6.79 9.85 18.88
C GLY A 236 -7.10 9.09 20.16
N GLY A 237 -8.03 9.67 20.94
CA GLY A 237 -8.49 9.03 22.15
C GLY A 237 -10.00 9.20 22.26
N SER A 238 -10.64 8.30 22.98
CA SER A 238 -12.02 8.50 23.40
C SER A 238 -12.03 8.03 24.86
N ASP A 239 -11.33 8.80 25.68
CA ASP A 239 -11.02 8.39 27.06
C ASP A 239 -12.28 8.23 27.92
N PRO A 240 -12.39 7.10 28.62
CA PRO A 240 -13.49 6.95 29.56
C PRO A 240 -13.20 7.67 30.87
N PHE A 241 -14.24 8.15 31.53
CA PHE A 241 -14.14 8.87 32.81
C PHE A 241 -15.22 8.23 33.67
N ILE A 242 -14.79 7.35 34.56
CA ILE A 242 -15.72 6.48 35.31
C ILE A 242 -15.97 7.09 36.68
N VAL A 243 -17.26 7.27 37.02
CA VAL A 243 -17.65 7.78 38.34
C VAL A 243 -18.55 6.73 39.00
N LEU A 244 -18.10 6.19 40.13
CA LEU A 244 -18.86 5.15 40.83
C LEU A 244 -19.65 5.78 41.97
N ASN A 245 -20.58 5.04 42.56
CA ASN A 245 -21.49 5.59 43.60
C ASN A 245 -20.81 6.23 44.80
N ASP A 246 -19.61 5.76 45.12
CA ASP A 246 -18.89 6.25 46.28
C ASP A 246 -17.84 7.34 45.97
N ALA A 247 -17.94 7.96 44.80
CA ALA A 247 -17.00 9.02 44.41
C ALA A 247 -17.08 10.28 45.29
N ASP A 248 -15.97 10.99 45.38
CA ASP A 248 -15.94 12.39 45.80
C ASP A 248 -16.57 13.18 44.64
N LEU A 249 -17.89 13.32 44.68
CA LEU A 249 -18.64 13.84 43.54
C LEU A 249 -18.25 15.26 43.12
N GLU A 250 -17.95 16.10 44.09
CA GLU A 250 -17.57 17.49 43.81
C GLU A 250 -16.29 17.56 42.99
N LEU A 251 -15.27 16.82 43.45
CA LEU A 251 -14.02 16.71 42.71
C LEU A 251 -14.24 16.03 41.35
N ALA A 252 -15.06 14.98 41.30
CA ALA A 252 -15.36 14.27 40.06
C ALA A 252 -15.96 15.21 39.01
N VAL A 253 -16.93 16.03 39.43
CA VAL A 253 -17.55 16.96 38.48
C VAL A 253 -16.53 18.00 37.99
N LYS A 254 -15.70 18.54 38.87
CA LYS A 254 -14.70 19.55 38.50
C LYS A 254 -13.69 18.96 37.51
N ALA A 255 -13.21 17.76 37.83
CA ALA A 255 -12.29 17.07 36.91
C ALA A 255 -12.94 16.73 35.57
N ALA A 256 -14.24 16.37 35.59
CA ALA A 256 -14.96 16.00 34.39
C ALA A 256 -15.08 17.20 33.45
N VAL A 257 -15.45 18.34 34.01
CA VAL A 257 -15.65 19.57 33.23
C VAL A 257 -14.34 20.05 32.61
N ALA A 258 -13.29 20.08 33.41
CA ALA A 258 -11.97 20.47 32.91
C ALA A 258 -11.49 19.49 31.85
N GLY A 259 -11.70 18.20 32.13
CA GLY A 259 -11.24 17.12 31.25
C GLY A 259 -11.88 17.19 29.87
N ARG A 260 -13.19 17.44 29.83
CA ARG A 260 -13.88 17.47 28.55
C ARG A 260 -13.64 18.77 27.81
N TYR A 261 -13.68 19.89 28.53
CA TYR A 261 -13.80 21.19 27.88
C TYR A 261 -12.52 21.99 27.73
N GLN A 262 -11.39 21.51 28.26
CA GLN A 262 -10.11 22.19 28.00
C GLN A 262 -9.85 22.25 26.49
N ASN A 263 -9.24 23.36 26.03
CA ASN A 263 -8.94 23.58 24.60
C ASN A 263 -10.17 23.38 23.72
N THR A 264 -11.30 23.88 24.21
CA THR A 264 -12.58 23.75 23.53
C THR A 264 -12.83 22.28 23.10
N GLY A 265 -12.41 21.35 23.94
CA GLY A 265 -12.71 19.94 23.75
C GLY A 265 -11.67 19.23 22.90
N GLN A 266 -10.69 20.00 22.42
CA GLN A 266 -9.83 19.55 21.33
C GLN A 266 -8.55 18.93 21.85
N VAL A 267 -8.68 17.87 22.64
CA VAL A 267 -7.54 17.23 23.29
C VAL A 267 -7.60 15.72 23.15
N CYS A 268 -6.47 15.12 22.78
CA CYS A 268 -6.41 13.69 22.50
C CYS A 268 -6.88 12.90 23.73
N ALA A 269 -6.33 13.26 24.88
CA ALA A 269 -6.66 12.61 26.15
C ALA A 269 -7.78 13.34 26.92
N ALA A 270 -8.69 13.98 26.20
CA ALA A 270 -9.86 14.60 26.84
C ALA A 270 -10.71 13.49 27.45
N ALA A 271 -11.39 13.79 28.56
CA ALA A 271 -12.48 12.91 29.03
C ALA A 271 -13.62 13.06 28.03
N LYS A 272 -13.90 11.99 27.28
CA LYS A 272 -14.91 12.05 26.20
C LYS A 272 -16.15 11.20 26.48
N ARG A 273 -15.97 10.10 27.20
CA ARG A 273 -17.09 9.19 27.49
C ARG A 273 -17.25 9.08 28.99
N PHE A 274 -18.28 9.74 29.52
CA PHE A 274 -18.53 9.70 30.96
C PHE A 274 -19.38 8.47 31.27
N ILE A 275 -18.87 7.63 32.17
CA ILE A 275 -19.53 6.35 32.47
C ILE A 275 -19.82 6.39 33.95
N VAL A 276 -21.10 6.50 34.30
N VAL A 276 -21.10 6.53 34.30
CA VAL A 276 -21.47 6.85 35.65
CA VAL A 276 -21.46 6.84 35.67
C VAL A 276 -22.41 5.78 36.24
C VAL A 276 -22.39 5.78 36.24
N GLU A 277 -22.07 5.32 37.45
CA GLU A 277 -22.84 4.25 38.10
C GLU A 277 -24.25 4.77 38.37
N GLU A 278 -25.23 3.91 38.09
CA GLU A 278 -26.67 4.28 38.15
C GLU A 278 -27.06 5.09 39.39
N GLY A 279 -26.52 4.73 40.55
CA GLY A 279 -26.89 5.37 41.80
C GLY A 279 -26.53 6.85 41.90
N ILE A 280 -25.47 7.25 41.20
CA ILE A 280 -24.99 8.63 41.25
C ILE A 280 -25.18 9.39 39.92
N ALA A 281 -25.75 8.72 38.92
CA ALA A 281 -25.87 9.27 37.56
C ALA A 281 -26.61 10.61 37.47
N GLN A 282 -27.75 10.67 38.15
CA GLN A 282 -28.59 11.86 38.06
C GLN A 282 -27.89 13.02 38.74
N ALA A 283 -27.30 12.78 39.91
CA ALA A 283 -26.59 13.79 40.65
C ALA A 283 -25.37 14.32 39.86
N PHE A 284 -24.64 13.40 39.26
CA PHE A 284 -23.51 13.80 38.42
C PHE A 284 -24.01 14.62 37.22
N THR A 285 -25.04 14.13 36.55
CA THR A 285 -25.51 14.73 35.31
C THR A 285 -26.00 16.16 35.60
N ASP A 286 -26.73 16.34 36.70
CA ASP A 286 -27.23 17.67 37.05
C ASP A 286 -26.12 18.68 37.28
N ARG A 287 -25.10 18.26 38.03
CA ARG A 287 -23.95 19.11 38.34
C ARG A 287 -23.09 19.39 37.11
N PHE A 288 -22.90 18.38 36.26
CA PHE A 288 -22.06 18.52 35.06
C PHE A 288 -22.72 19.47 34.06
N VAL A 289 -24.01 19.27 33.79
CA VAL A 289 -24.74 20.13 32.84
C VAL A 289 -24.73 21.60 33.32
N ALA A 290 -24.95 21.82 34.61
CA ALA A 290 -24.96 23.19 35.16
C ALA A 290 -23.58 23.81 35.04
N ALA A 291 -22.53 23.03 35.29
CA ALA A 291 -21.19 23.57 35.18
C ALA A 291 -20.83 23.87 33.72
N ALA A 292 -21.24 22.99 32.81
CA ALA A 292 -20.97 23.19 31.37
C ALA A 292 -21.72 24.42 30.85
N ALA A 293 -22.95 24.61 31.35
CA ALA A 293 -23.80 25.76 30.98
C ALA A 293 -23.21 27.09 31.47
N ALA A 294 -22.46 27.03 32.58
CA ALA A 294 -21.82 28.22 33.14
C ALA A 294 -20.51 28.62 32.46
N LEU A 295 -19.95 27.77 31.60
CA LEU A 295 -18.73 28.11 30.90
C LEU A 295 -18.97 29.28 29.92
N LYS A 296 -18.02 30.22 29.87
N LYS A 296 -18.03 30.22 29.89
CA LYS A 296 -18.12 31.39 29.00
CA LYS A 296 -18.08 31.40 29.03
C LYS A 296 -17.41 31.16 27.67
C LYS A 296 -17.43 31.11 27.67
N MSE A 297 -18.14 31.40 26.58
CA MSE A 297 -17.60 31.19 25.23
C MSE A 297 -17.53 32.52 24.47
O MSE A 297 -18.49 33.30 24.50
CB MSE A 297 -18.49 30.23 24.43
CG MSE A 297 -17.99 30.04 23.00
SE MSE A 297 -19.13 28.71 22.10
CE MSE A 297 -18.47 27.12 23.08
N GLY A 298 -16.43 32.74 23.79
CA GLY A 298 -16.34 33.90 22.90
C GLY A 298 -14.93 34.14 22.41
N ASP A 299 -14.64 35.40 22.14
CA ASP A 299 -13.34 35.81 21.60
C ASP A 299 -12.21 35.24 22.48
N PRO A 300 -11.31 34.43 21.91
CA PRO A 300 -10.28 33.82 22.75
C PRO A 300 -9.20 34.77 23.24
N LEU A 301 -9.16 36.01 22.71
CA LEU A 301 -8.23 37.02 23.23
C LEU A 301 -8.77 37.62 24.52
N VAL A 302 -10.02 37.34 24.84
CA VAL A 302 -10.64 37.81 26.08
C VAL A 302 -10.40 36.75 27.16
N GLU A 303 -9.61 37.11 28.18
CA GLU A 303 -9.13 36.16 29.19
C GLU A 303 -10.23 35.42 29.93
N GLU A 304 -11.37 36.10 30.11
CA GLU A 304 -12.47 35.58 30.89
C GLU A 304 -13.26 34.48 30.17
N ASN A 305 -13.05 34.32 28.86
CA ASN A 305 -13.76 33.28 28.12
C ASN A 305 -13.08 31.93 28.35
N ASP A 306 -13.86 30.93 28.74
CA ASP A 306 -13.35 29.57 28.99
C ASP A 306 -13.23 28.74 27.71
N LEU A 307 -14.06 29.07 26.71
N LEU A 307 -14.05 29.08 26.71
CA LEU A 307 -14.18 28.32 25.45
CA LEU A 307 -14.10 28.36 25.46
C LEU A 307 -14.05 29.23 24.24
C LEU A 307 -13.88 29.33 24.33
N GLY A 308 -13.19 28.87 23.29
CA GLY A 308 -13.06 29.65 22.06
C GLY A 308 -13.84 29.04 20.93
N PRO A 309 -13.53 29.45 19.69
CA PRO A 309 -14.08 28.77 18.53
C PRO A 309 -13.29 27.47 18.33
N MSE A 310 -13.83 26.53 17.57
CA MSE A 310 -13.05 25.35 17.16
C MSE A 310 -12.03 25.77 16.10
O MSE A 310 -12.22 26.80 15.43
CB MSE A 310 -13.98 24.25 16.65
CG MSE A 310 -14.76 23.60 17.79
SE MSE A 310 -16.06 22.32 17.14
CE MSE A 310 -14.82 20.95 16.39
N ALA A 311 -10.94 25.01 15.97
CA ALA A 311 -9.86 25.42 15.08
C ALA A 311 -10.18 25.40 13.58
N ARG A 312 -10.94 24.40 13.14
N ARG A 312 -10.97 24.40 13.17
CA ARG A 312 -11.19 24.22 11.71
CA ARG A 312 -11.23 24.13 11.75
C ARG A 312 -12.67 24.08 11.36
C ARG A 312 -12.71 24.15 11.44
N PHE A 313 -13.10 24.86 10.37
CA PHE A 313 -14.51 24.89 9.96
C PHE A 313 -15.03 23.53 9.53
N ASP A 314 -14.21 22.80 8.77
CA ASP A 314 -14.64 21.46 8.37
C ASP A 314 -14.83 20.53 9.55
N LEU A 315 -13.97 20.64 10.55
CA LEU A 315 -14.09 19.81 11.76
C LEU A 315 -15.31 20.16 12.63
N ARG A 316 -15.71 21.45 12.63
CA ARG A 316 -16.98 21.79 13.28
C ARG A 316 -18.16 21.12 12.57
N ASP A 317 -18.07 21.16 11.41
CA ASP A 317 -19.05 20.48 10.58
C ASP A 317 -19.12 18.96 10.81
N GLU A 318 -18.07 18.32 10.83
CA GLU A 318 -18.00 16.91 11.18
C GLU A 318 -18.57 16.64 12.57
N LEU A 319 -18.16 17.44 13.54
CA LEU A 319 -18.66 17.31 14.90
C LEU A 319 -20.18 17.47 14.95
N HIS A 320 -20.69 18.47 14.26
CA HIS A 320 -22.15 18.65 14.23
C HIS A 320 -22.85 17.43 13.63
N GLN A 321 -22.25 16.84 12.59
CA GLN A 321 -22.84 15.64 12.03
C GLN A 321 -22.81 14.49 13.03
N GLN A 322 -21.73 14.38 13.81
CA GLN A 322 -21.65 13.35 14.86
C GLN A 322 -22.73 13.55 15.92
N VAL A 323 -23.00 14.81 16.27
CA VAL A 323 -24.09 15.14 17.19
C VAL A 323 -25.45 14.79 16.54
N GLN A 324 -25.64 15.20 15.28
CA GLN A 324 -26.89 14.89 14.57
C GLN A 324 -27.13 13.38 14.50
N ALA A 325 -26.08 12.64 14.15
CA ALA A 325 -26.20 11.18 14.07
C ALA A 325 -26.58 10.60 15.43
N SER A 326 -25.91 11.05 16.49
CA SER A 326 -26.18 10.57 17.86
C SER A 326 -27.60 10.83 18.28
N VAL A 327 -28.09 12.04 18.03
CA VAL A 327 -29.50 12.35 18.28
C VAL A 327 -30.44 11.44 17.46
N ALA A 328 -30.16 11.24 16.17
CA ALA A 328 -30.95 10.33 15.33
C ALA A 328 -30.95 8.88 15.89
N GLU A 329 -29.87 8.52 16.55
CA GLU A 329 -29.73 7.17 17.14
C GLU A 329 -30.41 7.04 18.50
N GLY A 330 -30.85 8.16 19.07
CA GLY A 330 -31.58 8.16 20.34
C GLY A 330 -30.95 8.90 21.52
N ALA A 331 -29.81 9.54 21.32
CA ALA A 331 -29.18 10.30 22.42
C ALA A 331 -30.07 11.44 22.85
N ARG A 332 -30.00 11.79 24.13
CA ARG A 332 -30.77 12.91 24.68
C ARG A 332 -29.91 14.17 24.77
N LEU A 333 -30.27 15.19 23.99
CA LEU A 333 -29.55 16.45 24.03
C LEU A 333 -29.95 17.26 25.27
N LEU A 334 -29.03 17.33 26.23
CA LEU A 334 -29.27 18.10 27.45
C LEU A 334 -28.81 19.56 27.39
N LEU A 335 -27.91 19.86 26.46
CA LEU A 335 -27.32 21.21 26.35
C LEU A 335 -26.65 21.37 24.99
N GLY A 336 -26.73 22.58 24.41
CA GLY A 336 -26.06 22.87 23.13
C GLY A 336 -26.52 22.09 21.90
N GLY A 337 -25.57 21.54 21.15
CA GLY A 337 -25.87 20.79 19.95
C GLY A 337 -26.17 21.63 18.72
N GLU A 338 -25.62 22.84 18.67
CA GLU A 338 -25.84 23.76 17.54
C GLU A 338 -24.55 24.53 17.23
N LYS A 339 -24.36 24.84 15.95
CA LYS A 339 -23.34 25.77 15.53
C LYS A 339 -23.81 27.17 15.92
N ILE A 340 -22.88 28.03 16.30
CA ILE A 340 -23.22 29.41 16.62
C ILE A 340 -23.17 30.23 15.32
N ALA A 341 -24.22 31.01 15.07
CA ALA A 341 -24.26 31.91 13.92
C ALA A 341 -23.15 32.98 14.01
N GLY A 342 -22.63 33.40 12.86
CA GLY A 342 -21.55 34.39 12.84
C GLY A 342 -20.41 34.00 11.91
N GLU A 343 -19.40 34.85 11.82
CA GLU A 343 -18.27 34.64 10.94
C GLU A 343 -17.29 33.61 11.49
N GLY A 344 -17.27 33.47 12.82
CA GLY A 344 -16.28 32.59 13.48
C GLY A 344 -16.75 31.15 13.48
N ASN A 345 -15.95 30.27 14.09
CA ASN A 345 -16.19 28.83 14.03
C ASN A 345 -16.60 28.26 15.40
N TYR A 346 -17.64 28.85 15.99
CA TYR A 346 -18.07 28.47 17.34
C TYR A 346 -19.12 27.38 17.34
N TYR A 347 -18.97 26.45 18.29
CA TYR A 347 -19.94 25.40 18.49
C TYR A 347 -20.31 25.42 19.97
N ALA A 348 -21.60 25.39 20.27
CA ALA A 348 -22.04 25.47 21.66
C ALA A 348 -21.53 24.31 22.51
N ALA A 349 -21.18 24.60 23.77
CA ALA A 349 -20.90 23.53 24.75
C ALA A 349 -22.11 22.60 24.78
N THR A 350 -21.84 21.30 24.60
CA THR A 350 -22.88 20.32 24.36
C THR A 350 -22.79 19.14 25.34
N VAL A 351 -23.94 18.61 25.74
CA VAL A 351 -23.99 17.42 26.59
C VAL A 351 -25.06 16.48 25.99
N LEU A 352 -24.65 15.24 25.73
CA LEU A 352 -25.53 14.18 25.24
C LEU A 352 -25.65 13.14 26.34
N ALA A 353 -26.89 12.76 26.68
CA ALA A 353 -27.13 11.72 27.70
C ALA A 353 -27.88 10.52 27.12
N ASP A 354 -28.09 9.48 27.93
CA ASP A 354 -28.68 8.24 27.45
C ASP A 354 -27.88 7.67 26.30
N VAL A 355 -26.56 7.86 26.35
CA VAL A 355 -25.70 7.40 25.28
C VAL A 355 -25.40 5.91 25.50
N THR A 356 -25.68 5.09 24.50
CA THR A 356 -25.44 3.66 24.58
C THR A 356 -24.27 3.30 23.66
N PRO A 357 -23.63 2.12 23.88
CA PRO A 357 -22.41 1.78 23.13
C PRO A 357 -22.51 1.70 21.61
N ASP A 358 -23.71 1.54 21.06
CA ASP A 358 -23.88 1.48 19.61
C ASP A 358 -23.76 2.85 18.94
N MSE A 359 -23.90 3.91 19.73
CA MSE A 359 -24.02 5.26 19.18
C MSE A 359 -22.72 5.92 18.74
O MSE A 359 -21.65 5.68 19.31
CB MSE A 359 -24.73 6.16 20.15
CG MSE A 359 -26.19 5.77 20.36
SE MSE A 359 -26.96 6.98 21.63
CE MSE A 359 -28.66 6.06 21.97
N THR A 360 -22.85 6.81 17.75
CA THR A 360 -21.73 7.60 17.25
C THR A 360 -20.94 8.29 18.36
N ALA A 361 -21.65 8.92 19.32
CA ALA A 361 -21.03 9.61 20.46
C ALA A 361 -20.18 8.68 21.33
N PHE A 362 -20.45 7.37 21.28
CA PHE A 362 -19.69 6.38 22.08
C PHE A 362 -18.56 5.73 21.27
N ARG A 363 -18.72 5.66 19.96
CA ARG A 363 -17.82 4.94 19.10
C ARG A 363 -16.77 5.77 18.37
N GLN A 364 -17.03 7.03 18.17
CA GLN A 364 -16.11 7.93 17.48
C GLN A 364 -15.46 8.89 18.44
N GLU A 365 -14.28 9.41 18.07
CA GLU A 365 -13.67 10.50 18.82
C GLU A 365 -14.43 11.80 18.55
N LEU A 366 -15.07 12.34 19.60
CA LEU A 366 -15.75 13.64 19.48
C LEU A 366 -14.75 14.72 19.83
N PHE A 367 -14.15 15.34 18.81
CA PHE A 367 -13.04 16.25 19.04
C PHE A 367 -13.48 17.71 19.12
N GLY A 368 -14.30 18.01 20.12
CA GLY A 368 -14.85 19.35 20.30
C GLY A 368 -15.65 19.30 21.57
N PRO A 369 -16.40 20.37 21.87
CA PRO A 369 -16.99 20.52 23.22
C PRO A 369 -18.31 19.76 23.40
N VAL A 370 -18.24 18.43 23.26
CA VAL A 370 -19.45 17.60 23.31
C VAL A 370 -19.19 16.45 24.28
N ALA A 371 -19.88 16.46 25.41
CA ALA A 371 -19.78 15.38 26.40
C ALA A 371 -20.80 14.29 26.11
N ALA A 372 -20.40 13.03 26.31
CA ALA A 372 -21.34 11.90 26.24
C ALA A 372 -21.44 11.26 27.61
N ILE A 373 -22.67 10.99 28.07
CA ILE A 373 -22.88 10.41 29.39
C ILE A 373 -23.63 9.07 29.22
N THR A 374 -23.02 8.02 29.77
CA THR A 374 -23.57 6.67 29.69
C THR A 374 -23.74 6.16 31.12
N VAL A 375 -24.86 5.49 31.39
CA VAL A 375 -25.12 4.98 32.73
C VAL A 375 -24.68 3.52 32.83
N ALA A 376 -23.92 3.20 33.87
CA ALA A 376 -23.44 1.82 34.12
C ALA A 376 -24.20 1.19 35.29
N LYS A 377 -24.57 -0.09 35.15
CA LYS A 377 -25.28 -0.82 36.23
C LYS A 377 -24.46 -0.91 37.52
N ASP A 378 -23.17 -1.13 37.39
CA ASP A 378 -22.27 -1.34 38.52
C ASP A 378 -20.82 -1.18 38.04
N ALA A 379 -19.86 -1.40 38.93
CA ALA A 379 -18.44 -1.22 38.58
C ALA A 379 -17.97 -2.16 37.45
N ALA A 380 -18.41 -3.41 37.48
CA ALA A 380 -18.08 -4.37 36.40
C ALA A 380 -18.60 -3.88 35.04
N HIS A 381 -19.85 -3.39 35.02
CA HIS A 381 -20.40 -2.85 33.77
C HIS A 381 -19.62 -1.60 33.33
N ALA A 382 -19.24 -0.76 34.29
CA ALA A 382 -18.46 0.45 33.97
C ALA A 382 -17.14 0.09 33.26
N LEU A 383 -16.43 -0.90 33.81
CA LEU A 383 -15.19 -1.37 33.22
C LEU A 383 -15.40 -1.89 31.81
N ALA A 384 -16.45 -2.69 31.60
CA ALA A 384 -16.71 -3.25 30.28
C ALA A 384 -17.02 -2.15 29.27
N LEU A 385 -17.77 -1.14 29.73
CA LEU A 385 -18.13 0.00 28.86
C LEU A 385 -16.88 0.81 28.49
N ALA A 386 -16.03 1.04 29.48
CA ALA A 386 -14.76 1.74 29.27
C ALA A 386 -13.88 1.09 28.20
N ASN A 387 -13.80 -0.25 28.25
CA ASN A 387 -12.94 -1.00 27.31
C ASN A 387 -13.59 -1.30 25.97
N ASP A 388 -14.89 -1.01 25.85
CA ASP A 388 -15.60 -1.20 24.61
C ASP A 388 -15.38 0.00 23.69
N SER A 389 -14.16 0.07 23.17
CA SER A 389 -13.73 1.18 22.35
C SER A 389 -12.56 0.72 21.50
N GLU A 390 -12.44 1.29 20.31
CA GLU A 390 -11.26 1.06 19.48
C GLU A 390 -10.09 1.92 19.91
N PHE A 391 -10.35 2.84 20.84
CA PHE A 391 -9.30 3.74 21.33
C PHE A 391 -8.81 3.25 22.67
N GLY A 392 -7.65 3.73 23.11
CA GLY A 392 -7.16 3.32 24.43
C GLY A 392 -6.02 4.21 24.88
N LEU A 393 -6.30 5.50 25.02
CA LEU A 393 -5.19 6.42 25.33
C LEU A 393 -5.01 6.56 26.86
N SER A 394 -6.01 7.12 27.51
CA SER A 394 -5.95 7.37 28.93
C SER A 394 -7.36 7.14 29.52
N ALA A 395 -7.49 7.20 30.84
CA ALA A 395 -8.75 6.91 31.54
C ALA A 395 -8.71 7.54 32.91
N THR A 396 -9.90 7.80 33.47
CA THR A 396 -10.04 8.32 34.82
C THR A 396 -11.07 7.45 35.57
N ILE A 397 -10.77 7.18 36.84
CA ILE A 397 -11.69 6.48 37.74
C ILE A 397 -11.87 7.30 38.99
N PHE A 398 -13.11 7.60 39.35
CA PHE A 398 -13.44 8.25 40.61
C PHE A 398 -14.19 7.27 41.51
N THR A 399 -13.57 6.93 42.65
CA THR A 399 -14.15 6.03 43.66
C THR A 399 -13.36 6.15 44.94
N ALA A 400 -14.04 6.07 46.09
CA ALA A 400 -13.31 6.10 47.35
C ALA A 400 -12.68 4.72 47.67
N ASP A 401 -13.03 3.69 46.89
CA ASP A 401 -12.54 2.34 47.10
C ASP A 401 -11.17 2.15 46.45
N ASP A 402 -10.12 2.40 47.23
CA ASP A 402 -8.72 2.35 46.78
C ASP A 402 -8.36 1.04 46.08
N THR A 403 -8.75 -0.08 46.68
CA THR A 403 -8.46 -1.41 46.13
C THR A 403 -9.14 -1.64 44.80
N LEU A 404 -10.42 -1.30 44.72
CA LEU A 404 -11.18 -1.41 43.49
C LEU A 404 -10.55 -0.56 42.37
N ALA A 405 -10.14 0.66 42.71
CA ALA A 405 -9.49 1.58 41.78
C ALA A 405 -8.24 0.95 41.18
N ALA A 406 -7.39 0.40 42.04
CA ALA A 406 -6.16 -0.30 41.61
C ALA A 406 -6.45 -1.52 40.72
N GLU A 407 -7.46 -2.31 41.07
CA GLU A 407 -7.86 -3.46 40.27
C GLU A 407 -8.41 -3.06 38.89
N MSE A 408 -9.22 -2.01 38.86
CA MSE A 408 -9.79 -1.53 37.62
C MSE A 408 -8.72 -0.95 36.70
O MSE A 408 -8.76 -1.17 35.49
CB MSE A 408 -10.91 -0.52 37.88
CG MSE A 408 -12.18 -1.23 38.31
SE MSE A 408 -13.43 0.09 38.95
CE MSE A 408 -14.20 0.50 37.19
N ALA A 409 -7.76 -0.24 37.30
CA ALA A 409 -6.63 0.34 36.55
C ALA A 409 -5.86 -0.77 35.82
N ALA A 410 -5.60 -1.87 36.51
CA ALA A 410 -4.94 -3.04 35.93
C ALA A 410 -5.70 -3.62 34.73
N ARG A 411 -7.01 -3.47 34.74
CA ARG A 411 -7.84 -4.08 33.71
C ARG A 411 -8.26 -3.10 32.60
N LEU A 412 -7.97 -1.81 32.79
CA LEU A 412 -8.26 -0.81 31.75
C LEU A 412 -7.28 -0.87 30.58
N GLU A 413 -7.82 -1.00 29.38
CA GLU A 413 -7.02 -1.14 28.16
C GLU A 413 -6.61 0.25 27.63
N CYS A 414 -5.67 0.88 28.34
CA CYS A 414 -5.18 2.20 27.96
C CYS A 414 -3.83 2.45 28.61
N GLY A 415 -3.12 3.48 28.15
CA GLY A 415 -1.75 3.73 28.60
C GLY A 415 -1.60 4.63 29.80
N GLY A 416 -2.72 5.16 30.31
CA GLY A 416 -2.65 6.04 31.49
C GLY A 416 -3.95 5.94 32.26
N VAL A 417 -3.86 5.80 33.58
CA VAL A 417 -5.07 5.76 34.41
C VAL A 417 -4.90 6.75 35.56
N PHE A 418 -5.90 7.62 35.71
CA PHE A 418 -5.91 8.64 36.78
C PHE A 418 -7.01 8.33 37.76
N ILE A 419 -6.59 8.12 39.00
CA ILE A 419 -7.53 7.77 40.05
C ILE A 419 -7.79 9.03 40.89
N ASN A 420 -9.05 9.46 40.93
CA ASN A 420 -9.47 10.62 41.75
C ASN A 420 -8.61 11.85 41.48
N GLY A 421 -8.45 12.18 40.20
CA GLY A 421 -7.65 13.35 39.84
C GLY A 421 -7.87 13.73 38.40
N TYR A 422 -7.06 14.68 37.94
CA TYR A 422 -7.18 15.29 36.61
C TYR A 422 -6.13 14.68 35.68
N SER A 423 -6.55 14.03 34.60
CA SER A 423 -5.60 13.48 33.63
C SER A 423 -4.83 14.59 32.93
N ALA A 424 -3.55 14.34 32.66
CA ALA A 424 -2.68 15.26 31.95
C ALA A 424 -1.45 14.52 31.48
N SER A 425 -0.72 15.13 30.56
CA SER A 425 0.63 14.69 30.27
C SER A 425 1.59 15.43 31.20
N ASP A 426 2.70 14.76 31.50
CA ASP A 426 3.67 15.32 32.43
C ASP A 426 4.98 14.65 32.11
N ALA A 427 6.05 15.44 32.09
CA ALA A 427 7.39 14.93 31.74
C ALA A 427 7.85 13.73 32.59
N ARG A 428 7.31 13.65 33.81
CA ARG A 428 7.76 12.64 34.79
C ARG A 428 7.16 11.24 34.54
N VAL A 429 6.18 11.16 33.65
CA VAL A 429 5.47 9.90 33.40
C VAL A 429 5.29 9.61 31.90
N ALA A 430 5.04 8.35 31.58
CA ALA A 430 4.88 7.91 30.21
C ALA A 430 3.54 8.41 29.68
N PHE A 431 3.52 8.72 28.38
CA PHE A 431 2.27 9.10 27.69
C PHE A 431 2.12 8.32 26.39
N GLY A 432 0.95 7.75 26.16
CA GLY A 432 0.66 7.07 24.88
C GLY A 432 -0.31 5.93 25.12
N GLY A 433 -0.82 5.34 24.05
CA GLY A 433 -1.93 4.41 24.22
C GLY A 433 -1.74 3.06 23.55
N VAL A 434 -2.87 2.37 23.41
CA VAL A 434 -2.94 1.06 22.81
C VAL A 434 -4.07 1.09 21.79
N LYS A 435 -4.31 -0.04 21.12
CA LYS A 435 -5.35 -0.16 20.11
C LYS A 435 -5.19 0.95 19.07
N LYS A 436 -6.28 1.58 18.62
CA LYS A 436 -6.14 2.56 17.55
C LYS A 436 -5.57 3.90 18.01
N SER A 437 -5.35 4.06 19.32
CA SER A 437 -4.63 5.22 19.82
C SER A 437 -3.14 5.21 19.44
N GLY A 438 -2.67 4.06 18.94
CA GLY A 438 -1.32 3.98 18.37
C GLY A 438 -0.43 3.05 19.16
N PHE A 439 0.83 3.44 19.28
CA PHE A 439 1.80 2.67 20.04
C PHE A 439 3.05 3.52 20.27
N GLY A 440 3.92 3.04 21.15
CA GLY A 440 5.09 3.81 21.53
C GLY A 440 4.73 4.76 22.65
N ARG A 441 5.74 5.28 23.34
CA ARG A 441 5.51 6.13 24.50
C ARG A 441 6.38 7.38 24.44
N GLU A 442 5.82 8.49 24.90
CA GLU A 442 6.55 9.73 25.01
C GLU A 442 6.78 10.10 26.49
N LEU A 443 7.73 11.01 26.68
CA LEU A 443 8.04 11.59 27.98
C LEU A 443 8.79 10.62 28.90
N SER A 444 9.14 11.11 30.09
CA SER A 444 10.07 10.40 31.00
C SER A 444 11.24 9.82 30.20
N HIS A 445 11.72 8.63 30.56
CA HIS A 445 12.83 8.03 29.81
C HIS A 445 12.35 7.35 28.52
N PHE A 446 11.04 7.10 28.44
CA PHE A 446 10.47 6.47 27.25
C PHE A 446 10.64 7.29 25.99
N GLY A 447 10.28 8.57 26.07
CA GLY A 447 10.40 9.47 24.92
C GLY A 447 11.85 9.70 24.50
N LEU A 448 12.76 9.62 25.45
CA LEU A 448 14.19 9.73 25.14
C LEU A 448 14.74 8.45 24.46
N HIS A 449 14.40 7.27 24.97
CA HIS A 449 14.94 6.03 24.43
C HIS A 449 14.26 5.51 23.16
N GLU A 450 13.04 5.96 22.85
CA GLU A 450 12.33 5.52 21.63
C GLU A 450 13.15 5.79 20.39
N PHE A 451 13.93 6.87 20.42
CA PHE A 451 14.74 7.23 19.24
C PHE A 451 16.24 7.15 19.50
N CYS A 452 16.63 6.16 20.31
CA CYS A 452 18.03 5.77 20.43
C CYS A 452 18.30 4.45 19.70
N ASN A 453 19.53 4.30 19.21
CA ASN A 453 20.06 3.01 18.83
C ASN A 453 20.60 2.39 20.11
N VAL A 454 19.86 1.43 20.66
CA VAL A 454 20.27 0.69 21.85
C VAL A 454 21.37 -0.27 21.39
N GLN A 455 22.59 -0.04 21.85
CA GLN A 455 23.74 -0.75 21.29
C GLN A 455 24.48 -1.55 22.36
N THR A 456 24.59 -2.86 22.17
CA THR A 456 25.40 -3.71 23.05
C THR A 456 26.88 -3.54 22.66
N VAL A 457 27.75 -3.28 23.63
CA VAL A 457 29.19 -3.30 23.38
C VAL A 457 29.84 -4.32 24.30
N TRP A 458 30.43 -5.36 23.72
CA TRP A 458 30.92 -6.50 24.52
C TRP A 458 32.36 -6.77 24.13
N LYS A 459 33.28 -6.65 25.08
CA LYS A 459 34.68 -6.93 24.77
C LYS A 459 35.10 -8.32 25.27
N ASN A 460 36.04 -8.93 24.54
CA ASN A 460 36.69 -10.20 24.97
C ASN A 460 35.70 -11.34 25.15
N ARG A 461 34.70 -11.42 24.29
CA ARG A 461 33.77 -12.56 24.40
C ARG A 461 34.44 -13.77 23.74
N VAL A 462 35.01 -14.64 24.56
CA VAL A 462 35.72 -15.83 24.04
C VAL A 462 35.35 -17.02 24.92
N THR B 5 2.63 -20.36 -4.79
CA THR B 5 3.77 -21.27 -5.16
C THR B 5 3.36 -22.75 -5.16
N ALA B 6 3.01 -23.29 -3.98
CA ALA B 6 2.32 -24.57 -3.87
C ALA B 6 1.05 -24.40 -3.02
N THR B 7 0.19 -25.43 -3.01
CA THR B 7 -1.00 -25.45 -2.15
C THR B 7 -0.63 -25.93 -0.74
N GLN B 8 0.62 -26.33 -0.58
CA GLN B 8 1.15 -26.93 0.65
C GLN B 8 2.42 -26.20 1.11
N ALA B 9 2.63 -26.20 2.42
CA ALA B 9 3.96 -25.96 2.97
C ALA B 9 4.73 -27.27 2.74
N LEU B 10 5.91 -27.24 2.12
CA LEU B 10 6.64 -28.48 1.77
C LEU B 10 7.96 -28.59 2.56
N SER B 11 8.19 -29.75 3.17
CA SER B 11 9.47 -30.04 3.81
C SER B 11 10.22 -30.99 2.90
N VAL B 12 11.48 -30.64 2.62
CA VAL B 12 12.38 -31.45 1.82
C VAL B 12 13.72 -31.48 2.54
N ASN B 13 14.31 -32.66 2.69
CA ASN B 13 15.62 -32.75 3.34
C ASN B 13 16.68 -32.20 2.41
N PRO B 14 17.34 -31.07 2.77
CA PRO B 14 18.32 -30.49 1.84
C PRO B 14 19.61 -31.33 1.66
N ALA B 15 19.87 -32.27 2.59
CA ALA B 15 21.02 -33.15 2.44
C ALA B 15 20.81 -34.21 1.34
N THR B 16 19.55 -34.56 1.10
CA THR B 16 19.24 -35.69 0.22
C THR B 16 18.38 -35.28 -0.98
N GLY B 17 17.74 -34.12 -0.88
CA GLY B 17 16.77 -33.70 -1.91
C GLY B 17 15.43 -34.38 -1.84
N GLN B 18 15.18 -35.22 -0.83
CA GLN B 18 13.95 -35.97 -0.80
C GLN B 18 12.85 -35.34 0.06
N THR B 19 11.62 -35.45 -0.45
CA THR B 19 10.42 -34.93 0.20
C THR B 19 10.24 -35.57 1.56
N LEU B 20 9.97 -34.74 2.54
CA LEU B 20 9.67 -35.20 3.90
C LEU B 20 8.19 -35.18 4.21
N ALA B 21 7.53 -34.09 3.87
CA ALA B 21 6.11 -33.91 4.26
C ALA B 21 5.54 -32.75 3.48
N ALA B 22 4.22 -32.74 3.34
CA ALA B 22 3.53 -31.58 2.78
C ALA B 22 2.37 -31.29 3.70
N MSE B 23 2.17 -30.01 4.02
CA MSE B 23 1.06 -29.59 4.84
C MSE B 23 0.22 -28.50 4.17
O MSE B 23 0.76 -27.45 3.81
CB MSE B 23 1.57 -29.10 6.21
CG MSE B 23 0.47 -28.76 7.18
SE MSE B 23 1.22 -28.02 8.83
CE MSE B 23 2.27 -29.58 9.33
N PRO B 24 -1.10 -28.71 4.04
CA PRO B 24 -1.96 -27.71 3.40
C PRO B 24 -1.98 -26.40 4.21
N TRP B 25 -2.13 -25.27 3.53
CA TRP B 25 -2.35 -24.00 4.23
C TRP B 25 -3.58 -24.07 5.10
N ALA B 26 -3.54 -23.36 6.23
CA ALA B 26 -4.71 -23.17 7.10
C ALA B 26 -5.88 -22.58 6.30
N ASN B 27 -7.06 -23.18 6.45
CA ASN B 27 -8.27 -22.61 5.86
C ASN B 27 -8.90 -21.55 6.76
N ALA B 28 -10.02 -20.97 6.31
CA ALA B 28 -10.70 -19.91 7.05
C ALA B 28 -11.09 -20.32 8.48
N GLN B 29 -11.61 -21.54 8.61
CA GLN B 29 -12.05 -22.04 9.91
C GLN B 29 -10.86 -22.19 10.86
N GLU B 30 -9.73 -22.64 10.30
CA GLU B 30 -8.52 -22.88 11.09
C GLU B 30 -7.86 -21.56 11.54
N ILE B 31 -7.87 -20.55 10.69
CA ILE B 31 -7.34 -19.23 11.05
C ILE B 31 -8.21 -18.62 12.16
N GLU B 32 -9.54 -18.69 11.97
CA GLU B 32 -10.46 -18.22 13.00
C GLU B 32 -10.27 -18.93 14.35
N HIS B 33 -10.09 -20.26 14.32
CA HIS B 33 -9.88 -21.02 15.56
C HIS B 33 -8.57 -20.60 16.23
N ALA B 34 -7.51 -20.43 15.44
CA ALA B 34 -6.21 -19.98 16.00
C ALA B 34 -6.35 -18.63 16.71
N LEU B 35 -7.04 -17.68 16.06
CA LEU B 35 -7.25 -16.37 16.67
C LEU B 35 -8.17 -16.43 17.89
N SER B 36 -9.26 -17.19 17.78
CA SER B 36 -10.20 -17.29 18.89
C SER B 36 -9.56 -17.94 20.11
N LEU B 37 -8.78 -19.00 19.89
CA LEU B 37 -8.09 -19.66 21.00
C LEU B 37 -7.02 -18.77 21.62
N ALA B 38 -6.23 -18.10 20.79
CA ALA B 38 -5.25 -17.14 21.29
C ALA B 38 -5.89 -16.07 22.19
N ALA B 39 -7.04 -15.54 21.76
CA ALA B 39 -7.75 -14.49 22.52
C ALA B 39 -8.28 -15.01 23.85
N SER B 40 -8.89 -16.19 23.85
CA SER B 40 -9.42 -16.75 25.11
C SER B 40 -8.26 -17.17 26.04
N GLY B 41 -7.19 -17.72 25.45
CA GLY B 41 -5.96 -17.99 26.21
C GLY B 41 -5.41 -16.75 26.90
N PHE B 42 -5.28 -15.66 26.13
CA PHE B 42 -4.80 -14.39 26.67
C PHE B 42 -5.69 -13.88 27.82
N LYS B 43 -7.01 -13.98 27.65
CA LYS B 43 -7.95 -13.47 28.66
C LYS B 43 -7.70 -14.13 30.02
N LYS B 44 -7.33 -15.41 30.02
CA LYS B 44 -6.99 -16.10 31.28
C LYS B 44 -5.56 -15.83 31.71
N TRP B 45 -4.62 -15.94 30.76
CA TRP B 45 -3.18 -15.81 31.06
C TRP B 45 -2.80 -14.44 31.66
N LYS B 46 -3.43 -13.38 31.17
CA LYS B 46 -3.13 -12.02 31.68
C LYS B 46 -3.47 -11.87 33.16
N MSE B 47 -4.37 -12.70 33.66
CA MSE B 47 -4.80 -12.69 35.07
C MSE B 47 -3.93 -13.58 35.97
O MSE B 47 -4.09 -13.58 37.18
CB MSE B 47 -6.26 -13.12 35.21
CG MSE B 47 -7.24 -12.37 34.32
SE MSE B 47 -7.15 -10.47 34.73
CE MSE B 47 -8.00 -10.48 36.51
N THR B 48 -3.02 -14.35 35.38
CA THR B 48 -2.13 -15.23 36.17
C THR B 48 -1.06 -14.40 36.90
N SER B 49 -0.45 -14.95 37.95
CA SER B 49 0.65 -14.23 38.62
C SER B 49 1.90 -14.39 37.78
N VAL B 50 2.81 -13.43 37.88
CA VAL B 50 4.10 -13.58 37.23
C VAL B 50 4.81 -14.89 37.70
N ALA B 51 4.66 -15.23 38.99
CA ALA B 51 5.27 -16.45 39.53
C ALA B 51 4.82 -17.70 38.78
N GLN B 52 3.52 -17.76 38.48
CA GLN B 52 2.93 -18.88 37.73
C GLN B 52 3.49 -18.96 36.31
N ARG B 53 3.60 -17.80 35.67
CA ARG B 53 4.15 -17.74 34.31
C ARG B 53 5.62 -18.15 34.30
N ALA B 54 6.37 -17.70 35.31
CA ALA B 54 7.78 -18.06 35.42
C ALA B 54 7.93 -19.57 35.61
N GLN B 55 7.03 -20.17 36.39
CA GLN B 55 7.06 -21.62 36.57
C GLN B 55 6.76 -22.34 35.25
N THR B 56 5.85 -21.79 34.47
CA THR B 56 5.55 -22.38 33.16
C THR B 56 6.82 -22.33 32.28
N LEU B 57 7.55 -21.22 32.32
CA LEU B 57 8.85 -21.16 31.60
C LEU B 57 9.80 -22.30 32.01
N ARG B 58 9.93 -22.53 33.31
CA ARG B 58 10.76 -23.65 33.79
C ARG B 58 10.26 -24.99 33.25
N ASP B 59 8.94 -25.17 33.24
CA ASP B 59 8.33 -26.41 32.73
C ASP B 59 8.61 -26.62 31.24
N ILE B 60 8.61 -25.52 30.48
CA ILE B 60 8.90 -25.59 29.05
C ILE B 60 10.38 -26.00 28.86
N GLY B 61 11.26 -25.39 29.65
CA GLY B 61 12.68 -25.74 29.61
C GLY B 61 12.85 -27.24 29.87
N GLN B 62 12.13 -27.75 30.87
CA GLN B 62 12.21 -29.17 31.23
C GLN B 62 11.72 -30.09 30.08
N ALA B 63 10.59 -29.75 29.47
CA ALA B 63 10.02 -30.55 28.39
C ALA B 63 10.91 -30.53 27.17
N LEU B 64 11.50 -29.37 26.87
N LEU B 64 11.43 -29.36 26.94
CA LEU B 64 12.43 -29.27 25.77
CA LEU B 64 12.36 -29.26 25.84
C LEU B 64 13.65 -30.17 26.00
C LEU B 64 13.58 -30.16 26.07
N ARG B 65 14.21 -30.12 27.21
CA ARG B 65 15.38 -30.96 27.50
C ARG B 65 15.04 -32.46 27.48
N ALA B 66 13.81 -32.79 27.85
CA ALA B 66 13.33 -34.17 27.77
C ALA B 66 13.19 -34.69 26.34
N HIS B 67 13.08 -33.80 25.37
CA HIS B 67 12.91 -34.18 23.97
C HIS B 67 14.05 -33.64 23.11
N ALA B 68 15.20 -33.41 23.74
CA ALA B 68 16.25 -32.59 23.13
C ALA B 68 16.80 -33.20 21.85
N GLU B 69 17.06 -34.51 21.85
CA GLU B 69 17.67 -35.12 20.69
C GLU B 69 16.65 -35.23 19.54
N GLU B 70 15.40 -35.54 19.85
CA GLU B 70 14.35 -35.56 18.84
C GLU B 70 14.20 -34.18 18.17
N MSE B 71 14.28 -33.13 18.99
CA MSE B 71 14.16 -31.75 18.49
C MSE B 71 15.34 -31.41 17.56
O MSE B 71 15.14 -30.86 16.48
CB MSE B 71 14.07 -30.75 19.66
CG MSE B 71 13.90 -29.30 19.25
SE MSE B 71 12.00 -28.97 18.72
CE MSE B 71 12.27 -28.75 16.79
N ALA B 72 16.55 -31.72 18.01
CA ALA B 72 17.76 -31.40 17.21
C ALA B 72 17.75 -32.16 15.89
N GLN B 73 17.32 -33.43 15.94
CA GLN B 73 17.25 -34.24 14.74
C GLN B 73 16.23 -33.62 13.76
N CYS B 74 15.11 -33.12 14.28
CA CYS B 74 14.09 -32.49 13.42
C CYS B 74 14.65 -31.26 12.70
N ILE B 75 15.40 -30.45 13.45
CA ILE B 75 16.05 -29.25 12.92
C ILE B 75 17.01 -29.60 11.79
N THR B 76 17.91 -30.54 12.05
CA THR B 76 18.86 -30.97 11.03
C THR B 76 18.14 -31.55 9.79
N ARG B 77 17.15 -32.41 10.02
CA ARG B 77 16.46 -33.10 8.93
C ARG B 77 15.79 -32.11 7.98
N GLU B 78 15.11 -31.12 8.55
CA GLU B 78 14.31 -30.20 7.73
C GLU B 78 15.12 -29.05 7.08
N MSE B 79 16.21 -28.61 7.71
CA MSE B 79 16.94 -27.47 7.13
C MSE B 79 18.48 -27.59 7.02
O MSE B 79 19.13 -26.67 6.55
CB MSE B 79 16.46 -26.10 7.73
CG MSE B 79 16.44 -25.99 9.27
SE MSE B 79 18.26 -26.05 9.99
CE MSE B 79 19.03 -24.43 9.12
N GLY B 80 19.03 -28.75 7.41
CA GLY B 80 20.41 -29.09 7.03
C GLY B 80 21.52 -28.68 7.99
N LYS B 81 21.18 -28.02 9.10
CA LYS B 81 22.17 -27.61 10.11
C LYS B 81 22.96 -28.85 10.61
N PRO B 82 24.30 -28.75 10.69
CA PRO B 82 25.08 -29.81 11.36
C PRO B 82 24.47 -30.18 12.71
N ILE B 83 24.32 -31.47 12.96
CA ILE B 83 23.66 -31.94 14.18
C ILE B 83 24.28 -31.39 15.46
N LYS B 84 25.61 -31.21 15.48
CA LYS B 84 26.29 -30.58 16.64
C LYS B 84 25.70 -29.20 16.95
N GLN B 85 25.45 -28.42 15.90
CA GLN B 85 24.89 -27.07 16.04
C GLN B 85 23.39 -27.09 16.35
N ALA B 86 22.65 -28.07 15.79
CA ALA B 86 21.23 -28.20 16.15
C ALA B 86 21.08 -28.53 17.64
N ARG B 87 21.94 -29.40 18.16
CA ARG B 87 21.91 -29.72 19.61
C ARG B 87 22.24 -28.48 20.45
N ALA B 88 23.23 -27.70 20.02
CA ALA B 88 23.58 -26.45 20.72
C ALA B 88 22.40 -25.46 20.72
N GLU B 89 21.64 -25.40 19.63
CA GLU B 89 20.47 -24.53 19.53
C GLU B 89 19.43 -24.95 20.58
N VAL B 90 19.21 -26.26 20.72
CA VAL B 90 18.28 -26.73 21.77
C VAL B 90 18.78 -26.34 23.18
N THR B 91 20.07 -26.54 23.42
CA THR B 91 20.64 -26.22 24.74
C THR B 91 20.44 -24.74 25.08
N LYS B 92 20.76 -23.87 24.12
CA LYS B 92 20.63 -22.42 24.31
C LYS B 92 19.17 -22.00 24.52
N SER B 93 18.25 -22.57 23.73
CA SER B 93 16.82 -22.30 23.85
C SER B 93 16.26 -22.71 25.22
N ALA B 94 16.64 -23.90 25.71
CA ALA B 94 16.20 -24.32 27.06
C ALA B 94 16.76 -23.40 28.17
N ALA B 95 18.01 -23.00 28.00
CA ALA B 95 18.67 -22.15 28.99
C ALA B 95 17.95 -20.79 29.05
N LEU B 96 17.45 -20.34 27.90
CA LEU B 96 16.71 -19.08 27.83
C LEU B 96 15.43 -19.13 28.70
N CYS B 97 14.72 -20.25 28.66
CA CYS B 97 13.54 -20.46 29.52
C CYS B 97 13.90 -20.26 30.99
N ASP B 98 14.98 -20.89 31.43
CA ASP B 98 15.41 -20.76 32.83
C ASP B 98 15.92 -19.37 33.17
N TRP B 99 16.65 -18.74 32.25
CA TRP B 99 17.15 -17.38 32.49
C TRP B 99 16.02 -16.38 32.71
N TYR B 100 15.02 -16.39 31.84
CA TYR B 100 13.85 -15.50 32.05
C TYR B 100 13.01 -15.86 33.29
N ALA B 101 12.91 -17.14 33.64
CA ALA B 101 12.21 -17.52 34.84
C ALA B 101 12.87 -16.89 36.06
N GLU B 102 14.20 -16.82 36.03
CA GLU B 102 15.00 -16.28 37.11
C GLU B 102 15.00 -14.75 37.14
N HIS B 103 15.27 -14.12 35.99
CA HIS B 103 15.54 -12.67 35.95
C HIS B 103 14.39 -11.83 35.44
N GLY B 104 13.44 -12.47 34.77
CA GLY B 104 12.31 -11.77 34.15
C GLY B 104 11.32 -11.14 35.13
N PRO B 105 10.91 -11.88 36.17
CA PRO B 105 9.87 -11.30 37.05
C PRO B 105 10.20 -9.90 37.57
N ALA B 106 11.44 -9.67 38.01
CA ALA B 106 11.81 -8.33 38.54
C ALA B 106 11.67 -7.22 37.50
N MSE B 107 11.80 -7.57 36.23
CA MSE B 107 11.65 -6.61 35.14
C MSE B 107 10.21 -6.13 34.98
O MSE B 107 9.97 -5.14 34.29
CB MSE B 107 12.12 -7.22 33.81
CG MSE B 107 13.57 -7.62 33.80
SE MSE B 107 13.92 -8.66 32.16
CE MSE B 107 15.79 -8.85 32.45
N LEU B 108 9.28 -6.82 35.62
CA LEU B 108 7.86 -6.46 35.54
C LEU B 108 7.38 -5.72 36.79
N ASN B 109 8.30 -5.43 37.70
CA ASN B 109 7.98 -4.60 38.87
C ASN B 109 7.59 -3.20 38.42
N PRO B 110 6.62 -2.57 39.10
CA PRO B 110 6.30 -1.17 38.74
C PRO B 110 7.47 -0.26 39.00
N GLU B 111 7.63 0.79 38.19
CA GLU B 111 8.70 1.76 38.36
C GLU B 111 8.19 2.93 39.19
N PRO B 112 8.98 3.36 40.20
CA PRO B 112 8.66 4.65 40.85
C PRO B 112 8.86 5.80 39.87
N THR B 113 8.26 6.95 40.18
CA THR B 113 8.45 8.15 39.36
C THR B 113 8.81 9.30 40.29
N LEU B 114 9.20 10.44 39.70
CA LEU B 114 9.55 11.63 40.47
C LEU B 114 8.34 12.42 40.96
N VAL B 115 7.13 11.95 40.62
CA VAL B 115 5.92 12.59 41.14
C VAL B 115 5.93 12.51 42.67
N GLU B 116 5.61 13.62 43.35
CA GLU B 116 5.70 13.68 44.82
C GLU B 116 4.85 12.66 45.57
N ASN B 117 5.36 12.21 46.72
CA ASN B 117 4.65 11.34 47.65
C ASN B 117 4.15 10.02 47.09
N GLN B 118 4.96 9.41 46.23
CA GLN B 118 4.68 8.08 45.68
C GLN B 118 3.28 8.00 45.05
N GLN B 119 2.83 9.08 44.43
CA GLN B 119 1.48 9.11 43.86
C GLN B 119 1.38 8.54 42.41
N ALA B 120 2.50 8.38 41.74
CA ALA B 120 2.48 7.82 40.37
C ALA B 120 3.52 6.74 40.17
N VAL B 121 3.11 5.66 39.50
CA VAL B 121 4.03 4.59 39.13
C VAL B 121 3.82 4.26 37.66
N ILE B 122 4.78 3.54 37.06
CA ILE B 122 4.64 3.01 35.73
C ILE B 122 4.49 1.50 35.85
N GLU B 123 3.43 0.95 35.26
CA GLU B 123 3.20 -0.50 35.33
C GLU B 123 3.45 -1.10 33.97
N TYR B 124 3.90 -2.36 33.91
CA TYR B 124 4.13 -3.03 32.63
C TYR B 124 3.04 -4.06 32.44
N ARG B 125 1.99 -3.69 31.70
CA ARG B 125 0.82 -4.55 31.52
C ARG B 125 0.96 -5.42 30.27
N PRO B 126 0.33 -6.60 30.26
CA PRO B 126 0.17 -7.43 29.07
C PRO B 126 -0.50 -6.63 27.96
N LEU B 127 -0.08 -6.83 26.72
CA LEU B 127 -0.70 -6.17 25.58
C LEU B 127 -1.84 -6.98 24.93
N GLY B 128 -1.59 -8.28 24.70
CA GLY B 128 -2.59 -9.12 24.06
C GLY B 128 -1.95 -10.27 23.31
N VAL B 129 -2.50 -10.62 22.16
CA VAL B 129 -1.95 -11.70 21.33
C VAL B 129 -0.90 -11.08 20.38
N ILE B 130 0.31 -11.64 20.39
CA ILE B 130 1.36 -11.16 19.51
C ILE B 130 1.50 -12.18 18.40
N LEU B 131 1.33 -11.73 17.15
CA LEU B 131 1.55 -12.55 15.96
C LEU B 131 3.05 -12.57 15.66
N ALA B 132 3.63 -13.78 15.52
CA ALA B 132 5.07 -13.90 15.28
C ALA B 132 5.28 -14.57 13.92
N ILE B 133 6.13 -13.97 13.08
CA ILE B 133 6.45 -14.51 11.76
C ILE B 133 7.93 -14.82 11.72
N MSE B 134 8.27 -16.11 11.63
CA MSE B 134 9.62 -16.58 11.94
C MSE B 134 10.27 -17.30 10.73
O MSE B 134 9.57 -17.81 9.85
CB MSE B 134 9.59 -17.49 13.18
CG MSE B 134 9.17 -16.78 14.48
SE MSE B 134 10.57 -15.51 14.98
CE MSE B 134 9.50 -13.88 15.34
N PRO B 135 11.62 -17.34 10.70
CA PRO B 135 12.35 -17.94 9.59
C PRO B 135 12.88 -19.35 9.94
N TRP B 136 13.50 -20.00 8.95
CA TRP B 136 13.90 -21.41 9.09
C TRP B 136 15.33 -21.55 9.66
N ASN B 137 16.09 -20.47 9.81
CA ASN B 137 17.53 -20.70 10.09
C ASN B 137 17.86 -21.19 11.52
N PHE B 138 17.06 -20.76 12.49
CA PHE B 138 17.09 -21.34 13.85
C PHE B 138 15.64 -21.63 14.21
N PRO B 139 15.10 -22.79 13.75
CA PRO B 139 13.67 -23.05 13.85
C PRO B 139 13.13 -23.10 15.27
N LEU B 140 14.01 -23.37 16.24
CA LEU B 140 13.59 -23.37 17.63
C LEU B 140 13.99 -22.06 18.33
N TRP B 141 15.27 -21.70 18.24
CA TRP B 141 15.79 -20.52 18.95
C TRP B 141 15.06 -19.21 18.56
N GLN B 142 14.80 -19.02 17.27
CA GLN B 142 14.13 -17.78 16.83
C GLN B 142 12.74 -17.68 17.45
N VAL B 143 12.05 -18.81 17.54
CA VAL B 143 10.72 -18.84 18.17
C VAL B 143 10.82 -18.48 19.66
N LEU B 144 11.66 -19.20 20.40
CA LEU B 144 11.73 -19.00 21.83
C LEU B 144 12.36 -17.66 22.23
N ARG B 145 13.27 -17.15 21.39
CA ARG B 145 13.94 -15.84 21.66
C ARG B 145 12.88 -14.77 21.96
N GLY B 146 11.80 -14.79 21.19
CA GLY B 146 10.67 -13.88 21.41
C GLY B 146 9.61 -14.47 22.31
N ALA B 147 9.24 -15.74 22.09
CA ALA B 147 8.09 -16.32 22.82
C ALA B 147 8.26 -16.31 24.35
N VAL B 148 9.47 -16.60 24.80
CA VAL B 148 9.74 -16.70 26.25
C VAL B 148 9.42 -15.36 26.97
N PRO B 149 10.08 -14.25 26.58
CA PRO B 149 9.68 -12.98 27.23
C PRO B 149 8.24 -12.50 26.95
N ILE B 150 7.73 -12.77 25.75
CA ILE B 150 6.38 -12.38 25.38
C ILE B 150 5.40 -13.08 26.31
N LEU B 151 5.61 -14.39 26.56
CA LEU B 151 4.73 -15.10 27.47
C LEU B 151 4.87 -14.63 28.91
N LEU B 152 6.11 -14.40 29.36
CA LEU B 152 6.32 -13.93 30.74
C LEU B 152 5.62 -12.60 31.02
N ALA B 153 5.59 -11.71 30.03
CA ALA B 153 4.89 -10.42 30.12
C ALA B 153 3.34 -10.56 30.19
N GLY B 154 2.84 -11.78 30.00
CA GLY B 154 1.39 -12.03 30.12
C GLY B 154 0.62 -12.02 28.80
N ASN B 155 1.36 -12.03 27.68
CA ASN B 155 0.77 -12.04 26.35
C ASN B 155 0.58 -13.48 25.87
N SER B 156 -0.27 -13.65 24.86
CA SER B 156 -0.29 -14.89 24.08
C SER B 156 0.64 -14.73 22.88
N TYR B 157 1.08 -15.86 22.33
CA TYR B 157 2.01 -15.88 21.20
C TYR B 157 1.44 -16.81 20.13
N LEU B 158 1.28 -16.26 18.92
CA LEU B 158 0.69 -17.00 17.80
C LEU B 158 1.68 -17.00 16.66
N LEU B 159 2.23 -18.18 16.40
CA LEU B 159 3.34 -18.35 15.45
C LEU B 159 2.88 -18.69 14.03
N LYS B 160 3.44 -18.01 13.04
CA LYS B 160 3.41 -18.52 11.68
C LYS B 160 4.85 -18.80 11.33
N HIS B 161 5.19 -20.09 11.19
CA HIS B 161 6.58 -20.46 11.00
C HIS B 161 6.88 -20.57 9.52
N ALA B 162 8.16 -20.60 9.15
CA ALA B 162 8.57 -20.77 7.76
C ALA B 162 8.04 -22.09 7.19
N PRO B 163 7.57 -22.09 5.93
CA PRO B 163 6.88 -23.26 5.39
C PRO B 163 7.74 -24.51 5.16
N ASN B 164 9.06 -24.38 5.26
CA ASN B 164 9.96 -25.54 5.13
C ASN B 164 10.30 -26.22 6.48
N VAL B 165 9.81 -25.67 7.59
CA VAL B 165 10.09 -26.25 8.91
C VAL B 165 8.80 -26.51 9.72
N THR B 166 7.72 -26.90 9.03
CA THR B 166 6.46 -27.12 9.73
C THR B 166 6.51 -28.35 10.63
N GLY B 167 7.37 -29.32 10.32
CA GLY B 167 7.65 -30.45 11.23
C GLY B 167 8.22 -29.96 12.56
N CYS B 168 9.20 -29.06 12.50
CA CYS B 168 9.75 -28.44 13.72
C CYS B 168 8.65 -27.69 14.45
N ALA B 169 7.86 -26.91 13.71
CA ALA B 169 6.75 -26.17 14.34
C ALA B 169 5.79 -27.09 15.08
N GLN B 170 5.39 -28.19 14.43
CA GLN B 170 4.49 -29.16 15.10
C GLN B 170 5.14 -29.72 16.37
N MSE B 171 6.43 -30.00 16.30
CA MSE B 171 7.12 -30.58 17.45
C MSE B 171 7.21 -29.61 18.62
O MSE B 171 6.96 -30.00 19.77
CB MSE B 171 8.51 -31.09 17.07
CG MSE B 171 9.17 -31.83 18.19
SE MSE B 171 10.81 -32.64 17.51
CE MSE B 171 10.09 -33.91 16.22
N ILE B 172 7.56 -28.36 18.34
CA ILE B 172 7.58 -27.31 19.38
C ILE B 172 6.21 -27.19 20.07
N ALA B 173 5.14 -27.19 19.27
CA ALA B 173 3.81 -27.11 19.85
C ALA B 173 3.53 -28.28 20.80
N ARG B 174 3.88 -29.50 20.38
CA ARG B 174 3.71 -30.70 21.24
C ARG B 174 4.48 -30.56 22.56
N ILE B 175 5.71 -30.07 22.48
CA ILE B 175 6.57 -29.94 23.66
C ILE B 175 6.00 -28.88 24.63
N LEU B 176 5.59 -27.74 24.07
CA LEU B 176 5.01 -26.70 24.92
C LEU B 176 3.69 -27.13 25.54
N ALA B 177 2.91 -27.95 24.80
CA ALA B 177 1.69 -28.52 25.35
C ALA B 177 1.99 -29.52 26.49
N GLU B 178 3.00 -30.37 26.29
CA GLU B 178 3.45 -31.29 27.35
C GLU B 178 3.87 -30.55 28.61
N ALA B 179 4.46 -29.37 28.44
CA ALA B 179 4.91 -28.57 29.57
C ALA B 179 3.74 -27.96 30.34
N GLY B 180 2.53 -28.07 29.82
CA GLY B 180 1.39 -27.48 30.48
C GLY B 180 1.13 -26.02 30.11
N THR B 181 1.69 -25.56 28.99
CA THR B 181 1.37 -24.21 28.52
C THR B 181 -0.12 -24.19 28.14
N PRO B 182 -0.92 -23.27 28.72
CA PRO B 182 -2.36 -23.32 28.47
C PRO B 182 -2.69 -23.13 26.99
N ALA B 183 -3.83 -23.70 26.56
CA ALA B 183 -4.24 -23.64 25.16
C ALA B 183 -4.38 -22.18 24.76
N GLY B 184 -3.89 -21.82 23.58
CA GLY B 184 -4.00 -20.43 23.10
C GLY B 184 -2.89 -19.51 23.57
N VAL B 185 -2.28 -19.81 24.73
CA VAL B 185 -1.18 -18.97 25.21
C VAL B 185 0.04 -19.10 24.29
N TYR B 186 0.33 -20.34 23.87
CA TYR B 186 1.23 -20.57 22.75
C TYR B 186 0.45 -21.38 21.72
N GLY B 187 0.53 -20.96 20.46
CA GLY B 187 -0.16 -21.67 19.37
C GLY B 187 0.52 -21.38 18.06
N TRP B 188 0.18 -22.14 17.03
CA TRP B 188 0.71 -21.83 15.72
C TRP B 188 -0.30 -22.17 14.63
N VAL B 189 -0.08 -21.60 13.45
CA VAL B 189 -1.00 -21.80 12.34
C VAL B 189 -0.20 -21.77 11.04
N ASN B 190 -0.47 -22.74 10.16
CA ASN B 190 0.22 -22.78 8.86
C ASN B 190 -0.47 -21.88 7.83
N ALA B 191 -0.41 -20.58 8.10
CA ALA B 191 -1.08 -19.59 7.26
C ALA B 191 -0.27 -19.27 6.03
N ASN B 192 -0.94 -19.06 4.90
CA ASN B 192 -0.26 -18.48 3.74
C ASN B 192 -0.20 -16.96 3.92
N ASN B 193 0.36 -16.26 2.94
CA ASN B 193 0.51 -14.81 3.01
C ASN B 193 -0.81 -14.08 3.23
N GLU B 194 -1.87 -14.57 2.58
CA GLU B 194 -3.21 -14.00 2.71
C GLU B 194 -3.74 -14.20 4.13
N GLY B 195 -3.48 -15.39 4.69
CA GLY B 195 -3.85 -15.68 6.06
C GLY B 195 -3.13 -14.77 7.04
N VAL B 196 -1.85 -14.50 6.79
CA VAL B 196 -1.10 -13.55 7.63
C VAL B 196 -1.72 -12.15 7.59
N SER B 197 -2.05 -11.66 6.39
CA SER B 197 -2.75 -10.37 6.24
C SER B 197 -4.04 -10.33 7.03
N GLN B 198 -4.86 -11.39 6.90
CA GLN B 198 -6.11 -11.52 7.65
C GLN B 198 -5.88 -11.36 9.15
N MSE B 199 -4.85 -12.03 9.68
CA MSE B 199 -4.57 -11.97 11.11
C MSE B 199 -4.07 -10.60 11.54
O MSE B 199 -4.55 -10.07 12.54
CB MSE B 199 -3.59 -13.07 11.53
CG MSE B 199 -4.19 -14.45 11.28
SE MSE B 199 -3.09 -15.86 12.06
CE MSE B 199 -1.64 -15.85 10.74
N ILE B 200 -3.16 -10.00 10.77
CA ILE B 200 -2.63 -8.65 11.11
C ILE B 200 -3.79 -7.65 11.22
N ASN B 201 -4.77 -7.79 10.33
CA ASN B 201 -5.95 -6.93 10.32
C ASN B 201 -7.06 -7.28 11.31
N ASP B 202 -6.89 -8.34 12.09
CA ASP B 202 -7.90 -8.78 13.05
C ASP B 202 -7.62 -8.12 14.40
N PRO B 203 -8.66 -7.54 15.05
CA PRO B 203 -8.43 -6.84 16.33
C PRO B 203 -7.89 -7.71 17.46
N ARG B 204 -8.02 -9.03 17.34
CA ARG B 204 -7.44 -9.94 18.34
C ARG B 204 -5.91 -10.01 18.31
N ILE B 205 -5.29 -9.60 17.20
CA ILE B 205 -3.82 -9.45 17.16
C ILE B 205 -3.47 -8.05 17.64
N ALA B 206 -2.70 -7.94 18.73
CA ALA B 206 -2.36 -6.63 19.31
C ALA B 206 -1.10 -6.02 18.68
N ALA B 207 -0.15 -6.87 18.31
CA ALA B 207 1.16 -6.43 17.81
C ALA B 207 1.79 -7.58 17.04
N VAL B 208 2.91 -7.30 16.37
CA VAL B 208 3.55 -8.26 15.46
C VAL B 208 5.08 -8.29 15.69
N THR B 209 5.67 -9.48 15.59
CA THR B 209 7.12 -9.56 15.63
C THR B 209 7.57 -10.38 14.41
N VAL B 210 8.57 -9.87 13.69
CA VAL B 210 9.06 -10.52 12.49
C VAL B 210 10.57 -10.72 12.57
N THR B 211 11.02 -11.94 12.27
CA THR B 211 12.45 -12.22 12.07
C THR B 211 12.54 -12.83 10.68
N GLY B 212 13.33 -12.24 9.79
CA GLY B 212 13.30 -12.70 8.40
C GLY B 212 14.06 -11.77 7.48
N SER B 213 13.74 -11.83 6.20
CA SER B 213 14.43 -11.01 5.20
C SER B 213 13.94 -9.57 5.27
N VAL B 214 14.72 -8.68 4.67
CA VAL B 214 14.28 -7.29 4.43
C VAL B 214 12.91 -7.22 3.72
N ARG B 215 12.72 -8.01 2.65
CA ARG B 215 11.45 -7.98 1.91
C ARG B 215 10.27 -8.36 2.77
N ALA B 216 10.42 -9.41 3.58
CA ALA B 216 9.38 -9.85 4.49
C ALA B 216 9.06 -8.76 5.51
N GLY B 217 10.11 -8.19 6.10
CA GLY B 217 9.96 -7.13 7.09
C GLY B 217 9.19 -5.93 6.53
N ALA B 218 9.51 -5.55 5.29
CA ALA B 218 8.83 -4.40 4.67
C ALA B 218 7.38 -4.73 4.37
N ALA B 219 7.12 -5.95 3.90
CA ALA B 219 5.77 -6.34 3.53
C ALA B 219 4.89 -6.45 4.79
N ILE B 220 5.47 -6.96 5.87
CA ILE B 220 4.69 -7.15 7.10
C ILE B 220 4.58 -5.83 7.88
N GLY B 221 5.68 -5.09 7.96
CA GLY B 221 5.73 -3.82 8.70
C GLY B 221 4.75 -2.81 8.12
N ALA B 222 4.62 -2.82 6.80
CA ALA B 222 3.66 -1.95 6.11
C ALA B 222 2.23 -2.28 6.54
N GLN B 223 1.91 -3.57 6.65
CA GLN B 223 0.56 -3.97 7.03
C GLN B 223 0.28 -3.67 8.50
N ALA B 224 1.28 -3.90 9.35
CA ALA B 224 1.15 -3.61 10.78
C ALA B 224 0.92 -2.12 11.04
N GLY B 225 1.74 -1.27 10.39
CA GLY B 225 1.59 0.18 10.50
C GLY B 225 0.21 0.64 10.07
N ALA B 226 -0.27 0.08 8.96
CA ALA B 226 -1.59 0.44 8.41
C ALA B 226 -2.69 0.07 9.40
N ALA B 227 -2.45 -0.96 10.21
CA ALA B 227 -3.42 -1.46 11.18
C ALA B 227 -3.19 -0.86 12.57
N LEU B 228 -2.23 0.08 12.67
CA LEU B 228 -1.88 0.75 13.94
C LEU B 228 -1.34 -0.21 15.01
N LYS B 229 -0.59 -1.20 14.54
CA LYS B 229 0.02 -2.17 15.42
C LYS B 229 1.52 -2.10 15.37
N LYS B 230 2.09 -2.16 16.55
CA LYS B 230 3.52 -2.07 16.73
C LYS B 230 4.17 -3.33 16.21
N CYS B 231 5.40 -3.16 15.72
N CYS B 231 5.39 -3.22 15.71
CA CYS B 231 6.29 -4.24 15.27
CA CYS B 231 6.16 -4.42 15.38
C CYS B 231 7.64 -4.23 15.98
C CYS B 231 7.62 -4.25 15.78
N VAL B 232 8.28 -5.40 15.98
CA VAL B 232 9.71 -5.48 16.12
C VAL B 232 10.12 -6.20 14.85
N LEU B 233 11.09 -5.64 14.12
CA LEU B 233 11.55 -6.23 12.87
C LEU B 233 13.03 -6.54 13.02
N GLU B 234 13.35 -7.83 13.03
CA GLU B 234 14.72 -8.31 13.18
C GLU B 234 15.11 -8.92 11.83
N LEU B 235 15.79 -8.14 11.00
CA LEU B 235 15.91 -8.51 9.61
C LEU B 235 17.36 -8.83 9.27
N GLY B 236 17.73 -8.82 8.00
CA GLY B 236 19.06 -9.30 7.65
C GLY B 236 20.21 -8.42 8.13
N GLY B 237 21.44 -8.92 7.96
CA GLY B 237 22.62 -8.12 8.28
C GLY B 237 23.68 -8.33 7.23
N SER B 238 24.66 -7.42 7.19
CA SER B 238 25.87 -7.66 6.40
C SER B 238 26.99 -7.16 7.31
N ASP B 239 27.17 -7.85 8.43
CA ASP B 239 28.04 -7.38 9.50
C ASP B 239 29.48 -7.20 9.07
N PRO B 240 30.05 -6.03 9.37
CA PRO B 240 31.48 -5.81 9.11
C PRO B 240 32.30 -6.46 10.23
N PHE B 241 33.49 -6.94 9.88
CA PHE B 241 34.40 -7.59 10.84
C PHE B 241 35.75 -6.93 10.52
N ILE B 242 36.14 -5.98 11.37
CA ILE B 242 37.30 -5.11 11.12
C ILE B 242 38.53 -5.68 11.82
N VAL B 243 39.63 -5.84 11.07
CA VAL B 243 40.88 -6.30 11.66
C VAL B 243 41.95 -5.26 11.39
N LEU B 244 42.50 -4.69 12.47
CA LEU B 244 43.54 -3.67 12.31
C LEU B 244 44.92 -4.28 12.46
N ASN B 245 45.95 -3.52 12.07
CA ASN B 245 47.32 -4.03 11.99
C ASN B 245 47.85 -4.59 13.31
N ASP B 246 47.37 -4.05 14.43
CA ASP B 246 47.84 -4.47 15.78
C ASP B 246 46.97 -5.55 16.45
N ALA B 247 46.07 -6.18 15.69
CA ALA B 247 45.25 -7.27 16.23
C ALA B 247 46.09 -8.49 16.61
N ASP B 248 45.54 -9.32 17.52
CA ASP B 248 45.98 -10.70 17.64
C ASP B 248 45.46 -11.42 16.39
N LEU B 249 46.36 -11.61 15.42
CA LEU B 249 45.92 -12.10 14.10
C LEU B 249 45.27 -13.48 14.18
N GLU B 250 45.85 -14.40 14.94
CA GLU B 250 45.30 -15.74 14.96
C GLU B 250 43.92 -15.79 15.61
N LEU B 251 43.73 -15.07 16.71
CA LEU B 251 42.42 -14.99 17.32
C LEU B 251 41.41 -14.33 16.34
N ALA B 252 41.82 -13.24 15.68
CA ALA B 252 40.94 -12.58 14.69
C ALA B 252 40.52 -13.59 13.63
N VAL B 253 41.46 -14.40 13.15
CA VAL B 253 41.15 -15.39 12.10
C VAL B 253 40.18 -16.45 12.61
N LYS B 254 40.38 -16.93 13.84
CA LYS B 254 39.49 -17.94 14.43
C LYS B 254 38.07 -17.39 14.57
N ALA B 255 37.96 -16.17 15.09
CA ALA B 255 36.66 -15.53 15.26
C ALA B 255 35.99 -15.25 13.93
N ALA B 256 36.79 -14.87 12.93
CA ALA B 256 36.30 -14.61 11.58
C ALA B 256 35.69 -15.87 10.95
N VAL B 257 36.41 -16.99 11.04
CA VAL B 257 35.97 -18.22 10.42
C VAL B 257 34.67 -18.68 11.08
N ALA B 258 34.66 -18.68 12.42
CA ALA B 258 33.46 -19.06 13.16
C ALA B 258 32.29 -18.12 12.83
N GLY B 259 32.57 -16.82 12.76
CA GLY B 259 31.52 -15.82 12.54
C GLY B 259 30.90 -15.95 11.16
N ARG B 260 31.72 -16.22 10.16
CA ARG B 260 31.18 -16.37 8.80
C ARG B 260 30.50 -17.71 8.58
N TYR B 261 31.11 -18.79 9.08
CA TYR B 261 30.70 -20.13 8.65
C TYR B 261 29.73 -20.90 9.57
N GLN B 262 29.41 -20.34 10.73
N GLN B 262 29.43 -20.38 10.75
CA GLN B 262 28.38 -20.90 11.63
CA GLN B 262 28.43 -21.04 11.61
C GLN B 262 27.08 -21.12 10.83
C GLN B 262 27.11 -21.13 10.86
N ASN B 263 26.39 -22.23 11.10
CA ASN B 263 25.12 -22.56 10.41
C ASN B 263 25.23 -22.44 8.87
N THR B 264 26.35 -22.91 8.34
CA THR B 264 26.65 -22.86 6.90
C THR B 264 26.45 -21.42 6.37
N GLY B 265 26.81 -20.45 7.21
CA GLY B 265 26.72 -19.04 6.85
C GLY B 265 25.34 -18.40 6.96
N GLN B 266 24.37 -19.06 7.37
CA GLN B 266 22.93 -18.81 7.28
C GLN B 266 22.43 -18.05 8.53
N VAL B 267 23.25 -17.00 9.00
CA VAL B 267 23.01 -16.30 10.27
C VAL B 267 22.87 -14.79 9.98
N CYS B 268 21.82 -14.17 10.51
CA CYS B 268 21.56 -12.74 10.33
C CYS B 268 22.77 -11.93 10.74
N ALA B 269 23.27 -12.23 11.93
CA ALA B 269 24.43 -11.55 12.44
C ALA B 269 25.76 -12.28 12.14
N ALA B 270 25.84 -13.00 11.02
CA ALA B 270 27.15 -13.57 10.61
C ALA B 270 28.15 -12.45 10.30
N ALA B 271 29.44 -12.72 10.51
CA ALA B 271 30.51 -11.86 9.94
C ALA B 271 30.50 -12.05 8.43
N LYS B 272 30.13 -11.00 7.68
CA LYS B 272 29.96 -11.15 6.23
C LYS B 272 30.94 -10.29 5.43
N ARG B 273 31.33 -9.14 5.98
CA ARG B 273 32.26 -8.24 5.28
C ARG B 273 33.53 -8.09 6.12
N PHE B 274 34.61 -8.76 5.70
CA PHE B 274 35.89 -8.65 6.40
C PHE B 274 36.63 -7.44 5.85
N ILE B 275 36.95 -6.52 6.76
CA ILE B 275 37.51 -5.23 6.39
C ILE B 275 38.86 -5.18 7.13
N VAL B 276 39.93 -5.34 6.36
CA VAL B 276 41.25 -5.62 6.92
C VAL B 276 42.29 -4.55 6.56
N GLU B 277 42.96 -4.01 7.58
CA GLU B 277 43.94 -2.94 7.37
C GLU B 277 45.06 -3.45 6.48
N GLU B 278 45.56 -2.56 5.63
CA GLU B 278 46.53 -2.93 4.58
C GLU B 278 47.74 -3.75 5.07
N GLY B 279 48.30 -3.39 6.22
CA GLY B 279 49.52 -4.06 6.71
C GLY B 279 49.34 -5.54 7.02
N ILE B 280 48.15 -5.90 7.49
CA ILE B 280 47.89 -7.27 7.95
C ILE B 280 46.97 -8.05 6.97
N ALA B 281 46.53 -7.36 5.92
CA ALA B 281 45.56 -7.92 4.99
C ALA B 281 45.99 -9.24 4.38
N GLN B 282 47.24 -9.34 3.88
CA GLN B 282 47.66 -10.56 3.21
C GLN B 282 47.76 -11.74 4.17
N ALA B 283 48.36 -11.53 5.35
CA ALA B 283 48.46 -12.57 6.36
C ALA B 283 47.10 -13.04 6.84
N PHE B 284 46.19 -12.10 7.08
CA PHE B 284 44.82 -12.46 7.45
C PHE B 284 44.20 -13.32 6.34
N THR B 285 44.29 -12.85 5.10
CA THR B 285 43.69 -13.55 3.98
C THR B 285 44.23 -14.97 3.83
N ASP B 286 45.56 -15.12 3.89
CA ASP B 286 46.17 -16.44 3.71
C ASP B 286 45.67 -17.44 4.77
N ARG B 287 45.60 -16.97 6.01
CA ARG B 287 45.22 -17.82 7.14
C ARG B 287 43.73 -18.13 7.13
N PHE B 288 42.93 -17.13 6.78
CA PHE B 288 41.48 -17.31 6.68
C PHE B 288 41.17 -18.32 5.60
N VAL B 289 41.76 -18.16 4.42
CA VAL B 289 41.53 -19.12 3.33
C VAL B 289 41.93 -20.53 3.75
N ALA B 290 43.10 -20.68 4.38
CA ALA B 290 43.55 -22.01 4.83
C ALA B 290 42.56 -22.65 5.81
N ALA B 291 42.10 -21.89 6.80
CA ALA B 291 41.16 -22.42 7.77
C ALA B 291 39.81 -22.76 7.10
N ALA B 292 39.33 -21.90 6.19
CA ALA B 292 38.07 -22.16 5.51
C ALA B 292 38.15 -23.42 4.64
N ALA B 293 39.29 -23.59 3.94
CA ALA B 293 39.50 -24.77 3.10
C ALA B 293 39.53 -26.05 3.94
N ALA B 294 39.92 -25.96 5.21
CA ALA B 294 40.00 -27.15 6.06
C ALA B 294 38.67 -27.54 6.71
N LEU B 295 37.66 -26.65 6.64
CA LEU B 295 36.34 -27.00 7.17
C LEU B 295 35.79 -28.22 6.44
N LYS B 296 35.13 -29.10 7.17
CA LYS B 296 34.59 -30.32 6.59
C LYS B 296 33.13 -30.09 6.25
N MSE B 297 32.76 -30.41 5.02
CA MSE B 297 31.37 -30.25 4.57
C MSE B 297 30.80 -31.60 4.19
O MSE B 297 31.47 -32.36 3.51
CB MSE B 297 31.29 -29.33 3.38
CG MSE B 297 29.90 -29.19 2.87
SE MSE B 297 29.92 -27.86 1.43
CE MSE B 297 31.00 -28.82 0.20
N GLY B 298 29.57 -31.89 4.60
CA GLY B 298 28.97 -33.16 4.21
C GLY B 298 27.73 -33.45 5.03
N ASP B 299 27.35 -34.73 5.07
CA ASP B 299 26.16 -35.20 5.77
C ASP B 299 26.07 -34.54 7.17
N PRO B 300 25.00 -33.76 7.42
CA PRO B 300 24.91 -33.03 8.69
C PRO B 300 24.56 -33.94 9.89
N LEU B 301 24.27 -35.21 9.63
CA LEU B 301 24.05 -36.19 10.71
C LEU B 301 25.36 -36.66 11.30
N VAL B 302 26.45 -36.30 10.64
CA VAL B 302 27.77 -36.68 11.11
C VAL B 302 28.27 -35.57 12.03
N GLU B 303 28.46 -35.92 13.30
CA GLU B 303 28.72 -34.95 14.38
C GLU B 303 29.91 -34.08 14.04
N GLU B 304 30.91 -34.64 13.36
CA GLU B 304 32.16 -33.94 13.09
C GLU B 304 32.19 -33.01 11.87
N ASN B 305 31.17 -33.04 11.01
CA ASN B 305 31.16 -32.13 9.83
C ASN B 305 30.85 -30.71 10.27
N ASP B 306 31.53 -29.73 9.70
CA ASP B 306 31.40 -28.33 10.14
C ASP B 306 30.29 -27.59 9.38
N LEU B 307 30.08 -27.99 8.13
CA LEU B 307 29.18 -27.28 7.22
C LEU B 307 28.20 -28.30 6.68
N GLY B 308 26.93 -27.93 6.60
CA GLY B 308 25.93 -28.82 6.03
C GLY B 308 25.59 -28.36 4.61
N PRO B 309 24.50 -28.90 4.05
CA PRO B 309 23.98 -28.28 2.82
C PRO B 309 23.26 -27.01 3.23
N MSE B 310 23.06 -26.09 2.28
CA MSE B 310 22.20 -24.94 2.58
C MSE B 310 20.74 -25.37 2.67
O MSE B 310 20.37 -26.40 2.13
CB MSE B 310 22.39 -23.87 1.49
CG MSE B 310 23.76 -23.22 1.63
SE MSE B 310 24.05 -21.98 0.13
CE MSE B 310 22.63 -20.71 0.53
N ALA B 311 19.92 -24.58 3.37
CA ALA B 311 18.53 -24.99 3.63
C ALA B 311 17.61 -25.07 2.42
N ARG B 312 17.77 -24.17 1.47
CA ARG B 312 16.79 -24.04 0.36
C ARG B 312 17.51 -24.05 -0.96
N PHE B 313 17.03 -24.88 -1.89
CA PHE B 313 17.69 -24.97 -3.17
C PHE B 313 17.69 -23.64 -3.90
N ASP B 314 16.57 -22.91 -3.82
CA ASP B 314 16.50 -21.63 -4.52
C ASP B 314 17.45 -20.58 -3.94
N LEU B 315 17.68 -20.64 -2.63
CA LEU B 315 18.63 -19.73 -2.01
C LEU B 315 20.08 -20.06 -2.37
N ARG B 316 20.40 -21.35 -2.55
CA ARG B 316 21.73 -21.69 -3.08
C ARG B 316 21.91 -21.10 -4.49
N ASP B 317 20.82 -21.21 -5.28
CA ASP B 317 20.87 -20.60 -6.64
C ASP B 317 21.12 -19.09 -6.58
N GLU B 318 20.47 -18.42 -5.70
CA GLU B 318 20.62 -16.97 -5.54
C GLU B 318 22.01 -16.61 -5.03
N LEU B 319 22.50 -17.35 -4.03
CA LEU B 319 23.85 -17.10 -3.53
C LEU B 319 24.91 -17.29 -4.64
N HIS B 320 24.77 -18.33 -5.45
CA HIS B 320 25.73 -18.58 -6.54
C HIS B 320 25.71 -17.40 -7.52
N GLN B 321 24.51 -16.90 -7.82
CA GLN B 321 24.39 -15.71 -8.68
C GLN B 321 25.07 -14.48 -8.04
N GLN B 322 24.98 -14.33 -6.72
CA GLN B 322 25.69 -13.23 -6.06
C GLN B 322 27.20 -13.38 -6.22
N VAL B 323 27.69 -14.60 -6.11
CA VAL B 323 29.12 -14.86 -6.31
C VAL B 323 29.50 -14.58 -7.79
N GLN B 324 28.67 -15.09 -8.70
CA GLN B 324 28.92 -14.83 -10.14
C GLN B 324 28.97 -13.34 -10.46
N ALA B 325 27.98 -12.58 -9.98
CA ALA B 325 28.00 -11.12 -10.17
C ALA B 325 29.25 -10.47 -9.60
N SER B 326 29.63 -10.87 -8.38
CA SER B 326 30.83 -10.30 -7.74
C SER B 326 32.06 -10.54 -8.57
N VAL B 327 32.23 -11.77 -9.05
CA VAL B 327 33.40 -12.09 -9.89
C VAL B 327 33.36 -11.28 -11.20
N ALA B 328 32.17 -11.16 -11.80
CA ALA B 328 32.02 -10.34 -13.02
C ALA B 328 32.39 -8.89 -12.76
N GLU B 329 32.15 -8.43 -11.53
CA GLU B 329 32.46 -7.06 -11.13
C GLU B 329 33.94 -6.83 -10.81
N GLY B 330 34.70 -7.92 -10.69
CA GLY B 330 36.12 -7.84 -10.43
C GLY B 330 36.64 -8.46 -9.13
N ALA B 331 35.76 -9.06 -8.32
CA ALA B 331 36.23 -9.80 -7.14
C ALA B 331 37.10 -10.98 -7.54
N ARG B 332 38.04 -11.32 -6.67
CA ARG B 332 38.96 -12.43 -6.90
C ARG B 332 38.49 -13.65 -6.11
N LEU B 333 38.22 -14.74 -6.81
CA LEU B 333 37.78 -15.95 -6.15
C LEU B 333 39.00 -16.71 -5.61
N LEU B 334 39.15 -16.75 -4.29
CA LEU B 334 40.29 -17.45 -3.68
C LEU B 334 40.00 -18.92 -3.28
N LEU B 335 38.72 -19.26 -3.15
CA LEU B 335 38.30 -20.60 -2.72
C LEU B 335 36.84 -20.80 -3.09
N GLY B 336 36.47 -22.00 -3.53
CA GLY B 336 35.05 -22.39 -3.64
C GLY B 336 34.36 -21.68 -4.80
N GLY B 337 33.19 -21.12 -4.54
CA GLY B 337 32.40 -20.46 -5.59
C GLY B 337 31.71 -21.40 -6.56
N GLU B 338 31.41 -22.62 -6.11
CA GLU B 338 30.70 -23.61 -6.94
C GLU B 338 29.66 -24.35 -6.14
N LYS B 339 28.56 -24.71 -6.81
CA LYS B 339 27.62 -25.69 -6.28
C LYS B 339 28.29 -27.07 -6.34
N ILE B 340 28.05 -27.90 -5.34
CA ILE B 340 28.64 -29.25 -5.33
C ILE B 340 27.71 -30.19 -6.07
N ALA B 341 28.26 -31.01 -6.97
CA ALA B 341 27.44 -31.97 -7.73
C ALA B 341 26.83 -33.00 -6.79
N GLY B 342 25.58 -33.40 -7.08
CA GLY B 342 24.88 -34.38 -6.26
C GLY B 342 23.47 -33.94 -5.96
N GLU B 343 22.72 -34.76 -5.22
CA GLU B 343 21.30 -34.49 -5.03
C GLU B 343 20.96 -33.57 -3.86
N GLY B 344 21.95 -33.37 -2.99
CA GLY B 344 21.81 -32.46 -1.86
C GLY B 344 22.03 -31.03 -2.30
N ASN B 345 21.97 -30.11 -1.35
CA ASN B 345 21.98 -28.70 -1.61
C ASN B 345 23.28 -28.02 -1.09
N TYR B 346 24.42 -28.58 -1.46
CA TYR B 346 25.72 -28.13 -0.93
C TYR B 346 26.35 -27.06 -1.80
N TYR B 347 26.94 -26.08 -1.14
CA TYR B 347 27.68 -25.01 -1.79
C TYR B 347 29.07 -24.95 -1.16
N ALA B 348 30.12 -24.89 -1.97
CA ALA B 348 31.49 -24.88 -1.43
C ALA B 348 31.77 -23.71 -0.50
N ALA B 349 32.53 -23.94 0.58
CA ALA B 349 33.01 -22.80 1.38
C ALA B 349 33.79 -21.88 0.43
N THR B 350 33.44 -20.60 0.45
CA THR B 350 33.91 -19.65 -0.57
C THR B 350 34.57 -18.42 0.02
N VAL B 351 35.63 -17.94 -0.62
CA VAL B 351 36.26 -16.67 -0.23
C VAL B 351 36.44 -15.79 -1.48
N LEU B 352 35.90 -14.58 -1.40
CA LEU B 352 36.11 -13.54 -2.40
C LEU B 352 37.01 -12.47 -1.81
N ALA B 353 38.06 -12.10 -2.55
CA ALA B 353 38.92 -10.99 -2.17
C ALA B 353 38.91 -9.84 -3.22
N ASP B 354 39.65 -8.77 -2.94
CA ASP B 354 39.62 -7.53 -3.76
C ASP B 354 38.20 -6.99 -3.90
N VAL B 355 37.39 -7.14 -2.84
CA VAL B 355 36.00 -6.71 -2.88
C VAL B 355 35.96 -5.22 -2.59
N THR B 356 35.31 -4.46 -3.47
CA THR B 356 35.20 -3.02 -3.27
C THR B 356 33.73 -2.67 -3.01
N PRO B 357 33.47 -1.48 -2.44
CA PRO B 357 32.12 -1.13 -1.95
C PRO B 357 30.99 -1.14 -2.99
N ASP B 358 31.32 -1.08 -4.27
CA ASP B 358 30.29 -1.09 -5.32
C ASP B 358 29.78 -2.50 -5.62
N MSE B 359 30.48 -3.52 -5.12
CA MSE B 359 30.22 -4.90 -5.54
C MSE B 359 29.09 -5.57 -4.80
O MSE B 359 28.81 -5.24 -3.64
CB MSE B 359 31.48 -5.75 -5.42
CG MSE B 359 32.57 -5.34 -6.37
SE MSE B 359 34.09 -6.52 -6.14
CE MSE B 359 35.38 -5.63 -7.28
N THR B 360 28.49 -6.56 -5.47
CA THR B 360 27.38 -7.33 -4.90
C THR B 360 27.76 -7.92 -3.53
N ALA B 361 28.97 -8.48 -3.43
CA ALA B 361 29.42 -9.14 -2.19
C ALA B 361 29.57 -8.16 -1.03
N PHE B 362 29.63 -6.85 -1.37
CA PHE B 362 29.73 -5.79 -0.36
C PHE B 362 28.37 -5.18 -0.03
N ARG B 363 27.47 -5.12 -1.00
CA ARG B 363 26.23 -4.42 -0.82
C ARG B 363 25.02 -5.26 -0.48
N GLN B 364 25.03 -6.54 -0.79
CA GLN B 364 23.91 -7.42 -0.49
C GLN B 364 24.25 -8.37 0.68
N GLU B 365 23.26 -8.90 1.39
CA GLU B 365 23.48 -9.95 2.37
C GLU B 365 23.79 -11.26 1.66
N LEU B 366 24.96 -11.81 1.88
CA LEU B 366 25.31 -13.15 1.38
C LEU B 366 24.97 -14.20 2.44
N PHE B 367 23.83 -14.86 2.29
CA PHE B 367 23.27 -15.72 3.32
C PHE B 367 23.71 -17.17 3.10
N GLY B 368 25.01 -17.40 3.14
CA GLY B 368 25.56 -18.73 2.86
C GLY B 368 27.06 -18.62 3.05
N PRO B 369 27.80 -19.70 2.77
CA PRO B 369 29.21 -19.80 3.17
C PRO B 369 30.16 -19.04 2.20
N VAL B 370 29.99 -17.71 2.13
CA VAL B 370 30.77 -16.87 1.21
C VAL B 370 31.35 -15.66 1.94
N ALA B 371 32.67 -15.66 2.15
CA ALA B 371 33.31 -14.52 2.81
C ALA B 371 33.72 -13.45 1.80
N ALA B 372 33.58 -12.18 2.17
CA ALA B 372 34.06 -11.05 1.37
C ALA B 372 35.17 -10.36 2.12
N ILE B 373 36.32 -10.15 1.45
CA ILE B 373 37.45 -9.48 2.08
C ILE B 373 37.79 -8.20 1.32
N THR B 374 37.84 -7.08 2.05
CA THR B 374 38.07 -5.75 1.53
C THR B 374 39.27 -5.20 2.31
N VAL B 375 40.20 -4.55 1.62
CA VAL B 375 41.35 -3.93 2.26
C VAL B 375 41.06 -2.47 2.61
N ALA B 376 41.37 -2.10 3.85
CA ALA B 376 41.21 -0.73 4.35
C ALA B 376 42.58 -0.03 4.43
N LYS B 377 42.64 1.22 4.02
CA LYS B 377 43.90 1.98 4.08
C LYS B 377 44.39 2.19 5.50
N ASP B 378 43.45 2.38 6.42
CA ASP B 378 43.73 2.65 7.83
C ASP B 378 42.42 2.54 8.62
N ALA B 379 42.47 2.81 9.93
CA ALA B 379 41.28 2.65 10.77
C ALA B 379 40.13 3.55 10.37
N ALA B 380 40.43 4.81 10.00
CA ALA B 380 39.35 5.71 9.54
C ALA B 380 38.66 5.14 8.30
N HIS B 381 39.45 4.60 7.37
CA HIS B 381 38.88 4.00 6.15
C HIS B 381 38.06 2.77 6.50
N ALA B 382 38.56 1.99 7.47
CA ALA B 382 37.86 0.77 7.90
C ALA B 382 36.48 1.09 8.45
N LEU B 383 36.39 2.11 9.31
CA LEU B 383 35.12 2.59 9.85
C LEU B 383 34.15 3.04 8.75
N ALA B 384 34.67 3.82 7.81
CA ALA B 384 33.85 4.34 6.71
C ALA B 384 33.28 3.18 5.87
N LEU B 385 34.14 2.20 5.56
CA LEU B 385 33.70 1.00 4.84
C LEU B 385 32.65 0.22 5.62
N ALA B 386 32.91 0.04 6.92
CA ALA B 386 31.94 -0.65 7.79
C ALA B 386 30.54 -0.02 7.72
N ASN B 387 30.48 1.30 7.78
CA ASN B 387 29.20 2.02 7.78
C ASN B 387 28.58 2.24 6.41
N ASP B 388 29.34 1.91 5.36
CA ASP B 388 28.82 2.04 3.98
C ASP B 388 27.98 0.82 3.63
N SER B 389 26.81 0.72 4.27
CA SER B 389 25.95 -0.45 4.12
C SER B 389 24.52 -0.02 4.37
N GLU B 390 23.56 -0.65 3.70
CA GLU B 390 22.17 -0.45 4.06
C GLU B 390 21.74 -1.24 5.29
N PHE B 391 22.61 -2.14 5.76
CA PHE B 391 22.35 -2.97 6.94
C PHE B 391 23.06 -2.39 8.14
N GLY B 392 22.64 -2.79 9.34
CA GLY B 392 23.32 -2.33 10.55
C GLY B 392 22.96 -3.18 11.76
N LEU B 393 23.28 -4.48 11.70
CA LEU B 393 22.88 -5.39 12.79
C LEU B 393 23.95 -5.46 13.90
N SER B 394 25.10 -6.06 13.61
CA SER B 394 26.19 -6.14 14.57
C SER B 394 27.51 -5.90 13.84
N ALA B 395 28.61 -5.91 14.58
CA ALA B 395 29.92 -5.62 14.03
C ALA B 395 30.96 -6.21 14.96
N THR B 396 32.15 -6.45 14.42
CA THR B 396 33.30 -6.89 15.22
C THR B 396 34.50 -5.99 14.91
N ILE B 397 35.29 -5.66 15.95
CA ILE B 397 36.59 -4.99 15.73
C ILE B 397 37.71 -5.73 16.48
N PHE B 398 38.77 -6.12 15.76
CA PHE B 398 39.97 -6.70 16.38
C PHE B 398 41.11 -5.67 16.32
N THR B 399 41.59 -5.28 17.48
CA THR B 399 42.71 -4.32 17.59
C THR B 399 43.22 -4.32 19.03
N ALA B 400 44.53 -4.16 19.20
CA ALA B 400 45.11 -4.00 20.51
C ALA B 400 44.82 -2.62 21.13
N ASP B 401 44.33 -1.68 20.31
CA ASP B 401 44.14 -0.31 20.78
C ASP B 401 42.74 -0.13 21.39
N ASP B 402 42.66 -0.29 22.70
CA ASP B 402 41.39 -0.34 23.42
C ASP B 402 40.59 0.95 23.34
N THR B 403 41.29 2.08 23.42
CA THR B 403 40.69 3.39 23.29
C THR B 403 40.09 3.58 21.90
N LEU B 404 40.85 3.19 20.87
CA LEU B 404 40.38 3.30 19.49
C LEU B 404 39.16 2.40 19.27
N ALA B 405 39.21 1.17 19.81
CA ALA B 405 38.10 0.23 19.68
C ALA B 405 36.81 0.83 20.24
N ALA B 406 36.92 1.43 21.43
CA ALA B 406 35.77 2.05 22.08
C ALA B 406 35.23 3.25 21.29
N GLU B 407 36.13 4.06 20.74
CA GLU B 407 35.73 5.19 19.87
C GLU B 407 35.05 4.71 18.60
N MSE B 408 35.60 3.68 17.98
CA MSE B 408 35.00 3.11 16.77
C MSE B 408 33.62 2.52 17.04
O MSE B 408 32.71 2.70 16.23
CB MSE B 408 35.93 2.10 16.14
CG MSE B 408 37.14 2.77 15.53
SE MSE B 408 38.47 1.49 14.91
CE MSE B 408 38.79 0.40 16.50
N ALA B 409 33.47 1.84 18.17
CA ALA B 409 32.18 1.26 18.57
C ALA B 409 31.10 2.34 18.62
N ALA B 410 31.41 3.47 19.26
CA ALA B 410 30.46 4.59 19.34
C ALA B 410 30.04 5.11 17.95
N ARG B 411 30.92 4.97 16.98
CA ARG B 411 30.65 5.50 15.64
C ARG B 411 30.11 4.46 14.66
N LEU B 412 30.11 3.18 15.05
CA LEU B 412 29.57 2.14 14.20
C LEU B 412 28.04 2.16 14.19
N GLU B 413 27.46 2.13 12.99
CA GLU B 413 26.01 2.25 12.83
C GLU B 413 25.36 0.85 12.85
N CYS B 414 25.29 0.30 14.05
N CYS B 414 25.30 0.29 14.05
CA CYS B 414 24.75 -1.05 14.27
CA CYS B 414 25.13 -1.18 14.32
C CYS B 414 24.38 -1.23 15.73
C CYS B 414 24.48 -1.29 15.75
N GLY B 415 23.61 -2.27 16.02
CA GLY B 415 23.03 -2.49 17.34
C GLY B 415 23.93 -3.29 18.27
N GLY B 416 25.03 -3.83 17.76
CA GLY B 416 25.95 -4.62 18.61
C GLY B 416 27.37 -4.53 18.12
N VAL B 417 28.33 -4.34 19.03
CA VAL B 417 29.73 -4.26 18.64
C VAL B 417 30.53 -5.19 19.55
N PHE B 418 31.25 -6.10 18.94
CA PHE B 418 32.09 -7.04 19.68
C PHE B 418 33.55 -6.65 19.47
N ILE B 419 34.25 -6.44 20.57
CA ILE B 419 35.66 -6.02 20.51
C ILE B 419 36.53 -7.21 20.91
N ASN B 420 37.46 -7.59 20.03
CA ASN B 420 38.37 -8.75 20.27
C ASN B 420 37.68 -10.01 20.78
N GLY B 421 36.56 -10.38 20.15
CA GLY B 421 35.87 -11.60 20.52
C GLY B 421 34.87 -12.08 19.47
N TYR B 422 34.06 -13.04 19.88
CA TYR B 422 33.10 -13.70 18.99
C TYR B 422 31.70 -13.14 19.21
N SER B 423 31.08 -12.60 18.14
CA SER B 423 29.71 -12.09 18.26
C SER B 423 28.70 -13.22 18.46
N ALA B 424 27.65 -12.92 19.23
CA ALA B 424 26.59 -13.90 19.50
C ALA B 424 25.42 -13.15 20.10
N SER B 425 24.23 -13.74 20.01
CA SER B 425 23.13 -13.28 20.84
C SER B 425 23.23 -13.90 22.23
N ASP B 426 22.71 -13.22 23.25
CA ASP B 426 22.79 -13.71 24.63
C ASP B 426 21.66 -13.03 25.37
N ALA B 427 20.94 -13.81 26.18
CA ALA B 427 19.81 -13.30 26.95
C ALA B 427 20.14 -12.05 27.72
N ARG B 428 21.40 -11.90 28.14
CA ARG B 428 21.77 -10.82 29.04
C ARG B 428 21.97 -9.47 28.35
N VAL B 429 21.94 -9.45 27.01
CA VAL B 429 22.21 -8.20 26.27
C VAL B 429 21.23 -7.98 25.13
N ALA B 430 21.07 -6.70 24.74
CA ALA B 430 20.14 -6.34 23.64
C ALA B 430 20.59 -6.91 22.32
N PHE B 431 19.63 -7.31 21.48
CA PHE B 431 19.89 -7.80 20.14
C PHE B 431 18.99 -7.08 19.13
N GLY B 432 19.56 -6.57 18.04
CA GLY B 432 18.71 -5.93 17.01
C GLY B 432 19.51 -4.81 16.37
N GLY B 433 19.04 -4.27 15.26
CA GLY B 433 19.88 -3.31 14.57
C GLY B 433 19.20 -2.03 14.10
N VAL B 434 19.79 -1.43 13.07
CA VAL B 434 19.32 -0.14 12.58
C VAL B 434 19.29 -0.24 11.05
N LYS B 435 18.87 0.85 10.40
CA LYS B 435 18.77 0.86 8.94
C LYS B 435 17.92 -0.31 8.44
N LYS B 436 18.31 -0.99 7.36
CA LYS B 436 17.43 -2.04 6.82
C LYS B 436 17.46 -3.34 7.62
N SER B 437 18.29 -3.39 8.66
CA SER B 437 18.24 -4.53 9.58
C SER B 437 16.99 -4.48 10.47
N GLY B 438 16.27 -3.34 10.44
CA GLY B 438 14.96 -3.25 11.07
C GLY B 438 14.95 -2.28 12.24
N PHE B 439 14.26 -2.64 13.31
CA PHE B 439 14.16 -1.79 14.48
C PHE B 439 13.54 -2.59 15.62
N GLY B 440 13.67 -2.08 16.84
CA GLY B 440 13.22 -2.81 18.02
C GLY B 440 14.33 -3.69 18.52
N ARG B 441 14.21 -4.14 19.77
CA ARG B 441 15.28 -4.92 20.40
C ARG B 441 14.71 -6.15 21.07
N GLU B 442 15.48 -7.24 21.01
CA GLU B 442 15.11 -8.48 21.65
C GLU B 442 16.06 -8.74 22.81
N LEU B 443 15.60 -9.60 23.72
CA LEU B 443 16.38 -10.14 24.84
C LEU B 443 16.58 -9.09 25.95
N SER B 444 17.28 -9.52 27.01
CA SER B 444 17.37 -8.75 28.25
C SER B 444 15.99 -8.16 28.58
N HIS B 445 15.95 -6.94 29.12
CA HIS B 445 14.65 -6.35 29.48
C HIS B 445 13.96 -5.75 28.25
N PHE B 446 14.71 -5.55 27.17
CA PHE B 446 14.18 -4.94 25.94
C PHE B 446 13.12 -5.83 25.32
N GLY B 447 13.44 -7.10 25.13
CA GLY B 447 12.51 -8.04 24.52
C GLY B 447 11.24 -8.28 25.35
N LEU B 448 11.37 -8.14 26.66
CA LEU B 448 10.22 -8.28 27.56
C LEU B 448 9.30 -7.03 27.49
N HIS B 449 9.89 -5.84 27.47
CA HIS B 449 9.10 -4.61 27.48
C HIS B 449 8.57 -4.18 26.10
N GLU B 450 9.15 -4.68 25.01
CA GLU B 450 8.67 -4.30 23.66
C GLU B 450 7.18 -4.60 23.51
N PHE B 451 6.72 -5.67 24.14
CA PHE B 451 5.32 -6.06 23.99
C PHE B 451 4.51 -5.90 25.28
N CYS B 452 4.85 -4.86 26.03
CA CYS B 452 4.04 -4.44 27.16
C CYS B 452 3.26 -3.17 26.82
N ASN B 453 2.09 -3.06 27.43
CA ASN B 453 1.43 -1.77 27.55
C ASN B 453 2.05 -1.05 28.76
N VAL B 454 2.91 -0.08 28.48
CA VAL B 454 3.55 0.70 29.53
C VAL B 454 2.49 1.72 30.01
N GLN B 455 2.04 1.57 31.25
CA GLN B 455 0.86 2.29 31.71
C GLN B 455 1.20 3.13 32.94
N THR B 456 1.00 4.44 32.84
CA THR B 456 1.08 5.32 33.98
C THR B 456 -0.17 5.13 34.87
N VAL B 457 0.04 4.98 36.19
CA VAL B 457 -1.08 4.97 37.13
C VAL B 457 -0.83 6.07 38.15
N TRP B 458 -1.68 7.09 38.16
CA TRP B 458 -1.41 8.31 38.95
C TRP B 458 -2.64 8.63 39.81
N LYS B 459 -2.46 8.59 41.13
CA LYS B 459 -3.56 8.82 42.09
C LYS B 459 -3.47 10.28 42.57
N ASN B 460 -4.65 10.89 42.74
CA ASN B 460 -4.77 12.21 43.38
C ASN B 460 -3.98 13.31 42.69
N ARG B 461 -4.00 13.31 41.37
CA ARG B 461 -3.35 14.40 40.66
C ARG B 461 -4.34 15.57 40.74
N VAL B 462 -4.12 16.46 41.71
CA VAL B 462 -5.07 17.56 41.95
C VAL B 462 -4.32 18.85 42.22
N ALA C 6 -18.01 8.49 11.47
CA ALA C 6 -19.47 8.20 11.39
C ALA C 6 -19.77 6.70 11.59
N THR C 7 -20.74 6.41 12.47
CA THR C 7 -21.27 5.06 12.70
C THR C 7 -22.46 4.77 11.77
N GLN C 8 -23.04 5.83 11.22
CA GLN C 8 -24.19 5.79 10.33
C GLN C 8 -23.82 6.54 9.05
N ALA C 9 -24.46 6.17 7.94
CA ALA C 9 -24.56 7.06 6.80
C ALA C 9 -25.68 8.08 7.12
N LEU C 10 -25.34 9.37 7.09
CA LEU C 10 -26.27 10.40 7.54
C LEU C 10 -26.76 11.22 6.34
N SER C 11 -28.08 11.36 6.21
CA SER C 11 -28.69 12.28 5.25
C SER C 11 -29.10 13.53 5.98
N VAL C 12 -28.75 14.68 5.41
CA VAL C 12 -29.11 15.98 5.95
C VAL C 12 -29.54 16.82 4.77
N ASN C 13 -30.70 17.48 4.88
CA ASN C 13 -31.16 18.37 3.81
C ASN C 13 -30.28 19.62 3.80
N PRO C 14 -29.51 19.85 2.71
CA PRO C 14 -28.59 20.98 2.69
C PRO C 14 -29.28 22.35 2.56
N ALA C 15 -30.55 22.37 2.16
CA ALA C 15 -31.34 23.60 2.11
C ALA C 15 -31.73 24.06 3.53
N THR C 16 -31.89 23.11 4.46
CA THR C 16 -32.39 23.40 5.82
C THR C 16 -31.42 23.11 6.97
N GLY C 17 -30.43 22.27 6.73
CA GLY C 17 -29.47 21.86 7.78
C GLY C 17 -30.00 20.77 8.68
N GLN C 18 -31.21 20.28 8.40
CA GLN C 18 -31.84 19.33 9.30
C GLN C 18 -31.69 17.87 8.85
N THR C 19 -31.52 17.00 9.84
CA THR C 19 -31.34 15.57 9.62
C THR C 19 -32.54 14.98 8.92
N LEU C 20 -32.27 14.14 7.92
CA LEU C 20 -33.31 13.43 7.21
C LEU C 20 -33.43 11.99 7.67
N ALA C 21 -32.27 11.33 7.85
CA ALA C 21 -32.24 9.91 8.16
C ALA C 21 -30.82 9.51 8.52
N ALA C 22 -30.71 8.33 9.13
CA ALA C 22 -29.41 7.75 9.42
C ALA C 22 -29.52 6.26 9.16
N MSE C 23 -28.52 5.70 8.48
CA MSE C 23 -28.52 4.29 8.16
C MSE C 23 -27.21 3.63 8.58
O MSE C 23 -26.14 4.05 8.14
CB MSE C 23 -28.75 4.09 6.67
CG MSE C 23 -28.78 2.64 6.27
SE MSE C 23 -29.05 2.43 4.36
CE MSE C 23 -30.76 3.38 4.20
N PRO C 24 -27.28 2.57 9.41
CA PRO C 24 -26.06 1.91 9.88
C PRO C 24 -25.28 1.32 8.69
N TRP C 25 -23.95 1.24 8.83
CA TRP C 25 -23.13 0.55 7.84
C TRP C 25 -23.51 -0.92 7.78
N ALA C 26 -23.44 -1.49 6.59
CA ALA C 26 -23.67 -2.93 6.43
C ALA C 26 -22.72 -3.73 7.34
N ASN C 27 -23.26 -4.73 8.02
CA ASN C 27 -22.46 -5.64 8.82
C ASN C 27 -21.96 -6.81 7.96
N ALA C 28 -21.20 -7.73 8.56
CA ALA C 28 -20.60 -8.86 7.84
C ALA C 28 -21.63 -9.76 7.14
N GLN C 29 -22.73 -10.07 7.83
CA GLN C 29 -23.80 -10.87 7.22
C GLN C 29 -24.39 -10.16 5.99
N GLU C 30 -24.61 -8.84 6.10
CA GLU C 30 -25.23 -8.08 5.02
C GLU C 30 -24.31 -7.94 3.78
N ILE C 31 -23.01 -7.75 4.00
CA ILE C 31 -22.04 -7.76 2.89
C ILE C 31 -21.99 -9.14 2.22
N GLU C 32 -21.92 -10.20 3.02
CA GLU C 32 -21.98 -11.58 2.49
C GLU C 32 -23.25 -11.83 1.69
N HIS C 33 -24.39 -11.35 2.19
CA HIS C 33 -25.64 -11.55 1.50
C HIS C 33 -25.66 -10.81 0.15
N ALA C 34 -25.19 -9.57 0.15
CA ALA C 34 -25.13 -8.78 -1.08
C ALA C 34 -24.25 -9.50 -2.14
N LEU C 35 -23.10 -10.02 -1.72
CA LEU C 35 -22.19 -10.70 -2.65
C LEU C 35 -22.77 -12.02 -3.15
N SER C 36 -23.39 -12.77 -2.23
CA SER C 36 -23.98 -14.05 -2.55
C SER C 36 -25.14 -13.90 -3.53
N LEU C 37 -25.98 -12.91 -3.28
CA LEU C 37 -27.11 -12.63 -4.15
C LEU C 37 -26.65 -12.13 -5.54
N ALA C 38 -25.62 -11.30 -5.57
CA ALA C 38 -25.09 -10.80 -6.85
C ALA C 38 -24.53 -11.94 -7.71
N ALA C 39 -23.80 -12.84 -7.08
CA ALA C 39 -23.23 -14.00 -7.78
C ALA C 39 -24.31 -14.96 -8.33
N SER C 40 -25.32 -15.24 -7.51
CA SER C 40 -26.40 -16.14 -7.95
C SER C 40 -27.23 -15.45 -9.03
N GLY C 41 -27.47 -14.15 -8.84
CA GLY C 41 -28.12 -13.33 -9.88
C GLY C 41 -27.37 -13.36 -11.20
N PHE C 42 -26.05 -13.12 -11.15
CA PHE C 42 -25.19 -13.24 -12.36
C PHE C 42 -25.26 -14.63 -13.03
N LYS C 43 -25.17 -15.69 -12.25
CA LYS C 43 -25.20 -17.05 -12.81
C LYS C 43 -26.45 -17.29 -13.71
N LYS C 44 -27.59 -16.74 -13.34
CA LYS C 44 -28.79 -16.85 -14.18
C LYS C 44 -28.80 -15.81 -15.30
N TRP C 45 -28.44 -14.58 -14.97
CA TRP C 45 -28.56 -13.44 -15.88
C TRP C 45 -27.66 -13.62 -17.11
N LYS C 46 -26.48 -14.20 -16.90
CA LYS C 46 -25.51 -14.41 -18.00
C LYS C 46 -26.07 -15.36 -19.05
N MSE C 47 -27.05 -16.18 -18.65
CA MSE C 47 -27.68 -17.17 -19.52
C MSE C 47 -28.87 -16.62 -20.27
O MSE C 47 -29.37 -17.28 -21.19
CB MSE C 47 -28.12 -18.40 -18.72
CG MSE C 47 -27.00 -19.15 -18.01
SE MSE C 47 -25.45 -19.51 -19.19
CE MSE C 47 -26.21 -20.94 -20.31
N THR C 48 -29.36 -15.44 -19.91
CA THR C 48 -30.49 -14.82 -20.59
C THR C 48 -30.10 -14.36 -22.01
N SER C 49 -31.09 -14.21 -22.87
CA SER C 49 -30.86 -13.65 -24.19
C SER C 49 -30.67 -12.14 -24.07
N VAL C 50 -29.91 -11.57 -24.99
CA VAL C 50 -29.76 -10.12 -25.06
C VAL C 50 -31.13 -9.45 -25.26
N ALA C 51 -32.01 -10.11 -26.00
CA ALA C 51 -33.37 -9.60 -26.19
C ALA C 51 -34.13 -9.40 -24.86
N GLN C 52 -34.01 -10.38 -23.96
CA GLN C 52 -34.65 -10.31 -22.65
C GLN C 52 -34.07 -9.18 -21.80
N ARG C 53 -32.75 -9.05 -21.83
CA ARG C 53 -32.08 -7.99 -21.09
C ARG C 53 -32.50 -6.62 -21.62
N ALA C 54 -32.64 -6.48 -22.94
CA ALA C 54 -33.07 -5.22 -23.53
C ALA C 54 -34.51 -4.88 -23.11
N GLN C 55 -35.35 -5.91 -22.98
CA GLN C 55 -36.72 -5.68 -22.50
C GLN C 55 -36.71 -5.20 -21.05
N THR C 56 -35.88 -5.81 -20.22
CA THR C 56 -35.73 -5.34 -18.85
C THR C 56 -35.35 -3.85 -18.81
N LEU C 57 -34.44 -3.42 -19.68
CA LEU C 57 -34.05 -2.01 -19.73
C LEU C 57 -35.25 -1.12 -20.06
N ARG C 58 -36.07 -1.54 -21.03
CA ARG C 58 -37.29 -0.81 -21.34
C ARG C 58 -38.21 -0.71 -20.12
N ASP C 59 -38.31 -1.82 -19.39
CA ASP C 59 -39.16 -1.89 -18.19
C ASP C 59 -38.64 -0.96 -17.09
N ILE C 60 -37.32 -0.86 -16.97
CA ILE C 60 -36.71 0.09 -16.03
C ILE C 60 -37.05 1.52 -16.41
N GLY C 61 -36.91 1.87 -17.69
CA GLY C 61 -37.28 3.21 -18.17
C GLY C 61 -38.75 3.53 -17.87
N GLN C 62 -39.65 2.59 -18.13
CA GLN C 62 -41.08 2.73 -17.78
C GLN C 62 -41.32 2.95 -16.28
N ALA C 63 -40.64 2.15 -15.45
CA ALA C 63 -40.77 2.26 -13.99
C ALA C 63 -40.25 3.61 -13.47
N LEU C 64 -39.10 4.15 -14.00
N LEU C 64 -39.16 4.16 -13.93
CA LEU C 64 -38.63 5.50 -13.64
CA LEU C 64 -38.70 5.51 -13.56
C LEU C 64 -39.63 6.57 -14.01
C LEU C 64 -39.70 6.59 -13.94
N ARG C 65 -40.13 6.45 -15.18
CA ARG C 65 -41.10 7.45 -15.62
C ARG C 65 -42.35 7.42 -14.74
N ALA C 66 -42.76 6.24 -14.29
CA ALA C 66 -43.94 6.11 -13.42
C ALA C 66 -43.70 6.74 -12.06
N HIS C 67 -42.43 6.83 -11.66
CA HIS C 67 -42.06 7.41 -10.38
C HIS C 67 -41.20 8.67 -10.51
N ALA C 68 -41.36 9.38 -11.62
CA ALA C 68 -40.46 10.45 -12.01
C ALA C 68 -40.37 11.59 -11.00
N GLU C 69 -41.53 12.04 -10.52
CA GLU C 69 -41.55 13.18 -9.62
C GLU C 69 -41.04 12.82 -8.24
N GLU C 70 -41.40 11.63 -7.74
CA GLU C 70 -40.92 11.15 -6.45
C GLU C 70 -39.39 11.02 -6.45
N MSE C 71 -38.86 10.53 -7.57
CA MSE C 71 -37.40 10.39 -7.74
C MSE C 71 -36.73 11.77 -7.72
O MSE C 71 -35.77 11.98 -6.95
CB MSE C 71 -37.09 9.66 -9.04
CG MSE C 71 -35.59 9.31 -9.23
SE MSE C 71 -35.04 7.85 -8.04
CE MSE C 71 -34.00 8.93 -6.78
N ALA C 72 -37.21 12.67 -8.55
CA ALA C 72 -36.70 14.05 -8.60
C ALA C 72 -36.75 14.72 -7.22
N GLN C 73 -37.86 14.54 -6.50
CA GLN C 73 -38.02 15.18 -5.19
C GLN C 73 -36.98 14.66 -4.21
N CYS C 74 -36.72 13.36 -4.25
CA CYS C 74 -35.74 12.72 -3.39
C CYS C 74 -34.31 13.25 -3.63
N ILE C 75 -33.96 13.41 -4.90
CA ILE C 75 -32.65 13.95 -5.30
C ILE C 75 -32.45 15.37 -4.74
N THR C 76 -33.45 16.22 -4.97
CA THR C 76 -33.42 17.58 -4.45
C THR C 76 -33.34 17.60 -2.92
N ARG C 77 -34.17 16.79 -2.27
CA ARG C 77 -34.24 16.77 -0.80
C ARG C 77 -32.89 16.42 -0.17
N GLU C 78 -32.22 15.40 -0.69
CA GLU C 78 -31.00 14.90 -0.08
C GLU C 78 -29.73 15.66 -0.43
N MSE C 79 -29.68 16.27 -1.61
CA MSE C 79 -28.42 16.91 -2.04
C MSE C 79 -28.53 18.31 -2.63
O MSE C 79 -27.51 18.91 -2.97
CB MSE C 79 -27.52 15.95 -2.85
CG MSE C 79 -28.15 15.30 -4.07
SE MSE C 79 -28.53 16.63 -5.48
CE MSE C 79 -26.75 17.44 -5.75
N GLY C 80 -29.74 18.88 -2.71
CA GLY C 80 -29.87 20.34 -2.89
C GLY C 80 -30.08 20.88 -4.30
N LYS C 81 -30.12 19.97 -5.26
CA LYS C 81 -30.22 20.30 -6.68
C LYS C 81 -31.55 20.99 -6.97
N PRO C 82 -31.54 22.12 -7.71
CA PRO C 82 -32.80 22.70 -8.17
C PRO C 82 -33.73 21.65 -8.75
N ILE C 83 -35.02 21.71 -8.39
CA ILE C 83 -35.94 20.66 -8.75
C ILE C 83 -36.04 20.47 -10.27
N LYS C 84 -35.88 21.55 -11.04
CA LYS C 84 -35.99 21.42 -12.50
C LYS C 84 -34.84 20.55 -13.04
N GLN C 85 -33.67 20.70 -12.43
CA GLN C 85 -32.49 19.91 -12.83
C GLN C 85 -32.61 18.46 -12.38
N ALA C 86 -33.23 18.22 -11.23
CA ALA C 86 -33.50 16.86 -10.76
C ALA C 86 -34.49 16.14 -11.67
N ARG C 87 -35.52 16.86 -12.14
CA ARG C 87 -36.45 16.32 -13.13
C ARG C 87 -35.74 15.99 -14.44
N ALA C 88 -34.85 16.89 -14.87
CA ALA C 88 -34.08 16.66 -16.09
C ALA C 88 -33.18 15.44 -15.96
N GLU C 89 -32.61 15.27 -14.77
CA GLU C 89 -31.81 14.07 -14.47
C GLU C 89 -32.62 12.77 -14.65
N VAL C 90 -33.83 12.76 -14.12
CA VAL C 90 -34.72 11.60 -14.29
C VAL C 90 -35.04 11.35 -15.77
N THR C 91 -35.35 12.43 -16.50
CA THR C 91 -35.71 12.33 -17.92
C THR C 91 -34.56 11.72 -18.74
N LYS C 92 -33.36 12.22 -18.50
CA LYS C 92 -32.16 11.75 -19.19
C LYS C 92 -31.86 10.27 -18.88
N SER C 93 -31.99 9.89 -17.61
CA SER C 93 -31.76 8.51 -17.17
C SER C 93 -32.76 7.54 -17.80
N ALA C 94 -34.04 7.94 -17.87
CA ALA C 94 -35.05 7.12 -18.53
C ALA C 94 -34.76 6.98 -20.03
N ALA C 95 -34.34 8.06 -20.67
CA ALA C 95 -34.03 8.00 -22.11
C ALA C 95 -32.81 7.09 -22.35
N LEU C 96 -31.89 7.05 -21.40
CA LEU C 96 -30.72 6.17 -21.53
C LEU C 96 -31.13 4.70 -21.59
N CYS C 97 -32.10 4.33 -20.76
CA CYS C 97 -32.62 2.95 -20.74
C CYS C 97 -33.13 2.55 -22.12
N ASP C 98 -33.95 3.39 -22.72
CA ASP C 98 -34.47 3.14 -24.07
C ASP C 98 -33.41 3.18 -25.16
N TRP C 99 -32.42 4.06 -25.02
CA TRP C 99 -31.38 4.17 -26.02
C TRP C 99 -30.59 2.87 -26.09
N TYR C 100 -30.13 2.38 -24.95
CA TYR C 100 -29.41 1.12 -24.92
C TYR C 100 -30.29 -0.09 -25.30
N ALA C 101 -31.57 -0.06 -24.91
CA ALA C 101 -32.49 -1.11 -25.36
C ALA C 101 -32.47 -1.23 -26.90
N GLU C 102 -32.44 -0.09 -27.60
CA GLU C 102 -32.52 -0.10 -29.05
C GLU C 102 -31.16 -0.36 -29.70
N HIS C 103 -30.14 0.37 -29.28
CA HIS C 103 -28.85 0.36 -29.97
C HIS C 103 -27.83 -0.60 -29.38
N GLY C 104 -28.04 -1.00 -28.13
CA GLY C 104 -27.11 -1.86 -27.42
C GLY C 104 -26.97 -3.28 -27.95
N PRO C 105 -28.08 -3.96 -28.23
CA PRO C 105 -27.91 -5.37 -28.63
C PRO C 105 -26.94 -5.60 -29.79
N ALA C 106 -26.95 -4.75 -30.81
CA ALA C 106 -26.04 -4.94 -31.95
C ALA C 106 -24.58 -4.86 -31.53
N MSE C 107 -24.30 -4.13 -30.44
CA MSE C 107 -22.94 -3.97 -29.97
C MSE C 107 -22.38 -5.25 -29.39
O MSE C 107 -21.16 -5.36 -29.19
CB MSE C 107 -22.84 -2.85 -28.94
CG MSE C 107 -23.38 -1.54 -29.38
SE MSE C 107 -23.46 -0.31 -27.86
CE MSE C 107 -23.71 1.23 -28.98
N LEU C 108 -23.25 -6.21 -29.11
CA LEU C 108 -22.81 -7.49 -28.55
C LEU C 108 -22.69 -8.60 -29.58
N ASN C 109 -22.91 -8.25 -30.85
CA ASN C 109 -22.75 -9.20 -31.96
C ASN C 109 -21.29 -9.66 -32.01
N PRO C 110 -21.06 -10.95 -32.28
CA PRO C 110 -19.68 -11.43 -32.49
C PRO C 110 -19.00 -10.69 -33.65
N GLU C 111 -17.70 -10.47 -33.56
CA GLU C 111 -16.96 -9.83 -34.64
C GLU C 111 -16.31 -10.87 -35.52
N PRO C 112 -16.38 -10.70 -36.84
CA PRO C 112 -15.53 -11.53 -37.70
C PRO C 112 -14.09 -11.10 -37.56
N THR C 113 -13.16 -11.94 -38.02
CA THR C 113 -11.75 -11.58 -38.00
C THR C 113 -11.14 -11.76 -39.39
N LEU C 114 -9.89 -11.37 -39.55
CA LEU C 114 -9.18 -11.59 -40.80
C LEU C 114 -8.67 -13.00 -40.99
N VAL C 115 -8.80 -13.86 -39.98
CA VAL C 115 -8.50 -15.28 -40.16
C VAL C 115 -9.38 -15.79 -41.28
N GLU C 116 -8.78 -16.53 -42.22
CA GLU C 116 -9.51 -16.92 -43.42
C GLU C 116 -10.67 -17.88 -43.13
N ASN C 117 -11.70 -17.79 -43.96
CA ASN C 117 -12.76 -18.80 -44.03
C ASN C 117 -13.60 -18.94 -42.75
N GLN C 118 -13.82 -17.81 -42.06
CA GLN C 118 -14.73 -17.73 -40.91
C GLN C 118 -14.36 -18.74 -39.82
N GLN C 119 -13.06 -18.96 -39.63
CA GLN C 119 -12.61 -19.92 -38.62
C GLN C 119 -12.45 -19.30 -37.21
N ALA C 120 -12.39 -17.96 -37.12
CA ALA C 120 -12.16 -17.30 -35.84
C ALA C 120 -13.09 -16.11 -35.68
N VAL C 121 -13.71 -16.01 -34.49
CA VAL C 121 -14.59 -14.88 -34.21
C VAL C 121 -14.20 -14.29 -32.85
N ILE C 122 -14.56 -13.02 -32.65
CA ILE C 122 -14.46 -12.42 -31.31
C ILE C 122 -15.84 -12.35 -30.67
N GLU C 123 -15.99 -12.89 -29.46
CA GLU C 123 -17.25 -12.78 -28.71
C GLU C 123 -17.10 -11.85 -27.51
N TYR C 124 -18.19 -11.12 -27.19
CA TYR C 124 -18.25 -10.25 -26.02
C TYR C 124 -19.02 -10.99 -24.93
N ARG C 125 -18.30 -11.65 -24.02
CA ARG C 125 -18.93 -12.43 -22.95
C ARG C 125 -19.13 -11.60 -21.68
N PRO C 126 -20.18 -11.92 -20.89
CA PRO C 126 -20.34 -11.34 -19.56
C PRO C 126 -19.08 -11.59 -18.70
N LEU C 127 -18.75 -10.65 -17.83
CA LEU C 127 -17.60 -10.76 -16.95
C LEU C 127 -17.98 -11.31 -15.56
N GLY C 128 -19.04 -10.77 -14.96
CA GLY C 128 -19.41 -11.18 -13.62
C GLY C 128 -20.12 -10.06 -12.88
N VAL C 129 -19.88 -9.99 -11.58
CA VAL C 129 -20.46 -8.91 -10.77
C VAL C 129 -19.50 -7.72 -10.82
N ILE C 130 -20.04 -6.56 -11.16
CA ILE C 130 -19.27 -5.33 -11.17
C ILE C 130 -19.64 -4.53 -9.92
N LEU C 131 -18.67 -4.25 -9.07
CA LEU C 131 -18.86 -3.35 -7.93
C LEU C 131 -18.78 -1.90 -8.39
N ALA C 132 -19.81 -1.11 -8.09
CA ALA C 132 -19.84 0.29 -8.47
C ALA C 132 -19.77 1.21 -7.25
N ILE C 133 -18.87 2.17 -7.27
CA ILE C 133 -18.74 3.12 -6.17
C ILE C 133 -19.08 4.50 -6.72
N MSE C 134 -20.17 5.09 -6.23
CA MSE C 134 -20.78 6.25 -6.90
C MSE C 134 -20.89 7.49 -6.00
O MSE C 134 -20.89 7.37 -4.77
CB MSE C 134 -22.17 5.88 -7.48
CG MSE C 134 -22.12 4.80 -8.59
SE MSE C 134 -21.29 5.56 -10.17
CE MSE C 134 -19.91 4.19 -10.55
N PRO C 135 -20.97 8.69 -6.62
CA PRO C 135 -21.02 9.94 -5.87
C PRO C 135 -22.44 10.53 -5.75
N TRP C 136 -22.56 11.61 -4.98
CA TRP C 136 -23.87 12.22 -4.70
C TRP C 136 -24.33 13.24 -5.75
N ASN C 137 -23.48 13.66 -6.68
CA ASN C 137 -23.87 14.83 -7.50
C ASN C 137 -25.01 14.61 -8.53
N PHE C 138 -25.06 13.41 -9.12
CA PHE C 138 -26.19 12.95 -9.93
C PHE C 138 -26.57 11.56 -9.40
N PRO C 139 -27.33 11.52 -8.28
CA PRO C 139 -27.53 10.25 -7.57
C PRO C 139 -28.21 9.18 -8.42
N LEU C 140 -28.96 9.60 -9.44
CA LEU C 140 -29.60 8.63 -10.31
C LEU C 140 -28.79 8.41 -11.60
N TRP C 141 -28.46 9.49 -12.28
CA TRP C 141 -27.78 9.40 -13.57
C TRP C 141 -26.40 8.72 -13.49
N GLN C 142 -25.60 9.01 -12.46
CA GLN C 142 -24.29 8.34 -12.35
C GLN C 142 -24.43 6.84 -12.21
N VAL C 143 -25.46 6.41 -11.50
CA VAL C 143 -25.71 4.99 -11.29
C VAL C 143 -26.09 4.34 -12.62
N LEU C 144 -27.10 4.91 -13.29
CA LEU C 144 -27.59 4.29 -14.51
C LEU C 144 -26.61 4.44 -15.69
N ARG C 145 -25.84 5.53 -15.73
CA ARG C 145 -24.86 5.75 -16.79
C ARG C 145 -23.99 4.51 -16.98
N GLY C 146 -23.62 3.88 -15.86
CA GLY C 146 -22.88 2.61 -15.90
C GLY C 146 -23.74 1.37 -15.81
N ALA C 147 -24.74 1.36 -14.91
CA ALA C 147 -25.52 0.14 -14.70
C ALA C 147 -26.24 -0.35 -15.95
N VAL C 148 -26.73 0.58 -16.77
CA VAL C 148 -27.52 0.19 -17.96
C VAL C 148 -26.71 -0.68 -18.94
N PRO C 149 -25.58 -0.16 -19.46
CA PRO C 149 -24.73 -1.03 -20.32
C PRO C 149 -24.12 -2.26 -19.62
N ILE C 150 -23.74 -2.12 -18.34
CA ILE C 150 -23.23 -3.25 -17.56
C ILE C 150 -24.25 -4.40 -17.51
N LEU C 151 -25.51 -4.07 -17.20
CA LEU C 151 -26.58 -5.07 -17.20
C LEU C 151 -26.81 -5.66 -18.59
N LEU C 152 -26.84 -4.80 -19.61
CA LEU C 152 -27.08 -5.30 -20.98
C LEU C 152 -26.00 -6.30 -21.43
N ALA C 153 -24.76 -6.09 -20.99
CA ALA C 153 -23.66 -7.00 -21.32
C ALA C 153 -23.79 -8.35 -20.61
N GLY C 154 -24.79 -8.48 -19.72
CA GLY C 154 -25.02 -9.72 -18.99
C GLY C 154 -24.30 -9.82 -17.65
N ASN C 155 -23.79 -8.69 -17.13
CA ASN C 155 -23.21 -8.64 -15.78
C ASN C 155 -24.26 -8.33 -14.71
N SER C 156 -23.92 -8.60 -13.45
CA SER C 156 -24.61 -8.00 -12.30
C SER C 156 -23.93 -6.71 -11.88
N TYR C 157 -24.69 -5.85 -11.22
CA TYR C 157 -24.20 -4.55 -10.78
C TYR C 157 -24.49 -4.46 -9.27
N LEU C 158 -23.45 -4.22 -8.49
CA LEU C 158 -23.59 -4.10 -7.06
C LEU C 158 -23.11 -2.71 -6.65
N LEU C 159 -24.04 -1.89 -6.17
CA LEU C 159 -23.78 -0.48 -5.90
C LEU C 159 -23.42 -0.16 -4.46
N LYS C 160 -22.37 0.64 -4.29
N LYS C 160 -22.39 0.66 -4.29
CA LYS C 160 -22.09 1.32 -3.02
CA LYS C 160 -22.12 1.31 -3.02
C LYS C 160 -22.28 2.81 -3.34
C LYS C 160 -22.24 2.81 -3.27
N HIS C 161 -23.35 3.39 -2.81
CA HIS C 161 -23.65 4.79 -3.08
C HIS C 161 -23.05 5.73 -2.04
N ALA C 162 -22.95 7.02 -2.38
CA ALA C 162 -22.44 8.02 -1.44
C ALA C 162 -23.32 8.02 -0.18
N PRO C 163 -22.70 8.13 1.00
CA PRO C 163 -23.46 7.97 2.25
C PRO C 163 -24.50 9.06 2.52
N ASN C 164 -24.44 10.19 1.81
CA ASN C 164 -25.46 11.24 1.99
C ASN C 164 -26.68 11.07 1.07
N VAL C 165 -26.69 10.04 0.23
CA VAL C 165 -27.85 9.81 -0.67
C VAL C 165 -28.46 8.40 -0.57
N THR C 166 -28.43 7.83 0.63
CA THR C 166 -28.95 6.47 0.80
C THR C 166 -30.48 6.40 0.60
N GLY C 167 -31.18 7.52 0.80
CA GLY C 167 -32.61 7.57 0.48
C GLY C 167 -32.84 7.37 -1.01
N CYS C 168 -32.07 8.10 -1.82
CA CYS C 168 -32.08 7.92 -3.28
C CYS C 168 -31.72 6.50 -3.67
N ALA C 169 -30.67 5.96 -3.06
CA ALA C 169 -30.25 4.59 -3.34
C ALA C 169 -31.39 3.59 -3.06
N GLN C 170 -32.07 3.75 -1.92
CA GLN C 170 -33.19 2.86 -1.58
C GLN C 170 -34.29 2.94 -2.62
N MSE C 171 -34.61 4.18 -3.02
CA MSE C 171 -35.62 4.43 -4.01
C MSE C 171 -35.28 3.84 -5.38
O MSE C 171 -36.12 3.21 -6.01
CB MSE C 171 -35.89 5.93 -4.14
CG MSE C 171 -37.06 6.19 -5.06
SE MSE C 171 -37.63 8.04 -5.00
CE MSE C 171 -38.18 8.14 -3.10
N ILE C 172 -34.05 4.03 -5.85
CA ILE C 172 -33.61 3.40 -7.11
C ILE C 172 -33.82 1.87 -7.09
N ALA C 173 -33.40 1.23 -6.00
CA ALA C 173 -33.56 -0.22 -5.83
C ALA C 173 -35.02 -0.65 -5.93
N ARG C 174 -35.91 0.13 -5.33
CA ARG C 174 -37.37 -0.13 -5.36
C ARG C 174 -37.91 -0.07 -6.77
N ILE C 175 -37.48 0.97 -7.50
CA ILE C 175 -37.94 1.18 -8.86
C ILE C 175 -37.46 0.04 -9.78
N LEU C 176 -36.18 -0.33 -9.65
CA LEU C 176 -35.63 -1.40 -10.48
C LEU C 176 -36.25 -2.75 -10.13
N ALA C 177 -36.53 -2.96 -8.86
CA ALA C 177 -37.24 -4.19 -8.43
C ALA C 177 -38.66 -4.23 -9.02
N GLU C 178 -39.38 -3.11 -8.96
CA GLU C 178 -40.71 -3.00 -9.60
C GLU C 178 -40.66 -3.29 -11.10
N ALA C 179 -39.56 -2.91 -11.74
CA ALA C 179 -39.41 -3.11 -13.18
C ALA C 179 -39.16 -4.58 -13.52
N GLY C 180 -38.97 -5.41 -12.50
CA GLY C 180 -38.73 -6.83 -12.69
C GLY C 180 -37.26 -7.21 -12.84
N THR C 181 -36.34 -6.29 -12.53
CA THR C 181 -34.92 -6.62 -12.52
C THR C 181 -34.66 -7.74 -11.51
N PRO C 182 -34.11 -8.89 -11.97
CA PRO C 182 -33.98 -10.02 -11.05
C PRO C 182 -33.11 -9.71 -9.84
N ALA C 183 -33.41 -10.40 -8.74
CA ALA C 183 -32.66 -10.26 -7.50
C ALA C 183 -31.18 -10.49 -7.77
N GLY C 184 -30.34 -9.63 -7.24
CA GLY C 184 -28.90 -9.77 -7.39
C GLY C 184 -28.35 -9.23 -8.70
N VAL C 185 -29.20 -9.08 -9.72
CA VAL C 185 -28.77 -8.48 -11.00
C VAL C 185 -28.48 -6.98 -10.80
N TYR C 186 -29.37 -6.30 -10.08
CA TYR C 186 -29.08 -4.97 -9.55
C TYR C 186 -29.28 -5.06 -8.05
N GLY C 187 -28.30 -4.57 -7.29
CA GLY C 187 -28.40 -4.54 -5.83
C GLY C 187 -27.52 -3.44 -5.30
N TRP C 188 -27.68 -3.12 -4.02
CA TRP C 188 -26.81 -2.13 -3.43
C TRP C 188 -26.55 -2.48 -1.97
N VAL C 189 -25.50 -1.89 -1.40
CA VAL C 189 -25.15 -2.20 -0.02
C VAL C 189 -24.52 -0.96 0.61
N ASN C 190 -24.95 -0.62 1.82
CA ASN C 190 -24.45 0.57 2.53
C ASN C 190 -23.13 0.23 3.23
N ALA C 191 -22.11 -0.11 2.44
CA ALA C 191 -20.82 -0.53 3.00
C ALA C 191 -19.98 0.66 3.45
N ASN C 192 -19.27 0.54 4.56
CA ASN C 192 -18.21 1.50 4.86
C ASN C 192 -16.94 1.16 4.07
N ASN C 193 -15.88 1.94 4.27
CA ASN C 193 -14.67 1.75 3.46
C ASN C 193 -14.06 0.35 3.64
N GLU C 194 -14.13 -0.19 4.86
CA GLU C 194 -13.66 -1.55 5.11
C GLU C 194 -14.48 -2.60 4.38
N GLY C 195 -15.79 -2.36 4.28
CA GLY C 195 -16.71 -3.23 3.55
C GLY C 195 -16.39 -3.20 2.06
N VAL C 196 -16.07 -2.01 1.53
CA VAL C 196 -15.66 -1.90 0.13
C VAL C 196 -14.38 -2.73 -0.12
N SER C 197 -13.39 -2.55 0.75
CA SER C 197 -12.14 -3.34 0.66
C SER C 197 -12.44 -4.82 0.65
N GLN C 198 -13.32 -5.25 1.55
CA GLN C 198 -13.69 -6.65 1.62
C GLN C 198 -14.29 -7.17 0.30
N MSE C 199 -15.18 -6.39 -0.31
CA MSE C 199 -15.79 -6.81 -1.56
C MSE C 199 -14.80 -6.82 -2.72
O MSE C 199 -14.75 -7.78 -3.48
CB MSE C 199 -17.01 -5.95 -1.87
CG MSE C 199 -18.09 -6.12 -0.79
SE MSE C 199 -19.71 -5.17 -1.30
CE MSE C 199 -19.07 -3.34 -1.02
N ILE C 200 -13.97 -5.78 -2.84
CA ILE C 200 -12.92 -5.75 -3.89
C ILE C 200 -12.04 -7.01 -3.85
N ASN C 201 -11.74 -7.46 -2.64
CA ASN C 201 -10.91 -8.64 -2.45
C ASN C 201 -11.66 -9.97 -2.49
N ASP C 202 -12.97 -9.94 -2.67
CA ASP C 202 -13.78 -11.16 -2.78
C ASP C 202 -13.82 -11.64 -4.25
N PRO C 203 -13.60 -12.95 -4.50
CA PRO C 203 -13.61 -13.43 -5.91
C PRO C 203 -14.91 -13.28 -6.67
N ARG C 204 -16.02 -13.08 -5.95
CA ARG C 204 -17.30 -12.81 -6.60
C ARG C 204 -17.39 -11.43 -7.27
N ILE C 205 -16.52 -10.50 -6.88
CA ILE C 205 -16.43 -9.23 -7.60
C ILE C 205 -15.43 -9.42 -8.76
N ALA C 206 -15.91 -9.25 -10.00
CA ALA C 206 -15.07 -9.41 -11.19
C ALA C 206 -14.25 -8.17 -11.49
N ALA C 207 -14.85 -6.99 -11.29
CA ALA C 207 -14.25 -5.72 -11.71
C ALA C 207 -14.91 -4.58 -10.95
N VAL C 208 -14.37 -3.36 -11.09
CA VAL C 208 -14.86 -2.22 -10.29
C VAL C 208 -15.01 -1.01 -11.17
N THR C 209 -16.04 -0.20 -10.91
CA THR C 209 -16.17 1.07 -11.58
C THR C 209 -16.37 2.16 -10.51
N VAL C 210 -15.66 3.28 -10.66
CA VAL C 210 -15.68 4.36 -9.68
C VAL C 210 -15.96 5.67 -10.37
N THR C 211 -16.92 6.42 -9.83
CA THR C 211 -17.11 7.80 -10.23
C THR C 211 -16.99 8.62 -8.95
N GLY C 212 -16.04 9.54 -8.93
CA GLY C 212 -15.76 10.18 -7.64
C GLY C 212 -14.57 11.09 -7.72
N SER C 213 -14.01 11.41 -6.56
CA SER C 213 -12.87 12.30 -6.51
C SER C 213 -11.59 11.56 -6.91
N VAL C 214 -10.57 12.33 -7.27
CA VAL C 214 -9.23 11.78 -7.45
C VAL C 214 -8.79 10.91 -6.26
N ARG C 215 -9.04 11.36 -5.02
CA ARG C 215 -8.60 10.61 -3.83
C ARG C 215 -9.27 9.24 -3.74
N ALA C 216 -10.57 9.21 -4.02
CA ALA C 216 -11.36 7.99 -4.03
C ALA C 216 -10.86 7.03 -5.11
N GLY C 217 -10.65 7.57 -6.31
CA GLY C 217 -10.17 6.76 -7.47
C GLY C 217 -8.83 6.12 -7.16
N ALA C 218 -7.93 6.91 -6.57
CA ALA C 218 -6.61 6.40 -6.17
C ALA C 218 -6.68 5.27 -5.12
N ALA C 219 -7.51 5.46 -4.10
CA ALA C 219 -7.65 4.47 -3.02
C ALA C 219 -8.26 3.17 -3.54
N ILE C 220 -9.27 3.30 -4.40
CA ILE C 220 -9.95 2.13 -4.91
C ILE C 220 -9.16 1.48 -6.03
N GLY C 221 -8.60 2.30 -6.93
CA GLY C 221 -7.79 1.80 -8.06
C GLY C 221 -6.60 0.98 -7.58
N ALA C 222 -5.94 1.44 -6.52
CA ALA C 222 -4.85 0.68 -5.91
C ALA C 222 -5.30 -0.70 -5.44
N GLN C 223 -6.49 -0.76 -4.84
CA GLN C 223 -7.01 -2.04 -4.34
C GLN C 223 -7.41 -2.97 -5.47
N ALA C 224 -8.08 -2.42 -6.49
CA ALA C 224 -8.47 -3.25 -7.63
C ALA C 224 -7.23 -3.83 -8.34
N GLY C 225 -6.23 -2.99 -8.60
CA GLY C 225 -4.96 -3.41 -9.23
C GLY C 225 -4.31 -4.53 -8.43
N ALA C 226 -4.26 -4.38 -7.10
CA ALA C 226 -3.69 -5.41 -6.23
C ALA C 226 -4.47 -6.72 -6.29
N ALA C 227 -5.76 -6.64 -6.57
CA ALA C 227 -6.59 -7.83 -6.68
C ALA C 227 -6.69 -8.36 -8.11
N LEU C 228 -5.93 -7.74 -9.02
CA LEU C 228 -5.89 -8.12 -10.44
C LEU C 228 -7.24 -7.94 -11.12
N LYS C 229 -7.96 -6.90 -10.68
CA LYS C 229 -9.27 -6.60 -11.24
C LYS C 229 -9.27 -5.28 -11.96
N LYS C 230 -9.94 -5.26 -13.10
CA LYS C 230 -9.98 -4.11 -13.96
C LYS C 230 -10.86 -3.05 -13.34
N CYS C 231 -10.51 -1.78 -13.60
N CYS C 231 -10.55 -1.77 -13.56
CA CYS C 231 -11.28 -0.60 -13.22
CA CYS C 231 -11.46 -0.73 -13.16
C CYS C 231 -11.69 0.27 -14.40
C CYS C 231 -11.61 0.36 -14.22
N VAL C 232 -12.76 1.03 -14.20
CA VAL C 232 -12.96 2.29 -14.92
C VAL C 232 -12.99 3.38 -13.81
N LEU C 233 -12.21 4.44 -13.97
CA LEU C 233 -12.15 5.51 -12.98
C LEU C 233 -12.54 6.81 -13.68
N GLU C 234 -13.68 7.37 -13.27
CA GLU C 234 -14.20 8.61 -13.86
C GLU C 234 -14.11 9.61 -12.72
N LEU C 235 -13.07 10.43 -12.72
CA LEU C 235 -12.72 11.19 -11.54
C LEU C 235 -12.92 12.70 -11.77
N GLY C 236 -12.25 13.52 -11.01
CA GLY C 236 -12.48 14.97 -11.11
C GLY C 236 -12.08 15.57 -12.44
N GLY C 237 -12.46 16.83 -12.64
CA GLY C 237 -12.01 17.56 -13.80
C GLY C 237 -11.74 18.99 -13.41
N SER C 238 -10.97 19.67 -14.24
CA SER C 238 -10.85 21.11 -14.13
C SER C 238 -10.86 21.62 -15.57
N ASP C 239 -12.02 21.48 -16.21
CA ASP C 239 -12.11 21.63 -17.68
C ASP C 239 -11.81 23.05 -18.09
N PRO C 240 -10.92 23.20 -19.09
CA PRO C 240 -10.68 24.51 -19.66
C PRO C 240 -11.79 24.89 -20.64
N PHE C 241 -12.09 26.19 -20.72
CA PHE C 241 -13.11 26.70 -21.63
C PHE C 241 -12.38 27.86 -22.32
N ILE C 242 -11.97 27.64 -23.57
CA ILE C 242 -11.13 28.60 -24.28
C ILE C 242 -12.00 29.50 -25.15
N VAL C 243 -11.78 30.81 -25.07
CA VAL C 243 -12.53 31.78 -25.91
C VAL C 243 -11.50 32.63 -26.66
N LEU C 244 -11.43 32.46 -27.97
CA LEU C 244 -10.49 33.25 -28.79
C LEU C 244 -11.13 34.54 -29.28
N ASN C 245 -10.32 35.48 -29.77
CA ASN C 245 -10.82 36.81 -30.15
C ASN C 245 -11.98 36.85 -31.13
N ASP C 246 -12.06 35.86 -32.00
CA ASP C 246 -13.09 35.83 -33.04
C ASP C 246 -14.32 35.01 -32.64
N ALA C 247 -14.48 34.73 -31.34
CA ALA C 247 -15.59 33.90 -30.90
C ALA C 247 -16.94 34.59 -31.07
N ASP C 248 -18.00 33.80 -31.21
CA ASP C 248 -19.36 34.24 -31.03
C ASP C 248 -19.52 34.52 -29.54
N LEU C 249 -19.34 35.79 -29.15
CA LEU C 249 -19.26 36.17 -27.75
C LEU C 249 -20.54 35.89 -26.96
N GLU C 250 -21.70 36.21 -27.52
CA GLU C 250 -22.97 35.95 -26.86
C GLU C 250 -23.16 34.47 -26.55
N LEU C 251 -22.88 33.61 -27.54
CA LEU C 251 -23.01 32.17 -27.33
C LEU C 251 -21.96 31.67 -26.33
N ALA C 252 -20.75 32.18 -26.43
CA ALA C 252 -19.66 31.77 -25.53
C ALA C 252 -20.04 32.06 -24.08
N VAL C 253 -20.61 33.25 -23.84
CA VAL C 253 -21.04 33.61 -22.46
C VAL C 253 -22.14 32.70 -21.95
N LYS C 254 -23.13 32.44 -22.79
CA LYS C 254 -24.22 31.52 -22.45
C LYS C 254 -23.69 30.13 -22.12
N ALA C 255 -22.84 29.60 -22.98
CA ALA C 255 -22.23 28.27 -22.72
C ALA C 255 -21.36 28.28 -21.46
N ALA C 256 -20.66 29.40 -21.24
CA ALA C 256 -19.75 29.51 -20.10
C ALA C 256 -20.53 29.48 -18.77
N VAL C 257 -21.62 30.24 -18.72
CA VAL C 257 -22.45 30.34 -17.52
C VAL C 257 -23.14 29.01 -17.21
N ALA C 258 -23.76 28.40 -18.22
CA ALA C 258 -24.37 27.10 -18.07
C ALA C 258 -23.30 26.06 -17.67
N GLY C 259 -22.12 26.14 -18.30
CA GLY C 259 -21.05 25.16 -18.04
C GLY C 259 -20.54 25.19 -16.61
N ARG C 260 -20.28 26.37 -16.07
CA ARG C 260 -19.81 26.50 -14.70
C ARG C 260 -20.89 26.26 -13.63
N TYR C 261 -22.10 26.78 -13.87
CA TYR C 261 -23.08 26.89 -12.78
C TYR C 261 -24.17 25.83 -12.69
N GLN C 262 -24.26 24.96 -13.70
N GLN C 262 -24.26 24.96 -13.69
CA GLN C 262 -25.16 23.79 -13.64
CA GLN C 262 -25.21 23.84 -13.60
C GLN C 262 -24.91 23.03 -12.33
C GLN C 262 -24.92 22.99 -12.38
N ASN C 263 -25.97 22.50 -11.73
CA ASN C 263 -25.86 21.72 -10.48
C ASN C 263 -25.06 22.47 -9.40
N THR C 264 -25.26 23.78 -9.33
CA THR C 264 -24.54 24.65 -8.40
C THR C 264 -23.02 24.42 -8.48
N GLY C 265 -22.55 24.16 -9.69
CA GLY C 265 -21.16 23.93 -9.97
C GLY C 265 -20.59 22.54 -9.75
N GLN C 266 -21.39 21.67 -9.21
CA GLN C 266 -20.96 20.38 -8.75
C GLN C 266 -21.01 19.33 -9.87
N VAL C 267 -20.21 19.56 -10.89
CA VAL C 267 -20.17 18.69 -12.05
C VAL C 267 -18.72 18.42 -12.43
N CYS C 268 -18.39 17.14 -12.63
CA CYS C 268 -17.02 16.76 -12.92
C CYS C 268 -16.53 17.45 -14.19
N ALA C 269 -17.36 17.43 -15.20
CA ALA C 269 -17.06 18.09 -16.47
C ALA C 269 -17.60 19.52 -16.54
N ALA C 270 -17.74 20.22 -15.41
CA ALA C 270 -18.08 21.66 -15.49
C ALA C 270 -16.95 22.41 -16.21
N ALA C 271 -17.29 23.53 -16.85
CA ALA C 271 -16.30 24.52 -17.27
C ALA C 271 -15.79 25.19 -16.00
N LYS C 272 -14.53 24.97 -15.66
CA LYS C 272 -13.96 25.48 -14.41
C LYS C 272 -12.86 26.54 -14.63
N ARG C 273 -12.10 26.40 -15.71
CA ARG C 273 -11.02 27.35 -16.00
C ARG C 273 -11.30 28.09 -17.32
N PHE C 274 -11.70 29.36 -17.22
CA PHE C 274 -11.95 30.16 -18.42
C PHE C 274 -10.66 30.80 -18.87
N ILE C 275 -10.26 30.49 -20.10
CA ILE C 275 -8.99 30.93 -20.65
C ILE C 275 -9.35 31.80 -21.85
N VAL C 276 -9.17 33.11 -21.69
CA VAL C 276 -9.75 34.07 -22.65
C VAL C 276 -8.67 34.91 -23.31
N GLU C 277 -8.68 34.96 -24.63
CA GLU C 277 -7.65 35.71 -25.36
C GLU C 277 -7.77 37.21 -25.02
N GLU C 278 -6.62 37.87 -24.92
CA GLU C 278 -6.51 39.29 -24.54
C GLU C 278 -7.55 40.21 -25.14
N GLY C 279 -7.76 40.08 -26.45
CA GLY C 279 -8.62 41.01 -27.20
C GLY C 279 -10.07 40.99 -26.77
N ILE C 280 -10.55 39.83 -26.33
CA ILE C 280 -11.95 39.64 -25.97
C ILE C 280 -12.16 39.53 -24.44
N ALA C 281 -11.06 39.42 -23.70
CA ALA C 281 -11.06 39.13 -22.27
C ALA C 281 -11.97 40.05 -21.44
N GLN C 282 -11.84 41.35 -21.64
CA GLN C 282 -12.63 42.26 -20.82
C GLN C 282 -14.12 42.18 -21.11
N ALA C 283 -14.49 42.11 -22.39
CA ALA C 283 -15.89 41.98 -22.78
C ALA C 283 -16.49 40.67 -22.23
N PHE C 284 -15.75 39.57 -22.40
CA PHE C 284 -16.19 38.28 -21.85
C PHE C 284 -16.39 38.40 -20.34
N THR C 285 -15.39 38.94 -19.65
CA THR C 285 -15.42 39.02 -18.19
C THR C 285 -16.64 39.82 -17.70
N ASP C 286 -16.85 41.00 -18.30
CA ASP C 286 -17.99 41.85 -17.93
C ASP C 286 -19.33 41.12 -18.08
N ARG C 287 -19.53 40.46 -19.22
CA ARG C 287 -20.79 39.79 -19.49
C ARG C 287 -20.98 38.56 -18.63
N PHE C 288 -19.88 37.85 -18.41
CA PHE C 288 -19.93 36.65 -17.56
C PHE C 288 -20.30 37.04 -16.12
N VAL C 289 -19.61 38.04 -15.57
CA VAL C 289 -19.91 38.52 -14.22
C VAL C 289 -21.38 38.94 -14.12
N ALA C 290 -21.86 39.71 -15.09
CA ALA C 290 -23.26 40.18 -15.08
C ALA C 290 -24.22 38.99 -15.11
N ALA C 291 -23.95 38.01 -15.97
CA ALA C 291 -24.83 36.84 -16.05
C ALA C 291 -24.84 36.04 -14.74
N ALA C 292 -23.66 35.90 -14.15
CA ALA C 292 -23.49 35.16 -12.90
C ALA C 292 -24.22 35.85 -11.77
N ALA C 293 -24.14 37.19 -11.75
CA ALA C 293 -24.82 37.98 -10.72
C ALA C 293 -26.34 37.89 -10.82
N ALA C 294 -26.85 37.63 -12.03
CA ALA C 294 -28.30 37.56 -12.29
C ALA C 294 -28.91 36.22 -11.89
N LEU C 295 -28.06 35.20 -11.71
CA LEU C 295 -28.56 33.89 -11.32
C LEU C 295 -29.25 33.98 -9.96
N LYS C 296 -30.42 33.35 -9.84
CA LYS C 296 -31.16 33.32 -8.58
C LYS C 296 -30.75 32.09 -7.74
N MSE C 297 -30.56 32.31 -6.44
CA MSE C 297 -30.16 31.25 -5.53
C MSE C 297 -31.10 31.17 -4.34
O MSE C 297 -31.47 32.19 -3.78
CB MSE C 297 -28.72 31.51 -5.02
CG MSE C 297 -28.23 30.42 -4.09
SE MSE C 297 -26.40 30.77 -3.53
CE MSE C 297 -26.71 32.44 -2.63
N GLY C 298 -31.50 29.96 -3.96
CA GLY C 298 -32.38 29.75 -2.82
C GLY C 298 -32.98 28.37 -2.81
N ASP C 299 -34.08 28.23 -2.05
CA ASP C 299 -34.86 27.02 -1.92
C ASP C 299 -34.95 26.29 -3.27
N PRO C 300 -34.37 25.07 -3.35
CA PRO C 300 -34.35 24.38 -4.65
C PRO C 300 -35.70 23.84 -5.08
N LEU C 301 -36.70 23.90 -4.19
CA LEU C 301 -38.08 23.57 -4.57
C LEU C 301 -38.81 24.74 -5.25
N VAL C 302 -38.21 25.92 -5.22
CA VAL C 302 -38.75 27.11 -5.86
C VAL C 302 -38.13 27.22 -7.24
N GLU C 303 -38.95 27.06 -8.27
CA GLU C 303 -38.44 26.83 -9.63
C GLU C 303 -37.70 28.01 -10.23
N GLU C 304 -37.93 29.20 -9.70
CA GLU C 304 -37.21 30.38 -10.15
C GLU C 304 -35.71 30.28 -9.91
N ASN C 305 -35.32 29.51 -8.90
CA ASN C 305 -33.94 29.48 -8.44
C ASN C 305 -33.03 28.66 -9.38
N ASP C 306 -31.99 29.31 -9.88
CA ASP C 306 -31.00 28.70 -10.76
C ASP C 306 -29.96 27.87 -10.00
N LEU C 307 -29.71 28.29 -8.77
CA LEU C 307 -28.69 27.67 -7.91
C LEU C 307 -29.31 27.26 -6.60
N GLY C 308 -28.90 26.10 -6.10
CA GLY C 308 -29.35 25.63 -4.80
C GLY C 308 -28.26 25.81 -3.76
N PRO C 309 -28.43 25.16 -2.60
CA PRO C 309 -27.33 25.09 -1.68
C PRO C 309 -26.35 24.05 -2.25
N MSE C 310 -25.10 24.09 -1.80
CA MSE C 310 -24.19 22.98 -2.07
C MSE C 310 -24.59 21.75 -1.24
O MSE C 310 -25.24 21.88 -0.21
CB MSE C 310 -22.77 23.41 -1.75
CG MSE C 310 -22.24 24.43 -2.74
SE MSE C 310 -20.44 25.06 -2.25
CE MSE C 310 -19.45 23.37 -2.48
N ALA C 311 -24.17 20.56 -1.67
CA ALA C 311 -24.66 19.32 -1.07
C ALA C 311 -24.13 19.03 0.33
N ARG C 312 -22.86 19.36 0.58
CA ARG C 312 -22.19 18.96 1.81
C ARG C 312 -21.59 20.15 2.51
N PHE C 313 -21.84 20.29 3.81
CA PHE C 313 -21.29 21.42 4.58
C PHE C 313 -19.76 21.45 4.60
N ASP C 314 -19.13 20.32 4.84
CA ASP C 314 -17.65 20.27 4.79
C ASP C 314 -17.08 20.67 3.42
N LEU C 315 -17.77 20.34 2.33
CA LEU C 315 -17.26 20.72 0.99
C LEU C 315 -17.42 22.21 0.70
N ARG C 316 -18.45 22.82 1.27
CA ARG C 316 -18.54 24.29 1.19
C ARG C 316 -17.38 24.91 1.97
N ASP C 317 -17.10 24.35 3.09
CA ASP C 317 -15.96 24.86 3.87
C ASP C 317 -14.69 24.77 3.01
N GLU C 318 -14.47 23.68 2.40
CA GLU C 318 -13.27 23.47 1.59
C GLU C 318 -13.26 24.43 0.39
N LEU C 319 -14.41 24.61 -0.25
CA LEU C 319 -14.46 25.52 -1.40
C LEU C 319 -14.10 26.93 -0.97
N HIS C 320 -14.63 27.33 0.18
CA HIS C 320 -14.34 28.67 0.69
C HIS C 320 -12.85 28.85 0.96
N GLN C 321 -12.20 27.83 1.53
CA GLN C 321 -10.76 27.88 1.70
C GLN C 321 -9.99 27.98 0.38
N GLN C 322 -10.48 27.30 -0.66
CA GLN C 322 -9.84 27.39 -1.98
C GLN C 322 -9.96 28.82 -2.54
N VAL C 323 -11.13 29.43 -2.29
CA VAL C 323 -11.33 30.83 -2.68
C VAL C 323 -10.42 31.76 -1.85
N GLN C 324 -10.40 31.58 -0.52
CA GLN C 324 -9.50 32.36 0.33
C GLN C 324 -8.01 32.22 -0.08
N ALA C 325 -7.58 31.01 -0.38
CA ALA C 325 -6.18 30.82 -0.79
C ALA C 325 -5.89 31.55 -2.12
N SER C 326 -6.82 31.45 -3.07
CA SER C 326 -6.65 32.07 -4.38
C SER C 326 -6.53 33.60 -4.24
N VAL C 327 -7.39 34.21 -3.42
CA VAL C 327 -7.30 35.67 -3.16
C VAL C 327 -5.96 36.01 -2.51
N ALA C 328 -5.57 35.22 -1.50
CA ALA C 328 -4.26 35.41 -0.86
C ALA C 328 -3.11 35.32 -1.85
N GLU C 329 -3.26 34.46 -2.85
CA GLU C 329 -2.22 34.28 -3.87
C GLU C 329 -2.24 35.40 -4.91
N GLY C 330 -3.31 36.18 -4.95
CA GLY C 330 -3.39 37.34 -5.83
C GLY C 330 -4.56 37.37 -6.78
N ALA C 331 -5.43 36.36 -6.75
CA ALA C 331 -6.63 36.41 -7.62
C ALA C 331 -7.53 37.62 -7.27
N ARG C 332 -8.21 38.15 -8.28
CA ARG C 332 -9.12 39.27 -8.07
C ARG C 332 -10.56 38.78 -7.89
N LEU C 333 -11.17 39.11 -6.76
CA LEU C 333 -12.54 38.69 -6.51
C LEU C 333 -13.54 39.67 -7.13
N LEU C 334 -14.21 39.24 -8.20
CA LEU C 334 -15.16 40.12 -8.91
C LEU C 334 -16.60 39.95 -8.46
N LEU C 335 -16.92 38.81 -7.85
CA LEU C 335 -18.28 38.53 -7.40
C LEU C 335 -18.22 37.40 -6.36
N GLY C 336 -19.06 37.51 -5.34
CA GLY C 336 -19.31 36.44 -4.37
C GLY C 336 -18.13 36.17 -3.45
N GLY C 337 -17.78 34.90 -3.30
CA GLY C 337 -16.65 34.55 -2.45
C GLY C 337 -17.00 34.55 -0.98
N GLU C 338 -18.26 34.26 -0.65
CA GLU C 338 -18.72 34.18 0.74
C GLU C 338 -19.75 33.09 0.98
N LYS C 339 -19.71 32.49 2.17
CA LYS C 339 -20.80 31.65 2.62
C LYS C 339 -22.03 32.54 2.85
N ILE C 340 -23.22 32.05 2.55
CA ILE C 340 -24.42 32.84 2.84
C ILE C 340 -24.87 32.50 4.26
N ALA C 341 -25.13 33.52 5.08
CA ALA C 341 -25.59 33.29 6.45
C ALA C 341 -26.93 32.58 6.48
N GLY C 342 -27.12 31.68 7.44
CA GLY C 342 -28.34 30.88 7.53
C GLY C 342 -28.01 29.45 7.90
N GLU C 343 -29.04 28.63 8.09
CA GLU C 343 -28.82 27.24 8.49
C GLU C 343 -28.60 26.29 7.32
N GLY C 344 -28.99 26.71 6.11
CA GLY C 344 -28.70 25.97 4.87
C GLY C 344 -27.25 26.11 4.45
N ASN C 345 -26.87 25.40 3.38
CA ASN C 345 -25.47 25.33 2.98
C ASN C 345 -25.20 26.12 1.69
N TYR C 346 -25.58 27.40 1.67
CA TYR C 346 -25.44 28.21 0.45
C TYR C 346 -24.09 28.90 0.35
N TYR C 347 -23.53 28.93 -0.87
CA TYR C 347 -22.32 29.69 -1.15
C TYR C 347 -22.62 30.60 -2.34
N ALA C 348 -22.20 31.86 -2.26
CA ALA C 348 -22.48 32.85 -3.33
C ALA C 348 -21.89 32.46 -4.68
N ALA C 349 -22.63 32.69 -5.76
CA ALA C 349 -22.03 32.61 -7.10
C ALA C 349 -20.80 33.49 -7.13
N THR C 350 -19.67 32.91 -7.52
CA THR C 350 -18.38 33.58 -7.37
C THR C 350 -17.59 33.62 -8.67
N VAL C 351 -16.86 34.73 -8.87
CA VAL C 351 -15.94 34.91 -9.99
C VAL C 351 -14.58 35.42 -9.53
N LEU C 352 -13.55 34.67 -9.87
CA LEU C 352 -12.17 35.07 -9.63
C LEU C 352 -11.52 35.36 -10.96
N ALA C 353 -10.84 36.49 -11.04
CA ALA C 353 -10.13 36.85 -12.26
C ALA C 353 -8.65 37.07 -11.94
N ASP C 354 -7.87 37.40 -12.98
CA ASP C 354 -6.41 37.52 -12.88
C ASP C 354 -5.78 36.23 -12.36
N VAL C 355 -6.40 35.09 -12.66
CA VAL C 355 -5.96 33.81 -12.13
C VAL C 355 -4.76 33.37 -12.95
N THR C 356 -3.66 33.05 -12.30
CA THR C 356 -2.46 32.59 -13.00
C THR C 356 -2.22 31.13 -12.65
N PRO C 357 -1.48 30.38 -13.49
CA PRO C 357 -1.40 28.93 -13.34
C PRO C 357 -0.87 28.40 -12.01
N ASP C 358 -0.14 29.21 -11.26
CA ASP C 358 0.38 28.78 -9.95
C ASP C 358 -0.74 28.74 -8.88
N MSE C 359 -1.90 29.30 -9.18
CA MSE C 359 -2.88 29.53 -8.12
C MSE C 359 -3.79 28.35 -7.86
O MSE C 359 -4.05 27.54 -8.75
CB MSE C 359 -3.73 30.76 -8.43
CG MSE C 359 -2.94 32.02 -8.47
SE MSE C 359 -4.16 33.50 -8.76
CE MSE C 359 -2.84 34.94 -8.83
N THR C 360 -4.32 28.30 -6.63
CA THR C 360 -5.26 27.26 -6.22
C THR C 360 -6.42 27.14 -7.21
N ALA C 361 -6.99 28.27 -7.62
CA ALA C 361 -8.18 28.22 -8.48
C ALA C 361 -7.86 27.66 -9.87
N PHE C 362 -6.57 27.60 -10.22
CA PHE C 362 -6.14 27.02 -11.50
C PHE C 362 -5.74 25.55 -11.37
N ARG C 363 -5.23 25.17 -10.20
CA ARG C 363 -4.60 23.84 -10.05
C ARG C 363 -5.48 22.80 -9.37
N GLN C 364 -6.47 23.23 -8.60
CA GLN C 364 -7.37 22.28 -7.92
C GLN C 364 -8.72 22.29 -8.60
N GLU C 365 -9.50 21.21 -8.45
CA GLU C 365 -10.89 21.18 -8.88
C GLU C 365 -11.75 22.02 -7.92
N LEU C 366 -12.37 23.09 -8.43
CA LEU C 366 -13.32 23.86 -7.60
C LEU C 366 -14.71 23.33 -7.84
N PHE C 367 -15.19 22.50 -6.91
CA PHE C 367 -16.44 21.77 -7.07
C PHE C 367 -17.63 22.53 -6.47
N GLY C 368 -17.88 23.71 -7.01
CA GLY C 368 -18.97 24.56 -6.55
C GLY C 368 -18.99 25.79 -7.44
N PRO C 369 -19.84 26.78 -7.11
CA PRO C 369 -20.12 27.89 -8.03
C PRO C 369 -19.03 28.97 -8.06
N VAL C 370 -17.81 28.59 -8.44
CA VAL C 370 -16.70 29.53 -8.48
C VAL C 370 -16.01 29.44 -9.84
N ALA C 371 -16.10 30.52 -10.63
CA ALA C 371 -15.47 30.55 -11.94
C ALA C 371 -14.08 31.15 -11.80
N ALA C 372 -13.10 30.60 -12.53
CA ALA C 372 -11.76 31.16 -12.59
C ALA C 372 -11.50 31.68 -14.01
N ILE C 373 -11.05 32.93 -14.12
CA ILE C 373 -10.77 33.51 -15.43
C ILE C 373 -9.31 33.90 -15.57
N THR C 374 -8.67 33.39 -16.62
CA THR C 374 -7.26 33.62 -16.94
C THR C 374 -7.16 34.18 -18.36
N VAL C 375 -6.27 35.16 -18.54
CA VAL C 375 -6.06 35.81 -19.83
C VAL C 375 -4.91 35.17 -20.62
N ALA C 376 -5.17 34.85 -21.89
CA ALA C 376 -4.17 34.26 -22.78
C ALA C 376 -3.69 35.32 -23.77
N LYS C 377 -2.38 35.36 -24.02
CA LYS C 377 -1.79 36.34 -24.94
C LYS C 377 -2.11 36.04 -26.41
N ASP C 378 -2.25 34.75 -26.71
CA ASP C 378 -2.48 34.30 -28.09
C ASP C 378 -3.00 32.87 -28.05
N ALA C 379 -3.31 32.31 -29.22
CA ALA C 379 -3.89 30.96 -29.28
C ALA C 379 -2.96 29.88 -28.71
N ALA C 380 -1.66 29.99 -28.98
CA ALA C 380 -0.67 29.02 -28.47
C ALA C 380 -0.66 29.05 -26.95
N HIS C 381 -0.66 30.26 -26.38
CA HIS C 381 -0.69 30.44 -24.93
C HIS C 381 -1.97 29.82 -24.35
N ALA C 382 -3.11 30.04 -25.02
CA ALA C 382 -4.38 29.47 -24.57
C ALA C 382 -4.32 27.93 -24.52
N LEU C 383 -3.79 27.32 -25.57
CA LEU C 383 -3.61 25.87 -25.59
C LEU C 383 -2.71 25.40 -24.45
N ALA C 384 -1.60 26.12 -24.22
CA ALA C 384 -0.65 25.73 -23.20
C ALA C 384 -1.28 25.82 -21.82
N LEU C 385 -2.04 26.90 -21.57
CA LEU C 385 -2.76 27.04 -20.31
C LEU C 385 -3.79 25.92 -20.12
N ALA C 386 -4.50 25.57 -21.19
CA ALA C 386 -5.55 24.56 -21.09
C ALA C 386 -4.92 23.22 -20.65
N ASN C 387 -3.76 22.90 -21.23
CA ASN C 387 -3.08 21.62 -20.96
C ASN C 387 -2.23 21.60 -19.70
N ASP C 388 -2.05 22.77 -19.09
CA ASP C 388 -1.25 22.86 -17.86
C ASP C 388 -2.15 22.50 -16.66
N SER C 389 -2.48 21.22 -16.55
CA SER C 389 -3.42 20.76 -15.55
C SER C 389 -3.11 19.30 -15.27
N GLU C 390 -3.33 18.86 -14.03
CA GLU C 390 -3.23 17.43 -13.69
C GLU C 390 -4.52 16.69 -14.09
N PHE C 391 -5.55 17.43 -14.48
CA PHE C 391 -6.84 16.86 -14.89
C PHE C 391 -6.93 16.87 -16.42
N GLY C 392 -7.86 16.10 -16.96
CA GLY C 392 -8.03 16.07 -18.41
C GLY C 392 -9.35 15.43 -18.81
N LEU C 393 -10.45 15.98 -18.33
CA LEU C 393 -11.73 15.33 -18.55
C LEU C 393 -12.33 15.77 -19.88
N SER C 394 -12.67 17.05 -19.96
CA SER C 394 -13.32 17.59 -21.13
C SER C 394 -12.82 19.03 -21.35
N ALA C 395 -13.17 19.62 -22.49
CA ALA C 395 -12.71 20.97 -22.80
C ALA C 395 -13.70 21.60 -23.79
N THR C 396 -13.75 22.92 -23.78
CA THR C 396 -14.54 23.68 -24.77
C THR C 396 -13.63 24.69 -25.46
N ILE C 397 -13.86 24.89 -26.75
CA ILE C 397 -13.22 25.99 -27.46
C ILE C 397 -14.23 26.78 -28.31
N PHE C 398 -14.22 28.10 -28.13
CA PHE C 398 -15.04 29.02 -28.92
C PHE C 398 -14.12 29.81 -29.84
N THR C 399 -14.31 29.63 -31.15
CA THR C 399 -13.61 30.39 -32.19
C THR C 399 -14.42 30.26 -33.48
N ALA C 400 -14.48 31.35 -34.24
CA ALA C 400 -15.13 31.34 -35.54
C ALA C 400 -14.39 30.48 -36.57
N ASP C 401 -13.10 30.22 -36.33
CA ASP C 401 -12.25 29.52 -37.29
C ASP C 401 -12.37 27.99 -37.08
N ASP C 402 -13.10 27.31 -37.97
CA ASP C 402 -13.27 25.84 -37.89
C ASP C 402 -11.96 25.07 -37.93
N THR C 403 -11.03 25.52 -38.78
CA THR C 403 -9.75 24.85 -38.95
C THR C 403 -8.87 24.93 -37.69
N LEU C 404 -8.78 26.13 -37.13
CA LEU C 404 -8.06 26.36 -35.89
C LEU C 404 -8.67 25.53 -34.74
N ALA C 405 -10.01 25.57 -34.63
CA ALA C 405 -10.69 24.74 -33.62
C ALA C 405 -10.27 23.26 -33.72
N ALA C 406 -10.24 22.72 -34.93
CA ALA C 406 -9.94 21.30 -35.13
C ALA C 406 -8.47 21.01 -34.79
N GLU C 407 -7.58 21.93 -35.17
CA GLU C 407 -6.17 21.82 -34.84
C GLU C 407 -5.92 21.86 -33.34
N MSE C 408 -6.62 22.74 -32.63
CA MSE C 408 -6.49 22.83 -31.20
C MSE C 408 -7.09 21.60 -30.50
O MSE C 408 -6.50 21.08 -29.54
CB MSE C 408 -7.05 24.15 -30.67
CG MSE C 408 -6.06 25.32 -30.86
SE MSE C 408 -7.06 27.00 -30.59
CE MSE C 408 -6.63 27.21 -28.65
N ALA C 409 -8.25 21.10 -30.98
CA ALA C 409 -8.85 19.88 -30.44
C ALA C 409 -7.89 18.69 -30.50
N ALA C 410 -7.16 18.54 -31.60
CA ALA C 410 -6.18 17.46 -31.74
C ALA C 410 -5.04 17.54 -30.70
N ARG C 411 -4.80 18.73 -30.15
CA ARG C 411 -3.70 18.96 -29.21
C ARG C 411 -4.15 19.09 -27.76
N LEU C 412 -5.45 19.12 -27.55
CA LEU C 412 -5.99 19.23 -26.20
C LEU C 412 -5.93 17.88 -25.47
N GLU C 413 -5.37 17.90 -24.25
CA GLU C 413 -5.14 16.66 -23.50
C GLU C 413 -6.35 16.34 -22.61
N CYS C 414 -7.42 15.88 -23.26
N CYS C 414 -7.45 15.97 -23.27
CA CYS C 414 -8.64 15.52 -22.56
CA CYS C 414 -8.75 15.71 -22.62
C CYS C 414 -9.46 14.58 -23.40
C CYS C 414 -9.48 14.63 -23.40
N GLY C 415 -10.47 13.99 -22.78
CA GLY C 415 -11.27 12.95 -23.44
C GLY C 415 -12.46 13.47 -24.22
N GLY C 416 -12.74 14.76 -24.12
CA GLY C 416 -13.87 15.33 -24.90
C GLY C 416 -13.59 16.77 -25.24
N VAL C 417 -13.92 17.18 -26.46
CA VAL C 417 -13.72 18.58 -26.86
C VAL C 417 -14.99 19.07 -27.53
N PHE C 418 -15.53 20.16 -27.00
CA PHE C 418 -16.72 20.77 -27.57
C PHE C 418 -16.35 22.08 -28.25
N ILE C 419 -16.68 22.16 -29.54
CA ILE C 419 -16.34 23.31 -30.34
C ILE C 419 -17.63 24.15 -30.53
N ASN C 420 -17.60 25.39 -30.04
CA ASN C 420 -18.73 26.33 -30.17
C ASN C 420 -20.06 25.76 -29.68
N GLY C 421 -20.05 25.12 -28.50
CA GLY C 421 -21.26 24.53 -27.96
C GLY C 421 -21.15 24.24 -26.47
N TYR C 422 -22.13 23.51 -25.97
CA TYR C 422 -22.30 23.23 -24.56
C TYR C 422 -21.86 21.81 -24.29
N SER C 423 -20.84 21.63 -23.45
CA SER C 423 -20.39 20.26 -23.14
C SER C 423 -21.43 19.52 -22.31
N ALA C 424 -21.49 18.21 -22.50
CA ALA C 424 -22.43 17.35 -21.81
C ALA C 424 -22.02 15.92 -22.04
N SER C 425 -22.49 15.01 -21.21
CA SER C 425 -22.44 13.59 -21.53
C SER C 425 -23.70 13.22 -22.35
N ASP C 426 -23.55 12.22 -23.22
CA ASP C 426 -24.63 11.78 -24.10
C ASP C 426 -24.36 10.33 -24.43
N ALA C 427 -25.40 9.49 -24.36
CA ALA C 427 -25.27 8.06 -24.64
C ALA C 427 -24.58 7.76 -25.97
N ARG C 428 -24.66 8.69 -26.93
CA ARG C 428 -24.17 8.44 -28.28
C ARG C 428 -22.65 8.59 -28.42
N VAL C 429 -22.00 9.15 -27.40
CA VAL C 429 -20.56 9.43 -27.50
C VAL C 429 -19.81 8.98 -26.25
N ALA C 430 -18.49 8.83 -26.38
CA ALA C 430 -17.63 8.39 -25.27
C ALA C 430 -17.52 9.48 -24.21
N PHE C 431 -17.41 9.05 -22.96
CA PHE C 431 -17.20 9.97 -21.85
C PHE C 431 -16.08 9.44 -20.95
N GLY C 432 -15.13 10.30 -20.61
CA GLY C 432 -14.07 9.93 -19.67
C GLY C 432 -12.83 10.72 -20.04
N GLY C 433 -11.83 10.71 -19.16
CA GLY C 433 -10.66 11.56 -19.38
C GLY C 433 -9.31 10.88 -19.29
N VAL C 434 -8.30 11.72 -19.14
CA VAL C 434 -6.91 11.31 -19.05
C VAL C 434 -6.27 11.93 -17.81
N LYS C 435 -4.97 11.66 -17.61
CA LYS C 435 -4.27 12.18 -16.42
C LYS C 435 -5.03 11.83 -15.14
N LYS C 436 -5.13 12.74 -14.18
CA LYS C 436 -5.75 12.40 -12.90
C LYS C 436 -7.29 12.35 -12.95
N SER C 437 -7.85 12.61 -14.13
CA SER C 437 -9.28 12.42 -14.34
C SER C 437 -9.62 10.94 -14.46
N GLY C 438 -8.60 10.10 -14.56
CA GLY C 438 -8.78 8.65 -14.50
C GLY C 438 -8.44 7.95 -15.80
N PHE C 439 -9.28 6.97 -16.16
CA PHE C 439 -9.08 6.18 -17.38
C PHE C 439 -10.29 5.29 -17.59
N GLY C 440 -10.40 4.77 -18.81
CA GLY C 440 -11.57 4.00 -19.20
C GLY C 440 -12.63 4.95 -19.74
N ARG C 441 -13.61 4.40 -20.44
CA ARG C 441 -14.63 5.25 -21.06
C ARG C 441 -16.01 4.69 -20.77
N GLU C 442 -16.95 5.60 -20.58
CA GLU C 442 -18.35 5.23 -20.43
C GLU C 442 -19.15 5.65 -21.66
N LEU C 443 -20.35 5.06 -21.77
CA LEU C 443 -21.35 5.40 -22.80
C LEU C 443 -20.99 4.89 -24.21
N SER C 444 -21.91 5.07 -25.16
CA SER C 444 -21.76 4.45 -26.48
C SER C 444 -21.40 2.96 -26.34
N HIS C 445 -20.59 2.42 -27.25
CA HIS C 445 -20.19 1.03 -27.13
C HIS C 445 -19.05 0.84 -26.15
N PHE C 446 -18.40 1.94 -25.77
CA PHE C 446 -17.27 1.88 -24.80
C PHE C 446 -17.71 1.39 -23.44
N GLY C 447 -18.78 1.97 -22.90
CA GLY C 447 -19.26 1.61 -21.55
C GLY C 447 -19.81 0.19 -21.51
N LEU C 448 -20.27 -0.29 -22.66
CA LEU C 448 -20.75 -1.66 -22.76
C LEU C 448 -19.58 -2.65 -22.83
N HIS C 449 -18.53 -2.35 -23.59
CA HIS C 449 -17.42 -3.30 -23.75
C HIS C 449 -16.39 -3.27 -22.63
N GLU C 450 -16.33 -2.17 -21.88
CA GLU C 450 -15.39 -2.12 -20.74
C GLU C 450 -15.51 -3.31 -19.81
N PHE C 451 -16.75 -3.78 -19.60
CA PHE C 451 -16.95 -4.89 -18.65
C PHE C 451 -17.38 -6.18 -19.33
N CYS C 452 -16.79 -6.43 -20.50
CA CYS C 452 -16.95 -7.72 -21.17
C CYS C 452 -15.64 -8.50 -21.07
N ASN C 453 -15.75 -9.82 -21.08
CA ASN C 453 -14.63 -10.70 -21.37
C ASN C 453 -14.58 -10.81 -22.89
N VAL C 454 -13.63 -10.13 -23.50
CA VAL C 454 -13.41 -10.21 -24.95
C VAL C 454 -12.76 -11.57 -25.23
N GLN C 455 -13.48 -12.45 -25.92
CA GLN C 455 -13.04 -13.85 -26.04
C GLN C 455 -12.86 -14.26 -27.49
N THR C 456 -11.65 -14.71 -27.84
CA THR C 456 -11.39 -15.21 -29.18
C THR C 456 -11.91 -16.65 -29.20
N VAL C 457 -12.64 -17.04 -30.25
CA VAL C 457 -13.01 -18.45 -30.43
C VAL C 457 -12.54 -18.86 -31.82
N TRP C 458 -11.62 -19.82 -31.89
CA TRP C 458 -10.94 -20.16 -33.15
C TRP C 458 -10.99 -21.67 -33.34
N LYS C 459 -11.65 -22.11 -34.39
CA LYS C 459 -11.74 -23.55 -34.66
C LYS C 459 -10.73 -23.99 -35.72
N ASN C 460 -10.29 -25.23 -35.61
CA ASN C 460 -9.46 -25.88 -36.65
C ASN C 460 -8.13 -25.15 -36.94
N ARG C 461 -7.51 -24.55 -35.92
CA ARG C 461 -6.23 -23.87 -36.13
C ARG C 461 -5.15 -24.95 -36.19
N VAL C 462 -4.76 -25.27 -37.40
CA VAL C 462 -3.74 -26.30 -37.64
C VAL C 462 -2.86 -25.83 -38.79
N ALA D 6 21.24 -8.96 -7.10
CA ALA D 6 22.59 -8.33 -7.05
C ALA D 6 22.46 -6.79 -7.15
N THR D 7 23.63 -6.14 -7.26
CA THR D 7 23.74 -4.74 -7.64
C THR D 7 23.73 -4.65 -9.17
N GLN D 8 23.63 -5.82 -9.82
CA GLN D 8 23.69 -5.95 -11.27
C GLN D 8 22.50 -6.77 -11.77
N ALA D 9 22.02 -6.42 -12.96
CA ALA D 9 21.24 -7.38 -13.73
C ALA D 9 22.26 -8.41 -14.25
N LEU D 10 22.03 -9.69 -13.99
CA LEU D 10 23.02 -10.70 -14.38
C LEU D 10 22.49 -11.61 -15.49
N SER D 11 23.28 -11.77 -16.57
CA SER D 11 23.01 -12.76 -17.61
C SER D 11 23.88 -13.98 -17.38
N VAL D 12 23.26 -15.16 -17.37
CA VAL D 12 23.97 -16.43 -17.19
C VAL D 12 23.37 -17.38 -18.25
N ASN D 13 24.24 -18.06 -18.99
CA ASN D 13 23.75 -19.02 -19.98
C ASN D 13 23.21 -20.27 -19.27
N PRO D 14 21.88 -20.52 -19.37
CA PRO D 14 21.31 -21.66 -18.62
C PRO D 14 21.73 -23.04 -19.14
N ALA D 15 22.29 -23.12 -20.35
CA ALA D 15 22.79 -24.39 -20.88
C ALA D 15 24.14 -24.76 -20.27
N THR D 16 24.94 -23.77 -19.90
CA THR D 16 26.29 -24.05 -19.42
C THR D 16 26.52 -23.64 -17.97
N GLY D 17 25.61 -22.82 -17.42
CA GLY D 17 25.79 -22.29 -16.07
C GLY D 17 26.77 -21.13 -15.99
N GLN D 18 27.30 -20.68 -17.13
CA GLN D 18 28.37 -19.68 -17.09
C GLN D 18 27.92 -18.25 -17.28
N THR D 19 28.55 -17.34 -16.51
CA THR D 19 28.20 -15.92 -16.56
C THR D 19 28.44 -15.36 -17.95
N LEU D 20 27.49 -14.57 -18.45
CA LEU D 20 27.62 -13.91 -19.75
C LEU D 20 28.00 -12.44 -19.55
N ALA D 21 27.32 -11.77 -18.62
CA ALA D 21 27.46 -10.32 -18.50
C ALA D 21 26.78 -9.87 -17.23
N ALA D 22 27.14 -8.67 -16.78
CA ALA D 22 26.45 -8.06 -15.65
C ALA D 22 26.26 -6.59 -15.98
N MSE D 23 25.08 -6.06 -15.68
CA MSE D 23 24.82 -4.65 -15.93
C MSE D 23 24.30 -3.95 -14.69
O MSE D 23 23.32 -4.41 -14.11
CB MSE D 23 23.79 -4.53 -17.06
CG MSE D 23 23.52 -3.12 -17.42
SE MSE D 23 22.24 -3.07 -18.87
CE MSE D 23 23.37 -3.86 -20.25
N PRO D 24 24.93 -2.84 -14.28
CA PRO D 24 24.46 -2.15 -13.07
C PRO D 24 23.06 -1.60 -13.28
N TRP D 25 22.27 -1.53 -12.20
CA TRP D 25 20.97 -0.91 -12.26
C TRP D 25 21.14 0.55 -12.66
N ALA D 26 20.14 1.08 -13.37
CA ALA D 26 20.10 2.50 -13.72
C ALA D 26 20.13 3.36 -12.46
N ASN D 27 21.00 4.38 -12.48
CA ASN D 27 21.00 5.38 -11.40
C ASN D 27 19.96 6.48 -11.65
N ALA D 28 19.85 7.42 -10.72
CA ALA D 28 18.88 8.53 -10.82
C ALA D 28 18.98 9.33 -12.12
N GLN D 29 20.21 9.70 -12.51
CA GLN D 29 20.44 10.44 -13.74
C GLN D 29 19.96 9.66 -14.98
N GLU D 30 20.20 8.35 -14.98
CA GLU D 30 19.80 7.48 -16.08
C GLU D 30 18.28 7.31 -16.17
N ILE D 31 17.62 7.19 -15.01
CA ILE D 31 16.16 7.12 -15.00
C ILE D 31 15.58 8.43 -15.51
N GLU D 32 16.13 9.55 -15.02
CA GLU D 32 15.67 10.85 -15.48
C GLU D 32 15.89 11.02 -16.96
N HIS D 33 17.07 10.60 -17.45
CA HIS D 33 17.35 10.69 -18.88
C HIS D 33 16.35 9.88 -19.71
N ALA D 34 16.03 8.66 -19.25
CA ALA D 34 15.08 7.79 -19.99
C ALA D 34 13.69 8.43 -20.08
N LEU D 35 13.23 8.98 -18.97
CA LEU D 35 11.92 9.63 -18.91
C LEU D 35 11.90 10.91 -19.76
N SER D 36 12.96 11.70 -19.66
CA SER D 36 13.02 12.98 -20.37
C SER D 36 13.04 12.73 -21.89
N LEU D 37 13.83 11.74 -22.32
CA LEU D 37 13.91 11.40 -23.74
C LEU D 37 12.57 10.82 -24.27
N ALA D 38 11.95 9.97 -23.48
CA ALA D 38 10.64 9.41 -23.87
C ALA D 38 9.62 10.52 -24.06
N ALA D 39 9.61 11.48 -23.13
CA ALA D 39 8.64 12.57 -23.23
C ALA D 39 8.90 13.48 -24.45
N SER D 40 10.18 13.79 -24.72
CA SER D 40 10.46 14.67 -25.85
C SER D 40 10.23 13.91 -27.16
N GLY D 41 10.56 12.62 -27.17
CA GLY D 41 10.24 11.75 -28.31
C GLY D 41 8.75 11.75 -28.60
N PHE D 42 7.94 11.57 -27.55
CA PHE D 42 6.49 11.56 -27.69
C PHE D 42 5.95 12.88 -28.24
N LYS D 43 6.50 13.98 -27.75
CA LYS D 43 6.03 15.31 -28.18
C LYS D 43 6.10 15.51 -29.70
N LYS D 44 7.11 14.96 -30.35
CA LYS D 44 7.23 15.02 -31.82
C LYS D 44 6.46 13.88 -32.50
N TRP D 45 6.59 12.67 -31.96
CA TRP D 45 5.96 11.47 -32.54
C TRP D 45 4.44 11.58 -32.64
N LYS D 46 3.80 12.16 -31.60
CA LYS D 46 2.34 12.31 -31.60
C LYS D 46 1.86 13.18 -32.75
N MSE D 47 2.76 13.97 -33.35
CA MSE D 47 2.39 14.89 -34.44
C MSE D 47 2.64 14.34 -35.84
O MSE D 47 2.36 15.05 -36.84
CB MSE D 47 3.17 16.20 -34.29
CG MSE D 47 3.09 16.79 -32.91
SE MSE D 47 1.36 17.58 -32.63
CE MSE D 47 0.07 16.15 -32.24
N THR D 48 3.17 13.12 -35.93
CA THR D 48 3.40 12.46 -37.22
C THR D 48 2.08 11.97 -37.80
N SER D 49 2.05 11.70 -39.11
CA SER D 49 0.90 11.02 -39.69
C SER D 49 0.91 9.55 -39.25
N VAL D 50 -0.27 8.96 -39.10
CA VAL D 50 -0.34 7.50 -38.82
C VAL D 50 0.43 6.71 -39.88
N ALA D 51 0.35 7.16 -41.14
CA ALA D 51 1.06 6.47 -42.24
C ALA D 51 2.58 6.50 -42.11
N GLN D 52 3.13 7.58 -41.58
CA GLN D 52 4.56 7.67 -41.27
C GLN D 52 4.94 6.66 -40.16
N ARG D 53 4.08 6.54 -39.16
CA ARG D 53 4.34 5.58 -38.09
C ARG D 53 4.25 4.16 -38.66
N ALA D 54 3.29 3.91 -39.55
CA ALA D 54 3.21 2.59 -40.22
C ALA D 54 4.48 2.28 -41.00
N GLN D 55 5.01 3.28 -41.70
CA GLN D 55 6.26 3.07 -42.45
C GLN D 55 7.42 2.73 -41.50
N THR D 56 7.47 3.41 -40.36
CA THR D 56 8.48 3.13 -39.34
C THR D 56 8.37 1.66 -38.89
N LEU D 57 7.15 1.17 -38.74
CA LEU D 57 6.96 -0.26 -38.42
C LEU D 57 7.57 -1.18 -39.49
N ARG D 58 7.34 -0.86 -40.77
CA ARG D 58 7.97 -1.68 -41.84
C ARG D 58 9.49 -1.63 -41.75
N ASP D 59 10.03 -0.45 -41.44
CA ASP D 59 11.49 -0.27 -41.33
C ASP D 59 12.06 -1.08 -40.14
N ILE D 60 11.31 -1.12 -39.03
CA ILE D 60 11.72 -1.97 -37.90
C ILE D 60 11.71 -3.44 -38.33
N GLY D 61 10.66 -3.89 -39.00
CA GLY D 61 10.59 -5.28 -39.49
C GLY D 61 11.80 -5.59 -40.36
N GLN D 62 12.14 -4.66 -41.25
CA GLN D 62 13.30 -4.84 -42.12
C GLN D 62 14.63 -4.93 -41.35
N ALA D 63 14.83 -4.08 -40.34
CA ALA D 63 16.07 -4.10 -39.54
C ALA D 63 16.15 -5.40 -38.70
N LEU D 64 15.01 -5.83 -38.17
N LEU D 64 14.94 -5.82 -38.10
CA LEU D 64 14.98 -7.09 -37.42
CA LEU D 64 14.91 -7.07 -37.35
C LEU D 64 15.36 -8.26 -38.33
C LEU D 64 15.30 -8.25 -38.27
N ARG D 65 14.83 -8.31 -39.56
CA ARG D 65 15.18 -9.41 -40.48
C ARG D 65 16.66 -9.36 -40.94
N ALA D 66 17.21 -8.15 -41.03
CA ALA D 66 18.63 -7.98 -41.33
C ALA D 66 19.54 -8.48 -40.21
N HIS D 67 19.03 -8.54 -38.99
CA HIS D 67 19.83 -9.05 -37.86
C HIS D 67 19.23 -10.31 -37.24
N ALA D 68 18.50 -11.08 -38.03
CA ALA D 68 17.66 -12.16 -37.50
C ALA D 68 18.44 -13.24 -36.77
N GLU D 69 19.56 -13.68 -37.30
CA GLU D 69 20.27 -14.80 -36.67
C GLU D 69 21.00 -14.34 -35.40
N GLU D 70 21.57 -13.14 -35.45
CA GLU D 70 22.19 -12.53 -34.26
C GLU D 70 21.16 -12.44 -33.12
N MSE D 71 19.96 -11.99 -33.47
CA MSE D 71 18.88 -11.84 -32.47
C MSE D 71 18.49 -13.21 -31.89
O MSE D 71 18.34 -13.35 -30.67
CB MSE D 71 17.69 -11.15 -33.12
CG MSE D 71 16.53 -10.84 -32.22
SE MSE D 71 16.91 -9.31 -31.04
CE MSE D 71 17.20 -10.26 -29.34
N ALA D 72 18.26 -14.19 -32.76
CA ALA D 72 17.87 -15.52 -32.29
C ALA D 72 18.96 -16.12 -31.39
N GLN D 73 20.22 -15.97 -31.78
CA GLN D 73 21.33 -16.49 -30.97
C GLN D 73 21.38 -15.85 -29.58
N CYS D 74 21.10 -14.55 -29.51
CA CYS D 74 21.06 -13.84 -28.23
C CYS D 74 19.98 -14.40 -27.32
N ILE D 75 18.81 -14.62 -27.89
CA ILE D 75 17.66 -15.17 -27.16
C ILE D 75 18.04 -16.53 -26.58
N THR D 76 18.56 -17.42 -27.43
CA THR D 76 18.96 -18.76 -26.97
C THR D 76 20.04 -18.69 -25.92
N ARG D 77 21.05 -17.85 -26.17
CA ARG D 77 22.20 -17.75 -25.27
C ARG D 77 21.80 -17.30 -23.85
N GLU D 78 20.93 -16.30 -23.76
CA GLU D 78 20.55 -15.74 -22.45
C GLU D 78 19.49 -16.54 -21.70
N MSE D 79 18.57 -17.20 -22.40
CA MSE D 79 17.45 -17.85 -21.69
C MSE D 79 17.13 -19.29 -22.09
O MSE D 79 16.22 -19.90 -21.54
CB MSE D 79 16.19 -16.94 -21.56
CG MSE D 79 15.67 -16.30 -22.86
SE MSE D 79 14.94 -17.72 -24.04
CE MSE D 79 13.49 -18.44 -22.85
N GLY D 80 17.92 -19.85 -23.02
CA GLY D 80 17.92 -21.31 -23.21
C GLY D 80 16.95 -21.89 -24.24
N LYS D 81 16.16 -21.03 -24.89
CA LYS D 81 15.16 -21.49 -25.88
C LYS D 81 15.87 -22.24 -27.03
N PRO D 82 15.34 -23.39 -27.45
CA PRO D 82 15.90 -24.06 -28.63
C PRO D 82 16.04 -23.07 -29.81
N ILE D 83 17.17 -23.14 -30.52
CA ILE D 83 17.48 -22.12 -31.53
C ILE D 83 16.41 -22.12 -32.65
N LYS D 84 15.84 -23.28 -32.93
CA LYS D 84 14.79 -23.34 -33.96
C LYS D 84 13.61 -22.43 -33.56
N GLN D 85 13.28 -22.42 -32.26
CA GLN D 85 12.14 -21.66 -31.76
C GLN D 85 12.50 -20.18 -31.59
N ALA D 86 13.76 -19.89 -31.26
CA ALA D 86 14.23 -18.49 -31.19
C ALA D 86 14.16 -17.83 -32.57
N ARG D 87 14.54 -18.57 -33.61
CA ARG D 87 14.41 -18.07 -34.98
C ARG D 87 12.95 -17.84 -35.35
N ALA D 88 12.07 -18.76 -34.94
CA ALA D 88 10.63 -18.59 -35.23
C ALA D 88 10.07 -17.37 -34.49
N GLU D 89 10.60 -17.10 -33.29
CA GLU D 89 10.17 -15.90 -32.53
C GLU D 89 10.55 -14.62 -33.32
N VAL D 90 11.74 -14.62 -33.93
CA VAL D 90 12.16 -13.45 -34.72
C VAL D 90 11.24 -13.31 -35.93
N THR D 91 10.96 -14.43 -36.60
CA THR D 91 10.10 -14.40 -37.80
C THR D 91 8.72 -13.83 -37.45
N LYS D 92 8.15 -14.32 -36.36
CA LYS D 92 6.81 -13.88 -35.95
C LYS D 92 6.79 -12.40 -35.57
N SER D 93 7.85 -11.97 -34.91
CA SER D 93 7.96 -10.59 -34.44
C SER D 93 8.07 -9.61 -35.62
N ALA D 94 8.88 -9.96 -36.60
CA ALA D 94 9.01 -9.13 -37.80
C ALA D 94 7.69 -9.12 -38.60
N ALA D 95 7.01 -10.26 -38.68
CA ALA D 95 5.74 -10.30 -39.41
C ALA D 95 4.69 -9.40 -38.74
N LEU D 96 4.74 -9.30 -37.41
CA LEU D 96 3.80 -8.46 -36.67
C LEU D 96 3.95 -6.99 -37.07
N CYS D 97 5.20 -6.53 -37.23
CA CYS D 97 5.48 -5.17 -37.69
C CYS D 97 4.74 -4.90 -39.02
N ASP D 98 4.91 -5.81 -39.96
CA ASP D 98 4.28 -5.64 -41.27
C ASP D 98 2.77 -5.72 -41.19
N TRP D 99 2.24 -6.61 -40.34
CA TRP D 99 0.79 -6.79 -40.27
C TRP D 99 0.15 -5.51 -39.75
N TYR D 100 0.70 -4.95 -38.67
CA TYR D 100 0.14 -3.69 -38.18
C TYR D 100 0.37 -2.52 -39.16
N ALA D 101 1.47 -2.56 -39.92
CA ALA D 101 1.69 -1.48 -40.90
C ALA D 101 0.56 -1.48 -41.95
N GLU D 102 0.13 -2.69 -42.33
CA GLU D 102 -0.94 -2.88 -43.31
C GLU D 102 -2.35 -2.61 -42.77
N HIS D 103 -2.67 -3.20 -41.62
CA HIS D 103 -4.04 -3.17 -41.09
C HIS D 103 -4.31 -2.18 -39.98
N GLY D 104 -3.27 -1.69 -39.33
CA GLY D 104 -3.43 -0.81 -38.17
C GLY D 104 -3.99 0.57 -38.49
N PRO D 105 -3.45 1.25 -39.51
CA PRO D 105 -3.90 2.64 -39.73
C PRO D 105 -5.41 2.82 -39.83
N ALA D 106 -6.11 1.91 -40.49
CA ALA D 106 -7.59 2.02 -40.64
C ALA D 106 -8.28 1.93 -39.28
N MSE D 107 -7.66 1.22 -38.34
CA MSE D 107 -8.20 1.10 -36.99
C MSE D 107 -8.14 2.40 -36.19
O MSE D 107 -8.82 2.53 -35.19
CB MSE D 107 -7.45 0.01 -36.21
CG MSE D 107 -7.59 -1.33 -36.83
SE MSE D 107 -6.31 -2.58 -35.98
CE MSE D 107 -6.93 -4.16 -36.85
N LEU D 108 -7.34 3.36 -36.65
CA LEU D 108 -7.24 4.66 -36.00
C LEU D 108 -8.07 5.75 -36.70
N ASN D 109 -8.85 5.36 -37.70
CA ASN D 109 -9.75 6.32 -38.36
C ASN D 109 -10.78 6.82 -37.36
N PRO D 110 -11.17 8.10 -37.46
CA PRO D 110 -12.26 8.59 -36.57
C PRO D 110 -13.55 7.80 -36.80
N GLU D 111 -14.32 7.58 -35.74
CA GLU D 111 -15.61 6.91 -35.84
C GLU D 111 -16.72 7.93 -35.99
N PRO D 112 -17.67 7.68 -36.92
CA PRO D 112 -18.86 8.54 -36.88
C PRO D 112 -19.73 8.17 -35.67
N THR D 113 -20.65 9.05 -35.30
CA THR D 113 -21.61 8.76 -34.25
C THR D 113 -23.04 9.03 -34.74
N LEU D 114 -24.02 8.70 -33.91
CA LEU D 114 -25.44 8.92 -34.23
C LEU D 114 -25.91 10.35 -33.97
N VAL D 115 -25.02 11.21 -33.48
CA VAL D 115 -25.34 12.63 -33.40
C VAL D 115 -25.69 13.16 -34.81
N GLU D 116 -26.76 13.94 -34.88
CA GLU D 116 -27.27 14.43 -36.17
C GLU D 116 -26.26 15.28 -36.94
N ASN D 117 -26.32 15.17 -38.27
CA ASN D 117 -25.61 16.06 -39.19
C ASN D 117 -24.08 16.01 -39.09
N GLN D 118 -23.57 14.83 -38.72
CA GLN D 118 -22.12 14.57 -38.66
C GLN D 118 -21.40 15.57 -37.74
N GLN D 119 -22.07 15.97 -36.67
CA GLN D 119 -21.52 16.99 -35.78
C GLN D 119 -20.55 16.42 -34.74
N ALA D 120 -20.58 15.11 -34.51
CA ALA D 120 -19.71 14.48 -33.50
C ALA D 120 -18.99 13.26 -34.04
N VAL D 121 -17.70 13.15 -33.72
CA VAL D 121 -16.91 11.99 -34.09
C VAL D 121 -16.14 11.51 -32.87
N ILE D 122 -15.67 10.26 -32.91
CA ILE D 122 -14.74 9.76 -31.89
C ILE D 122 -13.36 9.68 -32.52
N GLU D 123 -12.36 10.31 -31.90
CA GLU D 123 -10.99 10.25 -32.37
C GLU D 123 -10.16 9.35 -31.46
N TYR D 124 -9.21 8.61 -32.04
CA TYR D 124 -8.27 7.81 -31.28
C TYR D 124 -6.95 8.56 -31.18
N ARG D 125 -6.74 9.27 -30.07
CA ARG D 125 -5.54 10.09 -29.89
C ARG D 125 -4.49 9.29 -29.15
N PRO D 126 -3.21 9.62 -29.36
CA PRO D 126 -2.17 9.03 -28.49
C PRO D 126 -2.32 9.47 -27.05
N LEU D 127 -1.81 8.66 -26.14
CA LEU D 127 -1.92 8.91 -24.73
C LEU D 127 -0.64 9.54 -24.15
N GLY D 128 0.53 9.00 -24.51
CA GLY D 128 1.76 9.48 -23.88
C GLY D 128 2.84 8.43 -23.89
N VAL D 129 3.69 8.45 -22.87
CA VAL D 129 4.73 7.41 -22.72
C VAL D 129 4.10 6.23 -21.98
N ILE D 130 4.21 5.05 -22.57
CA ILE D 130 3.77 3.82 -21.92
C ILE D 130 4.96 3.09 -21.34
N LEU D 131 4.93 2.83 -20.03
CA LEU D 131 5.95 2.04 -19.38
C LEU D 131 5.61 0.57 -19.52
N ALA D 132 6.57 -0.23 -19.98
CA ALA D 132 6.33 -1.65 -20.27
C ALA D 132 7.27 -2.46 -19.41
N ILE D 133 6.71 -3.41 -18.67
CA ILE D 133 7.49 -4.27 -17.79
C ILE D 133 7.33 -5.69 -18.30
N MSE D 134 8.42 -6.26 -18.81
CA MSE D 134 8.36 -7.46 -19.68
C MSE D 134 9.16 -8.65 -19.11
O MSE D 134 10.12 -8.44 -18.34
CB MSE D 134 8.87 -7.11 -21.09
CG MSE D 134 7.94 -6.14 -21.84
SE MSE D 134 6.20 -6.98 -22.18
CE MSE D 134 4.98 -5.67 -21.40
N PRO D 135 8.75 -9.89 -19.45
CA PRO D 135 9.43 -11.08 -18.91
C PRO D 135 10.45 -11.68 -19.87
N TRP D 136 11.17 -12.73 -19.42
CA TRP D 136 12.27 -13.31 -20.23
C TRP D 136 11.80 -14.40 -21.23
N ASN D 137 10.56 -14.85 -21.19
CA ASN D 137 10.26 -16.10 -21.93
C ASN D 137 10.20 -15.97 -23.45
N PHE D 138 9.78 -14.79 -23.93
CA PHE D 138 9.93 -14.41 -25.36
C PHE D 138 10.53 -13.02 -25.35
N PRO D 139 11.86 -12.91 -25.19
CA PRO D 139 12.47 -11.59 -24.97
C PRO D 139 12.23 -10.58 -26.08
N LEU D 140 11.94 -11.06 -27.29
CA LEU D 140 11.66 -10.16 -28.41
C LEU D 140 10.15 -10.02 -28.65
N TRP D 141 9.46 -11.15 -28.81
CA TRP D 141 8.03 -11.17 -29.14
C TRP D 141 7.18 -10.47 -28.07
N GLN D 142 7.48 -10.66 -26.77
CA GLN D 142 6.68 -10.00 -25.74
C GLN D 142 6.79 -8.49 -25.86
N VAL D 143 7.99 -8.01 -26.17
CA VAL D 143 8.22 -6.57 -26.32
C VAL D 143 7.44 -6.05 -27.53
N LEU D 144 7.63 -6.69 -28.69
CA LEU D 144 6.97 -6.16 -29.91
C LEU D 144 5.45 -6.33 -29.90
N ARG D 145 4.96 -7.40 -29.27
CA ARG D 145 3.52 -7.66 -29.18
C ARG D 145 2.76 -6.40 -28.73
N GLY D 146 3.32 -5.72 -27.72
CA GLY D 146 2.80 -4.45 -27.24
C GLY D 146 3.39 -3.22 -27.94
N ALA D 147 4.70 -3.19 -28.16
CA ALA D 147 5.35 -1.97 -28.68
C ALA D 147 4.84 -1.56 -30.06
N VAL D 148 4.60 -2.54 -30.91
CA VAL D 148 4.20 -2.25 -32.29
C VAL D 148 2.87 -1.46 -32.33
N PRO D 149 1.79 -1.99 -31.73
CA PRO D 149 0.56 -1.17 -31.70
C PRO D 149 0.64 0.12 -30.85
N ILE D 150 1.34 0.07 -29.71
CA ILE D 150 1.57 1.27 -28.89
C ILE D 150 2.24 2.39 -29.72
N LEU D 151 3.28 2.05 -30.46
CA LEU D 151 3.94 3.00 -31.34
C LEU D 151 3.02 3.49 -32.44
N LEU D 152 2.30 2.57 -33.08
CA LEU D 152 1.40 2.97 -34.16
C LEU D 152 0.32 3.97 -33.69
N ALA D 153 -0.16 3.79 -32.46
CA ALA D 153 -1.14 4.71 -31.88
C ALA D 153 -0.57 6.10 -31.58
N GLY D 154 0.74 6.28 -31.76
CA GLY D 154 1.39 7.59 -31.54
C GLY D 154 2.00 7.80 -30.15
N ASN D 155 2.13 6.74 -29.37
CA ASN D 155 2.73 6.78 -28.04
C ASN D 155 4.24 6.52 -28.12
N SER D 156 4.98 6.88 -27.06
CA SER D 156 6.33 6.35 -26.82
C SER D 156 6.23 5.08 -25.97
N TYR D 157 7.24 4.22 -26.08
CA TYR D 157 7.30 2.95 -25.35
C TYR D 157 8.63 2.96 -24.59
N LEU D 158 8.56 2.81 -23.27
CA LEU D 158 9.76 2.78 -22.45
C LEU D 158 9.79 1.43 -21.73
N LEU D 159 10.79 0.62 -22.06
CA LEU D 159 10.84 -0.77 -21.63
C LEU D 159 11.73 -0.96 -20.39
N LYS D 160 11.22 -1.74 -19.44
CA LYS D 160 12.06 -2.25 -18.38
C LYS D 160 11.97 -3.75 -18.59
N HIS D 161 13.06 -4.35 -19.08
CA HIS D 161 13.07 -5.78 -19.44
C HIS D 161 13.51 -6.62 -18.24
N ALA D 162 13.32 -7.94 -18.35
CA ALA D 162 13.70 -8.87 -17.28
C ALA D 162 15.22 -8.85 -17.14
N PRO D 163 15.70 -8.86 -15.88
CA PRO D 163 17.13 -8.65 -15.67
C PRO D 163 18.06 -9.74 -16.17
N ASN D 164 17.53 -10.89 -16.58
CA ASN D 164 18.35 -11.93 -17.17
C ASN D 164 18.51 -11.83 -18.71
N VAL D 165 17.83 -10.87 -19.33
CA VAL D 165 17.89 -10.73 -20.79
C VAL D 165 18.31 -9.33 -21.23
N THR D 166 19.18 -8.68 -20.46
CA THR D 166 19.55 -7.29 -20.80
C THR D 166 20.39 -7.24 -22.07
N GLY D 167 21.08 -8.34 -22.39
CA GLY D 167 21.75 -8.45 -23.69
C GLY D 167 20.76 -8.37 -24.83
N CYS D 168 19.68 -9.17 -24.78
CA CYS D 168 18.60 -9.06 -25.76
C CYS D 168 18.01 -7.65 -25.81
N ALA D 169 17.76 -7.08 -24.63
CA ALA D 169 17.24 -5.71 -24.55
C ALA D 169 18.15 -4.69 -25.27
N GLN D 170 19.46 -4.77 -25.06
CA GLN D 170 20.37 -3.85 -25.75
C GLN D 170 20.31 -4.04 -27.27
N MSE D 171 20.25 -5.30 -27.70
CA MSE D 171 20.23 -5.60 -29.12
C MSE D 171 18.94 -5.10 -29.80
O MSE D 171 19.00 -4.52 -30.88
CB MSE D 171 20.44 -7.09 -29.38
CG MSE D 171 20.52 -7.42 -30.86
SE MSE D 171 20.99 -9.31 -31.01
CE MSE D 171 22.73 -9.41 -30.16
N ILE D 172 17.78 -5.32 -29.17
CA ILE D 172 16.51 -4.77 -29.66
C ILE D 172 16.61 -3.25 -29.83
N ALA D 173 17.17 -2.56 -28.84
CA ALA D 173 17.36 -1.10 -28.92
C ALA D 173 18.23 -0.71 -30.12
N ARG D 174 19.35 -1.41 -30.32
CA ARG D 174 20.23 -1.17 -31.48
C ARG D 174 19.49 -1.36 -32.80
N ILE D 175 18.71 -2.44 -32.89
CA ILE D 175 17.98 -2.75 -34.13
C ILE D 175 16.92 -1.69 -34.41
N LEU D 176 16.15 -1.31 -33.40
CA LEU D 176 15.12 -0.30 -33.61
C LEU D 176 15.73 1.06 -33.95
N ALA D 177 16.89 1.36 -33.38
CA ALA D 177 17.59 2.61 -33.70
C ALA D 177 18.09 2.58 -35.15
N GLU D 178 18.65 1.44 -35.57
CA GLU D 178 19.10 1.24 -36.96
C GLU D 178 17.93 1.46 -37.94
N ALA D 179 16.73 1.05 -37.55
CA ALA D 179 15.52 1.22 -38.37
C ALA D 179 15.08 2.67 -38.55
N GLY D 180 15.69 3.58 -37.79
CA GLY D 180 15.31 4.99 -37.79
C GLY D 180 14.22 5.38 -36.82
N THR D 181 13.91 4.53 -35.84
CA THR D 181 12.91 4.90 -34.84
C THR D 181 13.46 6.12 -34.09
N PRO D 182 12.69 7.23 -34.02
CA PRO D 182 13.26 8.42 -33.34
C PRO D 182 13.62 8.16 -31.88
N ALA D 183 14.67 8.86 -31.42
CA ALA D 183 15.12 8.73 -30.04
C ALA D 183 13.95 8.97 -29.08
N GLY D 184 13.83 8.14 -28.05
CA GLY D 184 12.77 8.30 -27.07
C GLY D 184 11.46 7.64 -27.44
N VAL D 185 11.17 7.51 -28.73
CA VAL D 185 9.93 6.84 -29.18
C VAL D 185 9.97 5.38 -28.76
N TYR D 186 11.13 4.75 -28.94
CA TYR D 186 11.37 3.45 -28.30
C TYR D 186 12.63 3.63 -27.46
N GLY D 187 12.60 3.16 -26.22
CA GLY D 187 13.78 3.19 -25.37
C GLY D 187 13.64 2.16 -24.27
N TRP D 188 14.71 1.94 -23.51
CA TRP D 188 14.66 0.99 -22.42
C TRP D 188 15.57 1.48 -21.30
N VAL D 189 15.35 0.97 -20.10
CA VAL D 189 16.17 1.37 -18.96
C VAL D 189 16.29 0.18 -18.03
N ASN D 190 17.50 -0.09 -17.54
CA ASN D 190 17.72 -1.22 -16.63
C ASN D 190 17.37 -0.81 -15.19
N ALA D 191 16.10 -0.48 -14.94
CA ALA D 191 15.67 -0.03 -13.62
C ALA D 191 15.50 -1.18 -12.64
N ASN D 192 15.88 -0.98 -11.38
CA ASN D 192 15.51 -1.93 -10.34
C ASN D 192 14.06 -1.64 -9.92
N ASN D 193 13.52 -2.41 -8.98
CA ASN D 193 12.14 -2.23 -8.53
C ASN D 193 11.79 -0.81 -8.03
N GLU D 194 12.73 -0.17 -7.34
CA GLU D 194 12.52 1.22 -6.89
C GLU D 194 12.46 2.18 -8.08
N GLY D 195 13.32 1.93 -9.07
CA GLY D 195 13.31 2.74 -10.29
C GLY D 195 11.95 2.58 -11.00
N VAL D 196 11.45 1.35 -11.07
CA VAL D 196 10.11 1.16 -11.65
C VAL D 196 9.06 2.00 -10.91
N SER D 197 9.05 1.93 -9.58
CA SER D 197 8.08 2.70 -8.79
C SER D 197 8.22 4.20 -9.07
N GLN D 198 9.47 4.68 -9.14
CA GLN D 198 9.72 6.09 -9.43
C GLN D 198 9.10 6.50 -10.77
N MSE D 199 9.28 5.67 -11.79
CA MSE D 199 8.71 5.97 -13.10
C MSE D 199 7.18 5.92 -13.11
O MSE D 199 6.55 6.82 -13.70
CB MSE D 199 9.31 5.07 -14.17
CG MSE D 199 10.81 5.30 -14.34
SE MSE D 199 11.51 4.27 -15.86
CE MSE D 199 11.37 2.42 -15.11
N ILE D 200 6.59 4.91 -12.46
CA ILE D 200 5.12 4.84 -12.42
C ILE D 200 4.53 6.11 -11.81
N ASN D 201 5.21 6.63 -10.79
CA ASN D 201 4.74 7.84 -10.11
C ASN D 201 5.15 9.15 -10.79
N ASP D 202 5.81 9.06 -11.94
CA ASP D 202 6.25 10.26 -12.66
C ASP D 202 5.20 10.64 -13.68
N PRO D 203 4.82 11.93 -13.73
CA PRO D 203 3.77 12.40 -14.65
C PRO D 203 4.08 12.15 -16.14
N ARG D 204 5.35 11.96 -16.47
CA ARG D 204 5.69 11.66 -17.86
C ARG D 204 5.25 10.26 -18.30
N ILE D 205 4.98 9.37 -17.33
CA ILE D 205 4.43 8.05 -17.67
C ILE D 205 2.90 8.15 -17.68
N ALA D 206 2.27 7.86 -18.84
CA ALA D 206 0.81 7.94 -18.96
C ALA D 206 0.09 6.69 -18.51
N ALA D 207 0.69 5.54 -18.78
CA ALA D 207 0.01 4.28 -18.56
C ALA D 207 1.09 3.18 -18.50
N VAL D 208 0.68 1.97 -18.11
CA VAL D 208 1.63 0.90 -17.85
C VAL D 208 1.14 -0.40 -18.51
N THR D 209 2.05 -1.21 -19.05
CA THR D 209 1.65 -2.54 -19.53
C THR D 209 2.60 -3.56 -18.90
N VAL D 210 2.07 -4.67 -18.41
CA VAL D 210 2.88 -5.66 -17.71
C VAL D 210 2.58 -7.03 -18.30
N THR D 211 3.63 -7.79 -18.61
CA THR D 211 3.47 -9.21 -18.95
C THR D 211 4.41 -9.93 -18.00
N GLY D 212 3.87 -10.88 -17.24
CA GLY D 212 4.67 -11.49 -16.19
C GLY D 212 3.85 -12.35 -15.26
N SER D 213 4.37 -12.54 -14.06
CA SER D 213 3.73 -13.41 -13.09
C SER D 213 2.58 -12.65 -12.42
N VAL D 214 1.69 -13.39 -11.78
CA VAL D 214 0.58 -12.81 -11.00
C VAL D 214 1.10 -11.86 -9.92
N ARG D 215 2.21 -12.25 -9.29
CA ARG D 215 2.80 -11.45 -8.22
C ARG D 215 3.32 -10.10 -8.74
N ALA D 216 3.98 -10.12 -9.89
CA ALA D 216 4.44 -8.88 -10.55
C ALA D 216 3.25 -8.00 -10.93
N GLY D 217 2.21 -8.60 -11.50
CA GLY D 217 1.01 -7.86 -11.93
C GLY D 217 0.33 -7.18 -10.77
N ALA D 218 0.20 -7.87 -9.64
CA ALA D 218 -0.44 -7.30 -8.47
C ALA D 218 0.38 -6.15 -7.91
N ALA D 219 1.70 -6.32 -7.85
CA ALA D 219 2.61 -5.29 -7.32
C ALA D 219 2.57 -4.04 -8.19
N ILE D 220 2.69 -4.22 -9.50
CA ILE D 220 2.68 -3.08 -10.42
C ILE D 220 1.28 -2.49 -10.61
N GLY D 221 0.27 -3.35 -10.76
CA GLY D 221 -1.12 -2.88 -10.92
C GLY D 221 -1.57 -2.02 -9.76
N ALA D 222 -1.21 -2.40 -8.54
CA ALA D 222 -1.53 -1.59 -7.37
C ALA D 222 -0.91 -0.19 -7.44
N GLN D 223 0.33 -0.10 -7.90
CA GLN D 223 1.02 1.17 -8.01
C GLN D 223 0.46 2.06 -9.13
N ALA D 224 0.09 1.43 -10.25
CA ALA D 224 -0.53 2.14 -11.36
C ALA D 224 -1.88 2.70 -10.94
N GLY D 225 -2.70 1.86 -10.31
CA GLY D 225 -4.01 2.29 -9.82
C GLY D 225 -3.90 3.49 -8.88
N ALA D 226 -2.96 3.41 -7.94
CA ALA D 226 -2.69 4.48 -7.00
C ALA D 226 -2.31 5.77 -7.69
N ALA D 227 -1.65 5.65 -8.86
CA ALA D 227 -1.20 6.82 -9.61
C ALA D 227 -2.23 7.28 -10.65
N LEU D 228 -3.41 6.65 -10.65
CA LEU D 228 -4.49 6.94 -11.62
C LEU D 228 -4.10 6.65 -13.09
N LYS D 229 -3.32 5.60 -13.26
CA LYS D 229 -2.81 5.23 -14.56
C LYS D 229 -3.33 3.86 -14.96
N LYS D 230 -3.84 3.79 -16.18
CA LYS D 230 -4.38 2.56 -16.72
C LYS D 230 -3.30 1.50 -16.94
N CYS D 231 -3.70 0.24 -16.76
N CYS D 231 -3.63 0.23 -16.75
CA CYS D 231 -2.85 -0.93 -17.05
CA CYS D 231 -2.70 -0.81 -17.14
C CYS D 231 -3.46 -1.86 -18.07
C CYS D 231 -3.38 -1.94 -17.90
N VAL D 232 -2.59 -2.67 -18.66
CA VAL D 232 -2.98 -3.96 -19.24
C VAL D 232 -2.05 -4.93 -18.48
N LEU D 233 -2.63 -6.01 -17.95
CA LEU D 233 -1.88 -6.99 -17.19
C LEU D 233 -2.10 -8.34 -17.85
N GLU D 234 -1.05 -8.87 -18.44
CA GLU D 234 -1.13 -10.15 -19.17
C GLU D 234 -0.30 -11.10 -18.31
N LEU D 235 -0.98 -11.87 -17.46
CA LEU D 235 -0.27 -12.57 -16.40
C LEU D 235 -0.27 -14.09 -16.65
N GLY D 236 -0.04 -14.90 -15.64
CA GLY D 236 0.11 -16.35 -15.93
C GLY D 236 -1.18 -17.04 -16.36
N GLY D 237 -1.07 -18.30 -16.76
CA GLY D 237 -2.26 -19.07 -17.05
C GLY D 237 -2.07 -20.47 -16.53
N SER D 238 -3.15 -21.23 -16.46
CA SER D 238 -3.05 -22.66 -16.21
C SER D 238 -4.12 -23.23 -17.13
N ASP D 239 -3.84 -23.16 -18.44
CA ASP D 239 -4.89 -23.38 -19.44
C ASP D 239 -5.36 -24.83 -19.42
N PRO D 240 -6.69 -25.02 -19.42
CA PRO D 240 -7.23 -26.37 -19.55
C PRO D 240 -7.22 -26.81 -21.02
N PHE D 241 -7.02 -28.10 -21.25
CA PHE D 241 -7.02 -28.68 -22.58
C PHE D 241 -7.93 -29.91 -22.44
N ILE D 242 -9.15 -29.78 -22.94
CA ILE D 242 -10.19 -30.78 -22.73
C ILE D 242 -10.24 -31.72 -23.92
N VAL D 243 -10.24 -33.02 -23.65
CA VAL D 243 -10.36 -34.01 -24.70
C VAL D 243 -11.55 -34.92 -24.39
N LEU D 244 -12.54 -34.93 -25.26
CA LEU D 244 -13.75 -35.73 -25.06
C LEU D 244 -13.63 -37.04 -25.81
N ASN D 245 -14.48 -38.01 -25.47
CA ASN D 245 -14.43 -39.36 -26.06
C ASN D 245 -14.46 -39.42 -27.59
N ASP D 246 -15.14 -38.45 -28.20
CA ASP D 246 -15.30 -38.45 -29.66
C ASP D 246 -14.27 -37.60 -30.39
N ALA D 247 -13.18 -37.23 -29.72
CA ALA D 247 -12.09 -36.45 -30.34
C ALA D 247 -11.33 -37.24 -31.42
N ASP D 248 -10.68 -36.51 -32.33
CA ASP D 248 -9.60 -37.13 -33.11
C ASP D 248 -8.45 -37.26 -32.14
N LEU D 249 -8.23 -38.47 -31.66
CA LEU D 249 -7.33 -38.69 -30.53
C LEU D 249 -5.89 -38.35 -30.90
N GLU D 250 -5.43 -38.80 -32.08
CA GLU D 250 -4.06 -38.51 -32.47
C GLU D 250 -3.81 -37.00 -32.63
N LEU D 251 -4.74 -36.27 -33.26
CA LEU D 251 -4.57 -34.82 -33.39
C LEU D 251 -4.55 -34.16 -32.01
N ALA D 252 -5.48 -34.58 -31.14
CA ALA D 252 -5.52 -34.08 -29.76
C ALA D 252 -4.17 -34.27 -29.05
N VAL D 253 -3.57 -35.44 -29.22
CA VAL D 253 -2.27 -35.71 -28.62
C VAL D 253 -1.16 -34.82 -29.19
N LYS D 254 -1.13 -34.63 -30.50
CA LYS D 254 -0.10 -33.79 -31.12
C LYS D 254 -0.22 -32.34 -30.63
N ALA D 255 -1.44 -31.83 -30.60
CA ALA D 255 -1.68 -30.45 -30.13
C ALA D 255 -1.35 -30.32 -28.65
N ALA D 256 -1.67 -31.36 -27.88
CA ALA D 256 -1.39 -31.39 -26.43
C ALA D 256 0.12 -31.31 -26.15
N VAL D 257 0.89 -32.12 -26.86
CA VAL D 257 2.35 -32.16 -26.67
C VAL D 257 2.97 -30.82 -27.07
N ALA D 258 2.56 -30.28 -28.22
CA ALA D 258 3.08 -28.98 -28.65
C ALA D 258 2.67 -27.88 -27.67
N GLY D 259 1.41 -27.91 -27.24
CA GLY D 259 0.89 -26.89 -26.32
C GLY D 259 1.59 -26.88 -24.96
N ARG D 260 1.88 -28.05 -24.43
CA ARG D 260 2.57 -28.10 -23.12
C ARG D 260 4.08 -27.81 -23.24
N TYR D 261 4.73 -28.40 -24.26
CA TYR D 261 6.19 -28.43 -24.29
C TYR D 261 6.92 -27.36 -25.10
N GLN D 262 6.18 -26.52 -25.83
N GLN D 262 6.20 -26.54 -25.85
CA GLN D 262 6.77 -25.35 -26.51
CA GLN D 262 6.84 -25.42 -26.57
C GLN D 262 7.57 -24.53 -25.52
C GLN D 262 7.55 -24.50 -25.57
N ASN D 263 8.73 -24.01 -25.96
CA ASN D 263 9.57 -23.16 -25.11
C ASN D 263 9.85 -23.81 -23.76
N THR D 264 10.15 -25.12 -23.80
CA THR D 264 10.40 -25.89 -22.60
C THR D 264 9.31 -25.67 -21.51
N GLY D 265 8.06 -25.53 -21.95
CA GLY D 265 6.94 -25.43 -21.04
C GLY D 265 6.65 -24.00 -20.63
N GLN D 266 7.50 -23.09 -21.06
CA GLN D 266 7.64 -21.78 -20.41
C GLN D 266 6.77 -20.74 -21.10
N VAL D 267 5.46 -20.97 -21.12
CA VAL D 267 4.55 -20.16 -21.95
C VAL D 267 3.30 -19.87 -21.12
N CYS D 268 2.87 -18.60 -21.06
CA CYS D 268 1.71 -18.22 -20.24
C CYS D 268 0.47 -18.99 -20.69
N ALA D 269 0.28 -19.03 -22.00
CA ALA D 269 -0.84 -19.75 -22.56
C ALA D 269 -0.50 -21.19 -22.95
N ALA D 270 0.47 -21.82 -22.27
CA ALA D 270 0.70 -23.27 -22.51
C ALA D 270 -0.53 -24.08 -22.12
N ALA D 271 -0.72 -25.24 -22.75
CA ALA D 271 -1.71 -26.20 -22.26
C ALA D 271 -1.07 -26.82 -21.00
N LYS D 272 -1.66 -26.60 -19.82
CA LYS D 272 -1.06 -27.07 -18.57
C LYS D 272 -1.89 -28.12 -17.82
N ARG D 273 -3.21 -28.06 -17.98
CA ARG D 273 -4.12 -29.00 -17.28
C ARG D 273 -4.89 -29.81 -18.31
N PHE D 274 -4.48 -31.05 -18.50
CA PHE D 274 -5.18 -31.91 -19.46
C PHE D 274 -6.36 -32.58 -18.76
N ILE D 275 -7.55 -32.37 -19.32
CA ILE D 275 -8.79 -32.83 -18.68
C ILE D 275 -9.46 -33.74 -19.67
N VAL D 276 -9.40 -35.04 -19.39
CA VAL D 276 -9.70 -36.03 -20.41
C VAL D 276 -10.88 -36.91 -19.97
N GLU D 277 -11.89 -37.02 -20.84
CA GLU D 277 -13.07 -37.83 -20.54
C GLU D 277 -12.70 -39.31 -20.27
N GLU D 278 -13.40 -39.92 -19.32
CA GLU D 278 -13.04 -41.26 -18.83
C GLU D 278 -12.77 -42.31 -19.92
N GLY D 279 -13.62 -42.33 -20.95
CA GLY D 279 -13.53 -43.33 -22.01
C GLY D 279 -12.23 -43.32 -22.79
N ILE D 280 -11.67 -42.13 -23.03
CA ILE D 280 -10.45 -41.98 -23.85
C ILE D 280 -9.20 -41.68 -22.99
N ALA D 281 -9.39 -41.49 -21.68
CA ALA D 281 -8.29 -41.10 -20.79
C ALA D 281 -7.06 -41.98 -20.87
N GLN D 282 -7.22 -43.31 -20.84
CA GLN D 282 -6.04 -44.16 -20.86
C GLN D 282 -5.28 -44.09 -22.18
N ALA D 283 -6.01 -44.11 -23.30
CA ALA D 283 -5.43 -44.04 -24.64
C ALA D 283 -4.71 -42.70 -24.83
N PHE D 284 -5.35 -41.60 -24.41
CA PHE D 284 -4.69 -40.28 -24.45
C PHE D 284 -3.39 -40.28 -23.64
N THR D 285 -3.48 -40.75 -22.39
CA THR D 285 -2.31 -40.76 -21.50
C THR D 285 -1.14 -41.56 -22.08
N ASP D 286 -1.41 -42.78 -22.54
CA ASP D 286 -0.37 -43.63 -23.12
C ASP D 286 0.33 -42.93 -24.29
N ARG D 287 -0.44 -42.40 -25.16
CA ARG D 287 0.17 -41.72 -26.30
C ARG D 287 0.82 -40.40 -25.92
N PHE D 288 0.27 -39.67 -25.09
CA PHE D 288 0.89 -38.42 -24.64
C PHE D 288 2.25 -38.69 -24.00
N VAL D 289 2.31 -39.66 -23.09
CA VAL D 289 3.55 -40.00 -22.43
C VAL D 289 4.60 -40.47 -23.43
N ALA D 290 4.19 -41.28 -24.42
CA ALA D 290 5.16 -41.79 -25.41
C ALA D 290 5.75 -40.64 -26.22
N ALA D 291 4.91 -39.69 -26.61
CA ALA D 291 5.39 -38.58 -27.44
C ALA D 291 6.29 -37.65 -26.62
N ALA D 292 5.91 -37.41 -25.36
CA ALA D 292 6.72 -36.59 -24.46
C ALA D 292 8.09 -37.23 -24.18
N ALA D 293 8.09 -38.54 -24.02
CA ALA D 293 9.32 -39.28 -23.74
C ALA D 293 10.28 -39.24 -24.93
N ALA D 294 9.72 -39.08 -26.13
CA ALA D 294 10.52 -39.07 -27.35
C ALA D 294 11.09 -37.70 -27.69
N LEU D 295 10.62 -36.65 -27.02
CA LEU D 295 11.16 -35.29 -27.21
C LEU D 295 12.64 -35.29 -26.84
N LYS D 296 13.45 -34.62 -27.66
CA LYS D 296 14.88 -34.56 -27.43
C LYS D 296 15.24 -33.32 -26.61
N MSE D 297 16.00 -33.52 -25.53
CA MSE D 297 16.41 -32.39 -24.67
C MSE D 297 17.93 -32.24 -24.67
O MSE D 297 18.64 -33.25 -24.57
CB MSE D 297 15.92 -32.64 -23.23
CG MSE D 297 16.24 -31.52 -22.25
SE MSE D 297 15.59 -31.85 -20.57
CE MSE D 297 13.93 -31.43 -20.88
N GLY D 298 18.42 -31.03 -24.78
CA GLY D 298 19.86 -30.82 -24.73
C GLY D 298 20.26 -29.48 -25.27
N ASP D 299 21.52 -29.38 -25.66
CA ASP D 299 22.12 -28.11 -26.10
C ASP D 299 21.14 -27.37 -27.04
N PRO D 300 20.67 -26.18 -26.65
CA PRO D 300 19.66 -25.51 -27.49
C PRO D 300 20.24 -24.90 -28.77
N LEU D 301 21.57 -24.92 -28.92
CA LEU D 301 22.20 -24.55 -30.19
C LEU D 301 22.09 -25.61 -31.28
N VAL D 302 21.64 -26.80 -30.90
CA VAL D 302 21.46 -27.88 -31.84
C VAL D 302 20.01 -27.85 -32.31
N GLU D 303 19.84 -27.63 -33.61
CA GLU D 303 18.57 -27.25 -34.21
C GLU D 303 17.50 -28.31 -33.98
N GLU D 304 17.90 -29.58 -33.89
CA GLU D 304 16.98 -30.69 -33.71
C GLU D 304 16.52 -31.01 -32.28
N ASN D 305 17.13 -30.38 -31.27
CA ASN D 305 16.64 -30.59 -29.89
C ASN D 305 15.31 -29.85 -29.68
N ASP D 306 14.33 -30.52 -29.07
CA ASP D 306 13.00 -29.95 -28.88
C ASP D 306 12.89 -29.13 -27.60
N LEU D 307 13.70 -29.48 -26.60
CA LEU D 307 13.60 -28.90 -25.26
C LEU D 307 14.99 -28.40 -24.87
N GLY D 308 15.06 -27.22 -24.29
CA GLY D 308 16.32 -26.73 -23.81
C GLY D 308 16.38 -26.83 -22.29
N PRO D 309 17.34 -26.15 -21.67
CA PRO D 309 17.33 -26.00 -20.23
C PRO D 309 16.26 -24.98 -19.92
N MSE D 310 15.78 -24.97 -18.68
CA MSE D 310 14.92 -23.88 -18.24
C MSE D 310 15.73 -22.60 -18.10
O MSE D 310 16.95 -22.66 -17.92
CB MSE D 310 14.25 -24.22 -16.90
CG MSE D 310 13.24 -25.41 -17.04
SE MSE D 310 12.36 -25.94 -15.53
CE MSE D 310 11.55 -24.43 -15.06
N ALA D 311 15.06 -21.45 -18.15
CA ALA D 311 15.77 -20.17 -18.17
C ALA D 311 16.51 -19.83 -16.89
N ARG D 312 15.89 -20.17 -15.75
CA ARG D 312 16.37 -19.71 -14.46
C ARG D 312 16.53 -20.85 -13.46
N PHE D 313 17.67 -20.89 -12.78
CA PHE D 313 17.93 -21.98 -11.85
C PHE D 313 16.92 -21.99 -10.72
N ASP D 314 16.59 -20.81 -10.19
CA ASP D 314 15.64 -20.76 -9.09
C ASP D 314 14.26 -21.26 -9.51
N LEU D 315 13.90 -20.99 -10.77
CA LEU D 315 12.60 -21.42 -11.25
C LEU D 315 12.55 -22.94 -11.49
N ARG D 316 13.66 -23.55 -11.91
CA ARG D 316 13.69 -25.01 -11.96
C ARG D 316 13.52 -25.58 -10.54
N ASP D 317 14.10 -24.95 -9.69
CA ASP D 317 14.00 -25.40 -8.27
C ASP D 317 12.55 -25.31 -7.80
N GLU D 318 11.90 -24.26 -8.03
CA GLU D 318 10.49 -24.05 -7.68
C GLU D 318 9.59 -25.07 -8.38
N LEU D 319 9.82 -25.28 -9.68
CA LEU D 319 9.02 -26.27 -10.38
C LEU D 319 9.21 -27.67 -9.79
N HIS D 320 10.45 -28.05 -9.45
CA HIS D 320 10.67 -29.38 -8.87
C HIS D 320 9.89 -29.53 -7.56
N GLN D 321 9.87 -28.47 -6.75
CA GLN D 321 9.04 -28.48 -5.52
C GLN D 321 7.57 -28.62 -5.80
N GLN D 322 7.10 -28.01 -6.88
CA GLN D 322 5.69 -28.21 -7.26
C GLN D 322 5.40 -29.66 -7.66
N VAL D 323 6.33 -30.28 -8.39
CA VAL D 323 6.23 -31.70 -8.67
C VAL D 323 6.28 -32.52 -7.36
N GLN D 324 7.27 -32.23 -6.51
CA GLN D 324 7.38 -32.93 -5.23
C GLN D 324 6.08 -32.85 -4.41
N ALA D 325 5.50 -31.65 -4.30
CA ALA D 325 4.28 -31.45 -3.55
C ALA D 325 3.14 -32.28 -4.18
N SER D 326 3.01 -32.24 -5.51
CA SER D 326 1.95 -32.99 -6.19
C SER D 326 2.04 -34.49 -5.95
N VAL D 327 3.25 -35.03 -6.01
CA VAL D 327 3.45 -36.45 -5.73
C VAL D 327 3.07 -36.76 -4.26
N ALA D 328 3.52 -35.89 -3.35
CA ALA D 328 3.18 -36.08 -1.91
C ALA D 328 1.67 -36.04 -1.68
N GLU D 329 0.96 -35.27 -2.50
CA GLU D 329 -0.49 -35.17 -2.41
C GLU D 329 -1.19 -36.36 -3.07
N GLY D 330 -0.45 -37.16 -3.84
CA GLY D 330 -1.07 -38.34 -4.46
C GLY D 330 -1.04 -38.44 -5.97
N ALA D 331 -0.43 -37.46 -6.65
CA ALA D 331 -0.32 -37.56 -8.12
C ALA D 331 0.60 -38.71 -8.48
N ARG D 332 0.34 -39.33 -9.64
CA ARG D 332 1.14 -40.43 -10.14
C ARG D 332 2.18 -39.91 -11.13
N LEU D 333 3.47 -40.14 -10.85
CA LEU D 333 4.51 -39.71 -11.77
C LEU D 333 4.66 -40.74 -12.90
N LEU D 334 4.28 -40.36 -14.12
CA LEU D 334 4.41 -41.28 -15.26
C LEU D 334 5.69 -41.12 -16.05
N LEU D 335 6.33 -39.96 -15.93
CA LEU D 335 7.53 -39.66 -16.71
C LEU D 335 8.27 -38.53 -16.04
N GLY D 336 9.60 -38.61 -15.99
CA GLY D 336 10.47 -37.49 -15.59
C GLY D 336 10.38 -37.16 -14.10
N GLY D 337 10.18 -35.89 -13.77
CA GLY D 337 10.12 -35.49 -12.35
C GLY D 337 11.49 -35.36 -11.66
N GLU D 338 12.54 -35.09 -12.43
CA GLU D 338 13.89 -34.95 -11.88
C GLU D 338 14.64 -33.82 -12.55
N LYS D 339 15.49 -33.16 -11.76
CA LYS D 339 16.52 -32.29 -12.33
C LYS D 339 17.59 -33.15 -13.01
N ILE D 340 18.08 -32.74 -14.17
CA ILE D 340 19.12 -33.49 -14.84
C ILE D 340 20.48 -33.10 -14.26
N ALA D 341 21.29 -34.08 -13.89
CA ALA D 341 22.64 -33.82 -13.36
C ALA D 341 23.49 -33.09 -14.40
N GLY D 342 24.26 -32.11 -13.94
CA GLY D 342 25.13 -31.35 -14.83
C GLY D 342 25.16 -29.88 -14.48
N GLU D 343 25.97 -29.11 -15.20
CA GLU D 343 26.13 -27.70 -14.89
C GLU D 343 25.02 -26.81 -15.50
N GLY D 344 24.29 -27.36 -16.46
CA GLY D 344 23.17 -26.64 -17.08
C GLY D 344 21.91 -26.75 -16.23
N ASN D 345 20.83 -26.12 -16.68
CA ASN D 345 19.61 -26.02 -15.90
C ASN D 345 18.47 -26.86 -16.50
N TYR D 346 18.73 -28.14 -16.74
CA TYR D 346 17.75 -28.97 -17.43
C TYR D 346 16.83 -29.69 -16.45
N TYR D 347 15.54 -29.78 -16.80
CA TYR D 347 14.55 -30.54 -16.06
C TYR D 347 13.92 -31.54 -17.03
N ALA D 348 13.79 -32.80 -16.61
CA ALA D 348 13.18 -33.84 -17.47
C ALA D 348 11.77 -33.49 -17.91
N ALA D 349 11.44 -33.82 -19.15
CA ALA D 349 10.04 -33.76 -19.56
C ALA D 349 9.25 -34.67 -18.61
N THR D 350 8.17 -34.12 -18.06
CA THR D 350 7.47 -34.72 -16.93
C THR D 350 5.97 -34.84 -17.18
N VAL D 351 5.39 -35.94 -16.73
CA VAL D 351 3.95 -36.13 -16.78
C VAL D 351 3.45 -36.62 -15.42
N LEU D 352 2.47 -35.89 -14.89
CA LEU D 352 1.75 -36.25 -13.66
C LEU D 352 0.33 -36.64 -14.02
N ALA D 353 -0.11 -37.81 -13.55
CA ALA D 353 -1.48 -38.26 -13.75
C ALA D 353 -2.22 -38.45 -12.44
N ASP D 354 -3.50 -38.83 -12.54
CA ASP D 354 -4.40 -38.95 -11.38
C ASP D 354 -4.43 -37.62 -10.61
N VAL D 355 -4.32 -36.51 -11.33
CA VAL D 355 -4.29 -35.19 -10.70
C VAL D 355 -5.72 -34.80 -10.38
N THR D 356 -5.98 -34.45 -9.12
CA THR D 356 -7.31 -33.99 -8.70
C THR D 356 -7.25 -32.49 -8.33
N PRO D 357 -8.44 -31.82 -8.29
CA PRO D 357 -8.47 -30.36 -8.20
C PRO D 357 -7.80 -29.70 -6.98
N ASP D 358 -7.60 -30.46 -5.91
CA ASP D 358 -6.97 -29.94 -4.68
C ASP D 358 -5.44 -29.84 -4.81
N MSE D 359 -4.87 -30.45 -5.85
CA MSE D 359 -3.42 -30.66 -5.93
C MSE D 359 -2.66 -29.46 -6.46
O MSE D 359 -3.21 -28.68 -7.23
CB MSE D 359 -3.09 -31.88 -6.79
CG MSE D 359 -3.46 -33.23 -6.16
SE MSE D 359 -2.93 -34.65 -7.14
CE MSE D 359 -3.64 -36.01 -6.26
N THR D 360 -1.40 -29.34 -6.07
CA THR D 360 -0.53 -28.24 -6.53
C THR D 360 -0.52 -28.16 -8.07
N ALA D 361 -0.37 -29.31 -8.72
CA ALA D 361 -0.30 -29.39 -10.20
C ALA D 361 -1.58 -28.89 -10.90
N PHE D 362 -2.69 -28.83 -10.15
CA PHE D 362 -3.97 -28.34 -10.67
C PHE D 362 -4.19 -26.87 -10.31
N ARG D 363 -3.69 -26.44 -9.15
CA ARG D 363 -4.01 -25.11 -8.66
C ARG D 363 -2.99 -24.03 -8.97
N GLN D 364 -1.74 -24.40 -9.18
CA GLN D 364 -0.67 -23.43 -9.46
C GLN D 364 -0.28 -23.49 -10.93
N GLU D 365 0.31 -22.41 -11.43
CA GLU D 365 0.87 -22.40 -12.79
C GLU D 365 2.18 -23.20 -12.79
N LEU D 366 2.25 -24.27 -13.56
CA LEU D 366 3.50 -25.02 -13.70
C LEU D 366 4.24 -24.52 -14.94
N PHE D 367 5.22 -23.65 -14.73
CA PHE D 367 5.88 -22.89 -15.79
C PHE D 367 7.16 -23.59 -16.25
N GLY D 368 7.00 -24.81 -16.77
CA GLY D 368 8.12 -25.67 -17.19
C GLY D 368 7.52 -26.95 -17.74
N PRO D 369 8.37 -27.93 -18.09
CA PRO D 369 7.88 -29.08 -18.90
C PRO D 369 7.21 -30.17 -18.04
N VAL D 370 6.10 -29.80 -17.41
CA VAL D 370 5.36 -30.72 -16.54
C VAL D 370 3.88 -30.73 -16.92
N ALA D 371 3.40 -31.83 -17.51
CA ALA D 371 1.97 -32.00 -17.83
C ALA D 371 1.21 -32.55 -16.63
N ALA D 372 0.00 -32.05 -16.42
CA ALA D 372 -0.93 -32.60 -15.42
C ALA D 372 -2.11 -33.21 -16.13
N ILE D 373 -2.45 -34.45 -15.81
CA ILE D 373 -3.60 -35.09 -16.45
C ILE D 373 -4.66 -35.45 -15.41
N THR D 374 -5.89 -35.03 -15.70
CA THR D 374 -7.05 -35.19 -14.82
C THR D 374 -8.16 -35.87 -15.62
N VAL D 375 -8.78 -36.90 -15.04
CA VAL D 375 -9.90 -37.60 -15.69
C VAL D 375 -11.25 -36.96 -15.35
N ALA D 376 -12.05 -36.72 -16.38
CA ALA D 376 -13.38 -36.13 -16.24
C ALA D 376 -14.45 -37.21 -16.46
N LYS D 377 -15.51 -37.17 -15.67
CA LYS D 377 -16.58 -38.17 -15.80
C LYS D 377 -17.30 -38.04 -17.11
N ASP D 378 -17.48 -36.79 -17.56
CA ASP D 378 -18.25 -36.45 -18.77
C ASP D 378 -17.97 -34.99 -19.12
N ALA D 379 -18.62 -34.49 -20.18
CA ALA D 379 -18.37 -33.13 -20.65
C ALA D 379 -18.70 -32.06 -19.63
N ALA D 380 -19.80 -32.26 -18.88
CA ALA D 380 -20.18 -31.30 -17.82
C ALA D 380 -19.09 -31.24 -16.75
N HIS D 381 -18.58 -32.40 -16.33
CA HIS D 381 -17.47 -32.45 -15.34
C HIS D 381 -16.23 -31.76 -15.90
N ALA D 382 -15.92 -32.04 -17.17
CA ALA D 382 -14.74 -31.43 -17.84
C ALA D 382 -14.82 -29.91 -17.80
N LEU D 383 -16.01 -29.39 -18.10
CA LEU D 383 -16.22 -27.93 -18.03
C LEU D 383 -16.01 -27.38 -16.62
N ALA D 384 -16.57 -28.05 -15.63
CA ALA D 384 -16.44 -27.58 -14.26
C ALA D 384 -14.97 -27.63 -13.81
N LEU D 385 -14.26 -28.70 -14.15
CA LEU D 385 -12.83 -28.79 -13.85
C LEU D 385 -12.05 -27.66 -14.53
N ALA D 386 -12.34 -27.42 -15.80
CA ALA D 386 -11.66 -26.35 -16.53
C ALA D 386 -11.80 -24.99 -15.83
N ASN D 387 -13.01 -24.65 -15.39
CA ASN D 387 -13.30 -23.37 -14.72
C ASN D 387 -12.89 -23.31 -13.25
N ASP D 388 -12.52 -24.45 -12.69
CA ASP D 388 -12.07 -24.49 -11.29
C ASP D 388 -10.61 -24.11 -11.20
N SER D 389 -10.34 -22.83 -11.41
CA SER D 389 -8.98 -22.31 -11.46
C SER D 389 -9.05 -20.84 -11.13
N GLU D 390 -7.99 -20.32 -10.53
CA GLU D 390 -7.86 -18.88 -10.33
C GLU D 390 -7.35 -18.18 -11.59
N PHE D 391 -6.96 -18.96 -12.60
CA PHE D 391 -6.45 -18.40 -13.87
C PHE D 391 -7.53 -18.49 -14.94
N GLY D 392 -7.36 -17.76 -16.03
CA GLY D 392 -8.34 -17.80 -17.10
C GLY D 392 -7.84 -17.14 -18.37
N LEU D 393 -6.73 -17.66 -18.90
CA LEU D 393 -6.10 -17.09 -20.09
C LEU D 393 -6.67 -17.67 -21.40
N SER D 394 -6.42 -18.95 -21.67
CA SER D 394 -6.94 -19.59 -22.89
C SER D 394 -7.34 -21.02 -22.55
N ALA D 395 -7.90 -21.72 -23.54
CA ALA D 395 -8.38 -23.08 -23.32
C ALA D 395 -8.46 -23.79 -24.67
N THR D 396 -8.44 -25.11 -24.63
CA THR D 396 -8.60 -25.92 -25.84
C THR D 396 -9.66 -26.96 -25.55
N ILE D 397 -10.50 -27.24 -26.57
CA ILE D 397 -11.45 -28.36 -26.50
C ILE D 397 -11.31 -29.19 -27.74
N PHE D 398 -11.14 -30.50 -27.57
CA PHE D 398 -11.15 -31.45 -28.68
C PHE D 398 -12.40 -32.34 -28.59
N THR D 399 -13.25 -32.27 -29.61
CA THR D 399 -14.48 -33.07 -29.70
C THR D 399 -15.02 -33.00 -31.12
N ALA D 400 -15.61 -34.09 -31.59
CA ALA D 400 -16.27 -34.11 -32.89
C ALA D 400 -17.61 -33.37 -32.84
N ASP D 401 -18.11 -33.09 -31.64
CA ASP D 401 -19.43 -32.48 -31.47
C ASP D 401 -19.34 -30.95 -31.53
N ASP D 402 -19.57 -30.39 -32.73
CA ASP D 402 -19.34 -28.95 -32.96
C ASP D 402 -20.24 -28.00 -32.16
N THR D 403 -21.49 -28.40 -32.00
CA THR D 403 -22.47 -27.65 -31.22
C THR D 403 -22.08 -27.63 -29.75
N LEU D 404 -21.70 -28.79 -29.22
CA LEU D 404 -21.23 -28.90 -27.84
C LEU D 404 -19.99 -28.03 -27.61
N ALA D 405 -19.03 -28.09 -28.54
CA ALA D 405 -17.80 -27.27 -28.41
C ALA D 405 -18.14 -25.78 -28.31
N ALA D 406 -19.08 -25.33 -29.17
CA ALA D 406 -19.48 -23.92 -29.20
C ALA D 406 -20.15 -23.50 -27.89
N GLU D 407 -20.97 -24.38 -27.34
CA GLU D 407 -21.64 -24.16 -26.06
C GLU D 407 -20.64 -24.14 -24.90
N MSE D 408 -19.71 -25.09 -24.89
CA MSE D 408 -18.64 -25.09 -23.89
C MSE D 408 -17.76 -23.81 -23.95
O MSE D 408 -17.44 -23.22 -22.92
CB MSE D 408 -17.78 -26.36 -24.01
CG MSE D 408 -18.53 -27.65 -23.62
SE MSE D 408 -17.64 -29.21 -23.93
CE MSE D 408 -16.60 -29.25 -22.46
N ALA D 409 -17.40 -23.40 -25.16
CA ALA D 409 -16.61 -22.17 -25.36
C ALA D 409 -17.28 -20.98 -24.69
N ALA D 410 -18.59 -20.87 -24.86
CA ALA D 410 -19.36 -19.77 -24.29
C ALA D 410 -19.34 -19.76 -22.77
N ARG D 411 -19.14 -20.95 -22.18
CA ARG D 411 -19.15 -21.12 -20.72
C ARG D 411 -17.77 -21.22 -20.08
N LEU D 412 -16.73 -21.24 -20.91
CA LEU D 412 -15.35 -21.26 -20.42
C LEU D 412 -14.92 -19.87 -19.98
N GLU D 413 -14.42 -19.79 -18.74
CA GLU D 413 -14.02 -18.51 -18.15
C GLU D 413 -12.57 -18.17 -18.50
N CYS D 414 -12.39 -17.78 -19.76
CA CYS D 414 -11.07 -17.45 -20.27
C CYS D 414 -11.22 -16.59 -21.51
N GLY D 415 -10.12 -15.99 -21.93
CA GLY D 415 -10.13 -15.01 -23.03
C GLY D 415 -9.92 -15.61 -24.41
N GLY D 416 -9.65 -16.92 -24.49
CA GLY D 416 -9.41 -17.54 -25.82
C GLY D 416 -9.79 -19.02 -25.79
N VAL D 417 -10.54 -19.50 -26.77
CA VAL D 417 -10.88 -20.91 -26.80
C VAL D 417 -10.55 -21.44 -28.18
N PHE D 418 -9.75 -22.49 -28.21
CA PHE D 418 -9.36 -23.16 -29.46
C PHE D 418 -10.07 -24.48 -29.57
N ILE D 419 -10.84 -24.66 -30.64
CA ILE D 419 -11.59 -25.90 -30.83
C ILE D 419 -10.89 -26.75 -31.88
N ASN D 420 -10.51 -27.97 -31.50
CA ASN D 420 -9.88 -28.92 -32.42
C ASN D 420 -8.68 -28.32 -33.16
N GLY D 421 -7.80 -27.67 -32.41
CA GLY D 421 -6.60 -27.08 -33.01
C GLY D 421 -5.59 -26.63 -31.96
N TYR D 422 -4.60 -25.86 -32.42
CA TYR D 422 -3.43 -25.52 -31.62
C TYR D 422 -3.56 -24.08 -31.15
N SER D 423 -3.57 -23.86 -29.84
CA SER D 423 -3.72 -22.47 -29.37
C SER D 423 -2.44 -21.69 -29.64
N ALA D 424 -2.57 -20.38 -29.86
CA ALA D 424 -1.40 -19.51 -30.12
C ALA D 424 -1.87 -18.09 -30.07
N SER D 425 -0.94 -17.15 -29.92
CA SER D 425 -1.30 -15.73 -30.13
C SER D 425 -1.16 -15.41 -31.62
N ASP D 426 -1.95 -14.46 -32.11
CA ASP D 426 -1.91 -14.10 -33.54
C ASP D 426 -2.42 -12.68 -33.64
N ALA D 427 -1.76 -11.87 -34.45
CA ALA D 427 -2.11 -10.44 -34.59
C ALA D 427 -3.57 -10.21 -34.92
N ARG D 428 -4.21 -11.18 -35.57
CA ARG D 428 -5.58 -11.01 -36.06
C ARG D 428 -6.67 -11.18 -34.99
N VAL D 429 -6.31 -11.67 -33.80
CA VAL D 429 -7.31 -11.96 -32.77
C VAL D 429 -6.88 -11.45 -31.38
N ALA D 430 -7.84 -11.27 -30.47
CA ALA D 430 -7.55 -10.73 -29.14
C ALA D 430 -6.77 -11.75 -28.31
N PHE D 431 -5.90 -11.24 -27.44
CA PHE D 431 -5.15 -12.11 -26.55
C PHE D 431 -5.20 -11.55 -25.13
N GLY D 432 -5.52 -12.40 -24.15
CA GLY D 432 -5.58 -11.90 -22.77
C GLY D 432 -6.65 -12.63 -22.01
N GLY D 433 -6.67 -12.51 -20.70
CA GLY D 433 -7.57 -13.36 -19.94
C GLY D 433 -8.41 -12.67 -18.88
N VAL D 434 -8.89 -13.48 -17.95
CA VAL D 434 -9.77 -13.06 -16.85
C VAL D 434 -9.22 -13.60 -15.52
N LYS D 435 -9.88 -13.27 -14.41
CA LYS D 435 -9.43 -13.73 -13.09
C LYS D 435 -7.98 -13.34 -12.88
N LYS D 436 -7.15 -14.21 -12.29
CA LYS D 436 -5.78 -13.81 -11.95
C LYS D 436 -4.83 -13.78 -13.15
N SER D 437 -5.32 -14.16 -14.32
CA SER D 437 -4.54 -13.96 -15.54
C SER D 437 -4.45 -12.47 -15.93
N GLY D 438 -5.22 -11.61 -15.27
CA GLY D 438 -5.12 -10.14 -15.49
C GLY D 438 -6.37 -9.56 -16.13
N PHE D 439 -6.17 -8.58 -17.01
CA PHE D 439 -7.27 -7.90 -17.69
C PHE D 439 -6.66 -7.06 -18.80
N GLY D 440 -7.51 -6.55 -19.70
CA GLY D 440 -7.00 -5.86 -20.86
C GLY D 440 -6.71 -6.89 -21.95
N ARG D 441 -6.66 -6.43 -23.19
CA ARG D 441 -6.41 -7.32 -24.32
C ARG D 441 -5.31 -6.78 -25.20
N GLU D 442 -4.54 -7.68 -25.81
CA GLU D 442 -3.50 -7.29 -26.74
C GLU D 442 -3.89 -7.77 -28.14
N LEU D 443 -3.19 -7.24 -29.13
CA LEU D 443 -3.32 -7.63 -30.55
C LEU D 443 -4.67 -7.21 -31.18
N SER D 444 -4.78 -7.44 -32.48
CA SER D 444 -5.90 -6.91 -33.27
C SER D 444 -6.11 -5.40 -32.96
N HIS D 445 -7.34 -4.91 -32.99
CA HIS D 445 -7.59 -3.50 -32.68
C HIS D 445 -7.60 -3.25 -31.18
N PHE D 446 -7.67 -4.33 -30.38
CA PHE D 446 -7.73 -4.20 -28.91
C PHE D 446 -6.42 -3.67 -28.36
N GLY D 447 -5.31 -4.28 -28.78
CA GLY D 447 -4.00 -3.85 -28.31
C GLY D 447 -3.68 -2.43 -28.77
N LEU D 448 -4.22 -2.05 -29.92
CA LEU D 448 -4.02 -0.71 -30.43
C LEU D 448 -4.82 0.35 -29.64
N HIS D 449 -6.07 0.05 -29.30
CA HIS D 449 -6.93 1.04 -28.64
C HIS D 449 -6.76 1.08 -27.12
N GLU D 450 -6.14 0.06 -26.52
CA GLU D 450 -5.93 0.06 -25.06
C GLU D 450 -5.17 1.30 -24.62
N PHE D 451 -4.23 1.77 -25.44
CA PHE D 451 -3.41 2.92 -25.05
C PHE D 451 -3.67 4.14 -25.91
N CYS D 452 -4.93 4.28 -26.31
CA CYS D 452 -5.41 5.51 -26.91
C CYS D 452 -6.21 6.33 -25.90
N ASN D 453 -6.14 7.66 -26.07
CA ASN D 453 -7.13 8.57 -25.51
C ASN D 453 -8.30 8.61 -26.49
N VAL D 454 -9.39 7.92 -26.15
CA VAL D 454 -10.61 7.90 -26.96
C VAL D 454 -11.30 9.24 -26.70
N GLN D 455 -11.36 10.08 -27.74
CA GLN D 455 -11.76 11.47 -27.53
C GLN D 455 -12.98 11.79 -28.39
N THR D 456 -14.06 12.20 -27.73
CA THR D 456 -15.22 12.74 -28.44
C THR D 456 -14.92 14.17 -28.89
N VAL D 457 -15.18 14.46 -30.17
CA VAL D 457 -15.07 15.83 -30.67
C VAL D 457 -16.44 16.21 -31.25
N TRP D 458 -17.08 17.21 -30.65
CA TRP D 458 -18.49 17.51 -30.94
C TRP D 458 -18.62 18.99 -31.21
N LYS D 459 -19.00 19.34 -32.44
CA LYS D 459 -19.19 20.73 -32.78
C LYS D 459 -20.65 21.18 -32.75
N ASN D 460 -20.86 22.44 -32.39
CA ASN D 460 -22.19 23.07 -32.42
C ASN D 460 -23.23 22.31 -31.62
N ARG D 461 -22.87 21.83 -30.43
CA ARG D 461 -23.86 21.23 -29.55
C ARG D 461 -24.63 22.36 -28.87
N VAL D 462 -25.79 22.72 -29.45
CA VAL D 462 -26.59 23.86 -28.94
C VAL D 462 -28.09 23.54 -28.93
PA NAD E . -4.48 15.06 11.44
O1A NAD E . -4.24 13.61 11.51
O2A NAD E . -5.47 15.40 10.40
O5B NAD E . -3.07 15.77 11.09
C5B NAD E . -1.92 15.60 11.91
C4B NAD E . -0.71 15.85 11.02
O4B NAD E . -0.63 14.78 10.10
C3B NAD E . -0.80 17.14 10.18
O3B NAD E . 0.49 17.72 10.07
C2B NAD E . -1.22 16.63 8.80
O2B NAD E . -0.73 17.43 7.76
C1B NAD E . -0.50 15.28 8.78
N9A NAD E . -1.04 14.30 7.83
C8A NAD E . -2.30 13.77 7.83
N7A NAD E . -2.39 12.88 6.80
C5A NAD E . -1.20 12.83 6.17
C6A NAD E . -0.75 12.10 5.08
N6A NAD E . -1.56 11.19 4.52
N1A NAD E . 0.56 12.26 4.63
C2A NAD E . 1.41 13.14 5.26
N3A NAD E . 0.95 13.87 6.34
C4A NAD E . -0.33 13.71 6.80
O3 NAD E . -4.87 15.49 12.96
PN NAD E . -5.21 16.98 13.50
O1N NAD E . -6.60 17.33 13.02
O2N NAD E . -4.07 17.91 13.16
O5D NAD E . -5.23 16.77 15.11
C5D NAD E . -6.30 16.14 15.79
C4D NAD E . -5.94 14.70 16.15
O4D NAD E . -4.67 14.66 16.78
C3D NAD E . -6.94 14.09 17.13
O3D NAD E . -7.33 12.80 16.74
C2D NAD E . -6.11 14.05 18.40
O2D NAD E . -6.50 13.13 19.40
C1D NAD E . -4.73 13.74 17.86
N1N NAD E . -3.76 13.97 18.94
C2N NAD E . -3.12 12.91 19.53
C3N NAD E . -2.21 13.15 20.57
C7N NAD E . -1.48 12.07 21.32
O7N NAD E . -1.91 10.72 21.37
N7N NAD E . -0.39 12.47 21.93
C4N NAD E . -2.00 14.45 21.00
C5N NAD E . -2.69 15.50 20.39
C6N NAD E . -3.56 15.26 19.35
PA NAD F . 11.90 -14.70 4.83
O1A NAD F . 11.84 -13.23 4.96
O2A NAD F . 11.70 -15.11 3.42
O5B NAD F . 10.75 -15.37 5.73
C5B NAD F . 10.62 -15.14 7.11
C4B NAD F . 9.16 -15.46 7.46
O4B NAD F . 8.33 -14.46 6.85
C3B NAD F . 8.66 -16.80 6.94
O3B NAD F . 7.77 -17.35 7.92
C2B NAD F . 7.90 -16.42 5.66
O2B NAD F . 6.91 -17.35 5.31
C1B NAD F . 7.32 -15.09 6.08
N9A NAD F . 6.93 -14.14 5.00
C8A NAD F . 7.75 -13.61 4.02
N7A NAD F . 7.00 -12.77 3.26
C5A NAD F . 5.74 -12.75 3.75
C6A NAD F . 4.57 -12.09 3.37
N6A NAD F . 4.62 -11.15 2.41
N1A NAD F . 3.40 -12.27 4.10
C2A NAD F . 3.39 -13.14 5.18
N3A NAD F . 4.54 -13.80 5.55
C4A NAD F . 5.68 -13.61 4.86
O3 NAD F . 13.32 -15.08 5.52
PN NAD F . 14.01 -16.55 5.62
O1N NAD F . 14.49 -16.91 4.25
O2N NAD F . 13.06 -17.47 6.33
O5D NAD F . 15.27 -16.20 6.59
C5D NAD F . 16.42 -15.51 6.13
C4D NAD F . 16.49 -14.07 6.65
O4D NAD F . 16.19 -14.02 8.05
C3D NAD F . 17.88 -13.45 6.50
O3D NAD F . 17.83 -12.20 5.86
C2D NAD F . 18.33 -13.28 7.95
O2D NAD F . 19.28 -12.26 8.22
C1D NAD F . 17.02 -13.04 8.66
N1N NAD F . 17.23 -13.19 10.12
C2N NAD F . 17.26 -12.07 10.93
C3N NAD F . 17.47 -12.23 12.30
C7N NAD F . 17.54 -11.11 13.29
O7N NAD F . 17.85 -9.77 12.96
N7N NAD F . 17.29 -11.46 14.53
C4N NAD F . 17.64 -13.51 12.83
C5N NAD F . 17.61 -14.61 11.99
C6N NAD F . 17.40 -14.44 10.63
PA NAD G . -15.86 11.01 -3.30
O1A NAD G . -14.62 10.52 -3.96
O2A NAD G . -15.55 11.46 -1.94
O5B NAD G . -16.92 9.81 -3.20
C5B NAD G . -17.35 9.02 -4.29
C4B NAD G . -17.69 7.63 -3.74
O4B NAD G . -16.48 7.01 -3.28
C3B NAD G . -18.63 7.64 -2.54
O3B NAD G . -19.50 6.52 -2.64
C2B NAD G . -17.69 7.50 -1.35
O2B NAD G . -18.32 6.94 -0.22
C1B NAD G . -16.66 6.55 -1.95
N9A NAD G . -15.32 6.50 -1.35
C8A NAD G . -14.42 7.53 -1.18
N7A NAD G . -13.27 7.03 -0.63
C5A NAD G . -13.45 5.69 -0.46
C6A NAD G . -12.61 4.70 0.06
N6A NAD G . -11.34 4.98 0.38
N1A NAD G . -13.08 3.40 0.10
C2A NAD G . -14.36 3.08 -0.35
N3A NAD G . -15.20 4.07 -0.87
C4A NAD G . -14.72 5.34 -0.93
O3 NAD G . -16.52 12.09 -4.31
PN NAD G . -17.94 12.88 -4.16
O1N NAD G . -17.71 14.02 -3.19
O2N NAD G . -19.03 11.89 -3.87
O5D NAD G . -18.18 13.50 -5.63
C5D NAD G . -17.37 14.56 -6.13
C4D NAD G . -16.37 14.08 -7.18
O4D NAD G . -16.97 13.23 -8.14
C3D NAD G . -15.78 15.24 -7.97
O3D NAD G . -14.38 15.21 -7.99
C2D NAD G . -16.31 15.02 -9.39
O2D NAD G . -15.51 15.56 -10.42
C1D NAD G . -16.42 13.50 -9.42
N1N NAD G . -17.26 13.12 -10.56
C2N NAD G . -16.68 12.49 -11.64
C3N NAD G . -17.48 12.13 -12.73
C7N NAD G . -16.92 11.60 -14.01
O7N NAD G . -15.57 11.77 -14.40
N7N NAD G . -17.79 10.97 -14.76
C4N NAD G . -18.86 12.41 -12.70
C5N NAD G . -19.42 13.06 -11.60
C6N NAD G . -18.60 13.39 -10.52
PA NAD H . 8.04 -11.91 -13.33
O1A NAD H . 6.69 -11.50 -12.86
O2A NAD H . 8.86 -12.41 -12.22
O5B NAD H . 8.74 -10.64 -14.01
C5B NAD H . 8.17 -9.97 -15.11
C4B NAD H . 8.78 -8.58 -15.12
O4B NAD H . 8.32 -7.89 -13.96
C3B NAD H . 10.32 -8.55 -15.02
O3B NAD H . 10.79 -7.48 -15.82
C2B NAD H . 10.60 -8.26 -13.55
O2B NAD H . 11.83 -7.62 -13.33
C1B NAD H . 9.42 -7.33 -13.24
N9A NAD H . 8.98 -7.23 -11.84
C8A NAD H . 8.57 -8.24 -11.00
N7A NAD H . 8.20 -7.70 -9.80
C5A NAD H . 8.38 -6.37 -9.86
C6A NAD H . 8.18 -5.33 -8.95
N6A NAD H . 7.68 -5.55 -7.73
N1A NAD H . 8.46 -4.03 -9.33
C2A NAD H . 8.95 -3.75 -10.60
N3A NAD H . 9.14 -4.77 -11.51
C4A NAD H . 8.86 -6.05 -11.15
O3 NAD H . 7.74 -12.94 -14.54
PN NAD H . 8.85 -13.79 -15.37
O1N NAD H . 9.46 -14.80 -14.44
O2N NAD H . 9.75 -12.82 -16.07
O5D NAD H . 7.86 -14.56 -16.44
C5D NAD H . 7.03 -15.62 -16.03
C4D NAD H . 5.55 -15.22 -16.06
O4D NAD H . 5.27 -14.48 -17.24
C3D NAD H . 4.59 -16.43 -16.06
O3D NAD H . 3.62 -16.35 -15.05
C2D NAD H . 3.94 -16.32 -17.44
O2D NAD H . 2.63 -16.84 -17.60
C1D NAD H . 3.95 -14.83 -17.65
N1N NAD H . 3.59 -14.53 -19.05
C2N NAD H . 2.34 -14.04 -19.34
C3N NAD H . 1.98 -13.76 -20.65
C7N NAD H . 0.65 -13.21 -21.06
O7N NAD H . -0.55 -13.35 -20.29
N7N NAD H . 0.65 -12.57 -22.22
C4N NAD H . 2.91 -13.99 -21.66
C5N NAD H . 4.17 -14.48 -21.34
C6N NAD H . 4.52 -14.75 -20.04
#